data_7EA4
#
_entry.id   7EA4
#
_cell.length_a   62.057
_cell.length_b   129.806
_cell.length_c   200.680
_cell.angle_alpha   90.000
_cell.angle_beta   90.000
_cell.angle_gamma   90.000
#
_symmetry.space_group_name_H-M   'P 21 21 21'
#
loop_
_entity.id
_entity.type
_entity.pdbx_description
1 polymer D-succinylase
2 non-polymer 'CACODYLIC ACID'
3 non-polymer GLYCEROL
4 non-polymer 'SUCCINIC ACID'
5 non-polymer 'CARBONATE ION'
6 non-polymer 'CALCIUM ION'
7 non-polymer 'CHLORIDE ION'
8 water water
#
_entity_poly.entity_id   1
_entity_poly.type   'polypeptide(L)'
_entity_poly.pdbx_seq_one_letter_code
;MRIVRRRPAATLLRHLALVAAALPVLAGTASAAPPTDRYAAPGLEKPASILIDRWGVPHIYAGTLYDAFYAQGFIAARDR
LWQIDLWRKRGLGEMARDFGPAYVDGDRMARAVLYRGDMYREWLAYGSDAKRVAEAFVAGVNAYVALTEAQPELLPREFK
QLGYKPSRWRAEDIVRIRHHGETLNFTGEVDRATLYCQAKEQAARADWLRRELDPPITPTLPEGLDPCAVPAAALKKAYT
LATAAANFPKEAWQKASADAVPVDQLYAAVDANSDTGRSLGSNNWVIAGSRTSTGRPILANDPHRAHGAPSLRYVSHLNA
PGLSVIGAGEPFLPGISIGHNGTIAFGLTRFYMDQEDLYVYETDPAQPKSYRYRGRWEPMETITEKITVRGEAEPRTVTI
DFTRHGPVLHADDASHRAWALRAAWLDTGMAPYFGSMDYMRATNWDQFRAAMNRWGAPGENQVYADRNGNIGWIPGGLTV
IRPNWDGLFPVPGDGRYEWAGYRNMDELPWAYNPSTGHIVTANENNIPPDHPAAKLGVGYEWSDSSRARRLKSLVAAAPV
SSLRDSIAWQNDTVSLPAQRTLAVMRTVGNAGAAASLLQDPQVQRAVALLRGWDGNVRADSVPAALFEIWFSNHLRQAVV
RAALPEDAAKLVGAGDAARVLAVLEQPDTWMPTARRDEVMLTSLKAAMAELERRSPSPEKLATWGTLHRAIFRHPLANIV
DDATRAQYNVDAGGIGGSAFTPMNTSYRNSDYHLTAGASFRMVLDVGNWDQGRVVNTPGQSGDPGNSHYRDLAPIWAKGQ
TFPLVYSRKAVERAAEKRIELTPR
;
_entity_poly.pdbx_strand_id   A,B
#
# COMPACT_ATOMS: atom_id res chain seq x y z
N THR A 36 11.15 -28.79 -30.71
CA THR A 36 10.75 -27.39 -30.49
C THR A 36 9.27 -27.21 -30.72
N ASP A 37 8.54 -26.85 -29.67
CA ASP A 37 7.10 -26.60 -29.77
C ASP A 37 6.83 -25.12 -30.01
N ARG A 38 5.79 -24.83 -30.78
CA ARG A 38 5.42 -23.48 -31.16
C ARG A 38 3.93 -23.32 -30.91
N TYR A 39 3.56 -22.34 -30.07
CA TYR A 39 2.18 -22.15 -29.68
C TYR A 39 1.73 -20.72 -29.92
N ALA A 40 0.47 -20.57 -30.31
CA ALA A 40 -0.16 -19.27 -30.34
C ALA A 40 -0.39 -18.77 -28.92
N ALA A 41 -0.25 -17.47 -28.72
CA ALA A 41 -0.28 -16.89 -27.38
C ALA A 41 -1.15 -15.64 -27.40
N PRO A 42 -2.46 -15.80 -27.34
CA PRO A 42 -3.34 -14.61 -27.24
C PRO A 42 -3.11 -13.87 -25.94
N GLY A 43 -2.83 -12.58 -26.05
CA GLY A 43 -2.53 -11.74 -24.92
C GLY A 43 -1.06 -11.46 -24.74
N LEU A 44 -0.19 -12.25 -25.35
CA LEU A 44 1.24 -11.99 -25.32
C LEU A 44 1.54 -10.79 -26.21
N GLU A 45 2.42 -9.91 -25.74
CA GLU A 45 2.69 -8.67 -26.49
C GLU A 45 3.73 -8.90 -27.56
N LYS A 46 4.82 -9.57 -27.22
CA LYS A 46 5.92 -9.83 -28.15
C LYS A 46 6.29 -11.30 -28.11
N PRO A 47 6.98 -11.80 -29.12
CA PRO A 47 7.41 -13.20 -29.09
C PRO A 47 8.21 -13.49 -27.84
N ALA A 48 8.10 -14.72 -27.35
CA ALA A 48 8.85 -15.18 -26.19
C ALA A 48 9.31 -16.60 -26.43
N SER A 49 10.48 -16.95 -25.87
CA SER A 49 11.06 -18.28 -25.96
C SER A 49 11.24 -18.87 -24.56
N ILE A 50 11.04 -20.19 -24.45
CA ILE A 50 11.28 -20.90 -23.20
C ILE A 50 12.23 -22.05 -23.49
N LEU A 51 13.38 -22.07 -22.80
CA LEU A 51 14.30 -23.19 -22.84
C LEU A 51 14.14 -23.98 -21.55
N ILE A 52 13.76 -25.25 -21.66
CA ILE A 52 13.65 -26.11 -20.51
C ILE A 52 14.95 -26.90 -20.39
N ASP A 53 15.60 -26.84 -19.23
CA ASP A 53 16.88 -27.53 -19.14
C ASP A 53 16.66 -29.00 -18.79
N ARG A 54 17.76 -29.77 -18.75
CA ARG A 54 17.68 -31.21 -18.60
C ARG A 54 17.11 -31.64 -17.24
N TRP A 55 17.03 -30.74 -16.26
CA TRP A 55 16.44 -31.07 -14.97
C TRP A 55 15.00 -30.60 -14.86
N GLY A 56 14.43 -30.09 -15.94
CA GLY A 56 13.05 -29.64 -15.96
C GLY A 56 12.80 -28.21 -15.54
N VAL A 57 13.83 -27.38 -15.38
CA VAL A 57 13.65 -25.99 -15.00
C VAL A 57 13.39 -25.16 -16.26
N PRO A 58 12.28 -24.42 -16.34
CA PRO A 58 12.06 -23.56 -17.51
C PRO A 58 12.81 -22.24 -17.39
N HIS A 59 13.40 -21.80 -18.50
CA HIS A 59 14.09 -20.52 -18.56
C HIS A 59 13.39 -19.65 -19.60
N ILE A 60 12.74 -18.59 -19.15
CA ILE A 60 11.82 -17.80 -19.95
C ILE A 60 12.54 -16.55 -20.43
N TYR A 61 12.45 -16.27 -21.74
CA TYR A 61 13.02 -15.07 -22.34
C TYR A 61 11.89 -14.33 -23.04
N ALA A 62 11.50 -13.18 -22.48
CA ALA A 62 10.41 -12.40 -23.02
C ALA A 62 10.94 -11.03 -23.45
N GLY A 63 10.19 -10.38 -24.36
CA GLY A 63 10.54 -9.07 -24.84
C GLY A 63 9.97 -7.89 -24.06
N THR A 64 9.02 -8.14 -23.15
CA THR A 64 8.52 -7.11 -22.26
C THR A 64 8.47 -7.67 -20.85
N LEU A 65 8.58 -6.77 -19.87
CA LEU A 65 8.46 -7.12 -18.46
C LEU A 65 7.26 -8.05 -18.22
N TYR A 66 6.07 -7.62 -18.63
CA TYR A 66 4.85 -8.34 -18.27
C TYR A 66 4.68 -9.60 -19.12
N ASP A 67 5.25 -9.63 -20.33
CA ASP A 67 5.29 -10.86 -21.10
C ASP A 67 6.01 -11.99 -20.34
N ALA A 68 7.00 -11.65 -19.51
CA ALA A 68 7.70 -12.70 -18.76
C ALA A 68 6.74 -13.45 -17.85
N PHE A 69 5.76 -12.75 -17.27
CA PHE A 69 4.80 -13.41 -16.40
C PHE A 69 3.74 -14.16 -17.19
N TYR A 70 3.39 -13.68 -18.38
CA TYR A 70 2.53 -14.46 -19.27
C TYR A 70 3.15 -15.82 -19.55
N ALA A 71 4.42 -15.84 -19.93
CA ALA A 71 5.09 -17.10 -20.23
C ALA A 71 5.18 -17.99 -18.98
N GLN A 72 5.42 -17.38 -17.82
CA GLN A 72 5.48 -18.18 -16.60
C GLN A 72 4.15 -18.86 -16.31
N GLY A 73 3.04 -18.14 -16.48
CA GLY A 73 1.73 -18.75 -16.28
C GLY A 73 1.47 -19.85 -17.28
N PHE A 74 1.82 -19.61 -18.54
CA PHE A 74 1.70 -20.65 -19.58
C PHE A 74 2.52 -21.89 -19.22
N ILE A 75 3.76 -21.68 -18.77
CA ILE A 75 4.66 -22.78 -18.47
C ILE A 75 4.28 -23.48 -17.17
N ALA A 76 3.78 -22.72 -16.19
CA ALA A 76 3.27 -23.32 -14.96
C ALA A 76 2.05 -24.18 -15.22
N ALA A 77 1.18 -23.76 -16.15
CA ALA A 77 0.08 -24.62 -16.55
C ALA A 77 0.59 -25.87 -17.28
N ARG A 78 1.56 -25.68 -18.18
CA ARG A 78 2.11 -26.83 -18.91
C ARG A 78 2.64 -27.89 -17.96
N ASP A 79 3.31 -27.49 -16.88
CA ASP A 79 3.87 -28.48 -15.97
C ASP A 79 2.93 -28.86 -14.81
N ARG A 80 2.06 -27.94 -14.36
CA ARG A 80 1.35 -28.10 -13.09
C ARG A 80 -0.13 -27.71 -13.20
N LEU A 81 -0.74 -27.85 -14.38
CA LEU A 81 -2.09 -27.34 -14.55
C LEU A 81 -3.05 -27.96 -13.53
N TRP A 82 -3.02 -29.28 -13.34
CA TRP A 82 -3.98 -29.88 -12.44
C TRP A 82 -3.82 -29.32 -11.03
N GLN A 83 -2.57 -29.24 -10.56
CA GLN A 83 -2.30 -28.73 -9.24
C GLN A 83 -2.78 -27.30 -9.07
N ILE A 84 -2.42 -26.42 -10.02
CA ILE A 84 -2.80 -25.02 -9.83
C ILE A 84 -4.31 -24.88 -9.98
N ASP A 85 -4.93 -25.68 -10.87
CA ASP A 85 -6.40 -25.65 -10.99
C ASP A 85 -7.05 -26.13 -9.70
N LEU A 86 -6.48 -27.16 -9.08
CA LEU A 86 -7.04 -27.69 -7.84
C LEU A 86 -6.96 -26.66 -6.70
N TRP A 87 -5.80 -26.00 -6.56
CA TRP A 87 -5.65 -24.95 -5.55
C TRP A 87 -6.72 -23.87 -5.73
N ARG A 88 -6.93 -23.43 -6.97
CA ARG A 88 -7.91 -22.39 -7.24
C ARG A 88 -9.33 -22.88 -6.96
N LYS A 89 -9.63 -24.11 -7.38
CA LYS A 89 -10.96 -24.68 -7.17
C LYS A 89 -11.29 -24.78 -5.68
N ARG A 90 -10.31 -25.26 -4.90
CA ARG A 90 -10.49 -25.34 -3.45
C ARG A 90 -10.64 -23.94 -2.85
N GLY A 91 -9.79 -23.00 -3.29
CA GLY A 91 -9.80 -21.65 -2.72
C GLY A 91 -11.09 -20.89 -2.98
N LEU A 92 -11.66 -21.03 -4.17
CA LEU A 92 -12.89 -20.34 -4.52
C LEU A 92 -14.15 -21.08 -4.05
N GLY A 93 -14.01 -22.26 -3.47
CA GLY A 93 -15.19 -23.01 -3.06
C GLY A 93 -15.97 -23.57 -4.24
N GLU A 94 -15.26 -24.16 -5.20
CA GLU A 94 -15.86 -24.73 -6.42
C GLU A 94 -15.67 -26.23 -6.48
N MET A 95 -15.36 -26.88 -5.36
CA MET A 95 -15.05 -28.31 -5.43
C MET A 95 -16.29 -29.13 -5.74
N ALA A 96 -17.41 -28.83 -5.07
CA ALA A 96 -18.62 -29.63 -5.23
C ALA A 96 -19.15 -29.58 -6.65
N ARG A 97 -18.87 -28.48 -7.37
CA ARG A 97 -19.35 -28.33 -8.74
C ARG A 97 -18.97 -29.53 -9.60
N ASP A 98 -17.82 -30.14 -9.34
CA ASP A 98 -17.38 -31.29 -10.09
C ASP A 98 -17.22 -32.55 -9.25
N PHE A 99 -17.09 -32.43 -7.93
CA PHE A 99 -16.83 -33.58 -7.09
C PHE A 99 -18.03 -34.01 -6.25
N GLY A 100 -19.15 -33.28 -6.29
CA GLY A 100 -20.38 -33.74 -5.69
C GLY A 100 -20.68 -33.22 -4.30
N PRO A 101 -21.81 -33.69 -3.73
CA PRO A 101 -22.34 -33.09 -2.49
C PRO A 101 -21.44 -33.21 -1.24
N ALA A 102 -20.54 -34.19 -1.19
CA ALA A 102 -19.65 -34.30 -0.02
C ALA A 102 -18.75 -33.07 0.14
N TYR A 103 -18.61 -32.26 -0.90
CA TYR A 103 -17.69 -31.12 -0.86
C TYR A 103 -18.39 -29.80 -0.57
N VAL A 104 -19.71 -29.81 -0.35
CA VAL A 104 -20.44 -28.55 -0.19
C VAL A 104 -20.00 -27.81 1.07
N ASP A 105 -19.92 -28.51 2.19
CA ASP A 105 -19.56 -27.85 3.45
C ASP A 105 -18.19 -27.21 3.35
N GLY A 106 -17.24 -27.90 2.72
CA GLY A 106 -15.93 -27.30 2.50
C GLY A 106 -15.96 -26.12 1.55
N ASP A 107 -16.84 -26.15 0.54
CA ASP A 107 -16.94 -24.99 -0.34
C ASP A 107 -17.50 -23.79 0.40
N ARG A 108 -18.51 -24.00 1.22
CA ARG A 108 -19.07 -22.89 1.99
C ARG A 108 -18.01 -22.26 2.88
N MET A 109 -17.24 -23.08 3.61
CA MET A 109 -16.26 -22.53 4.54
C MET A 109 -15.08 -21.90 3.80
N ALA A 110 -14.69 -22.43 2.64
CA ALA A 110 -13.67 -21.77 1.83
C ALA A 110 -14.10 -20.35 1.48
N ARG A 111 -15.35 -20.16 1.06
CA ARG A 111 -15.78 -18.82 0.72
C ARG A 111 -15.85 -17.91 1.93
N ALA A 112 -16.05 -18.48 3.12
CA ALA A 112 -16.04 -17.67 4.33
C ALA A 112 -14.67 -17.03 4.59
N VAL A 113 -13.60 -17.56 4.00
CA VAL A 113 -12.24 -17.09 4.28
C VAL A 113 -11.53 -16.61 3.03
N LEU A 114 -12.29 -16.22 2.00
CA LEU A 114 -11.75 -15.46 0.88
C LEU A 114 -11.55 -14.01 1.30
N TYR A 115 -10.60 -13.33 0.66
CA TYR A 115 -10.50 -11.89 0.88
C TYR A 115 -11.77 -11.21 0.41
N ARG A 116 -12.36 -10.38 1.28
CA ARG A 116 -13.58 -9.65 0.95
C ARG A 116 -13.42 -8.15 1.16
N GLY A 117 -12.19 -7.65 1.27
CA GLY A 117 -11.94 -6.24 1.49
C GLY A 117 -11.87 -5.44 0.20
N ASP A 118 -11.35 -4.21 0.33
CA ASP A 118 -11.31 -3.34 -0.84
C ASP A 118 -10.23 -3.78 -1.82
N MET A 119 -10.62 -3.96 -3.09
CA MET A 119 -9.67 -4.48 -4.09
C MET A 119 -8.69 -3.42 -4.55
N TYR A 120 -9.12 -2.16 -4.57
CA TYR A 120 -8.17 -1.09 -4.89
C TYR A 120 -6.99 -1.14 -3.93
N ARG A 121 -7.26 -1.23 -2.62
CA ARG A 121 -6.16 -1.31 -1.66
C ARG A 121 -5.37 -2.59 -1.85
N GLU A 122 -6.06 -3.69 -2.15
CA GLU A 122 -5.43 -5.00 -2.26
C GLU A 122 -4.35 -5.02 -3.34
N TRP A 123 -4.69 -4.55 -4.54
CA TRP A 123 -3.68 -4.57 -5.59
C TRP A 123 -2.42 -3.79 -5.19
N LEU A 124 -2.60 -2.65 -4.53
CA LEU A 124 -1.46 -1.80 -4.19
C LEU A 124 -0.65 -2.33 -3.01
N ALA A 125 -1.17 -3.32 -2.30
CA ALA A 125 -0.48 -3.82 -1.10
C ALA A 125 0.85 -4.48 -1.43
N TYR A 126 1.03 -5.00 -2.65
CA TYR A 126 2.18 -5.86 -2.93
C TYR A 126 3.31 -5.15 -3.64
N GLY A 127 3.14 -3.91 -4.03
CA GLY A 127 4.08 -3.21 -4.88
C GLY A 127 3.28 -2.30 -5.78
N SER A 128 3.88 -1.84 -6.87
CA SER A 128 3.15 -0.86 -7.65
C SER A 128 2.53 -1.41 -8.93
N ASP A 129 2.97 -2.58 -9.42
CA ASP A 129 2.37 -3.09 -10.65
C ASP A 129 1.84 -4.51 -10.51
N ALA A 130 1.33 -4.86 -9.32
CA ALA A 130 0.91 -6.25 -9.10
C ALA A 130 -0.25 -6.63 -10.01
N LYS A 131 -1.17 -5.69 -10.28
CA LYS A 131 -2.35 -6.06 -11.06
C LYS A 131 -1.97 -6.44 -12.49
N ARG A 132 -1.06 -5.68 -13.11
N ARG A 132 -1.05 -5.69 -13.11
CA ARG A 132 -0.58 -6.04 -14.44
CA ARG A 132 -0.62 -6.08 -14.46
C ARG A 132 0.12 -7.40 -14.42
C ARG A 132 0.15 -7.39 -14.44
N VAL A 133 0.92 -7.66 -13.38
CA VAL A 133 1.61 -8.94 -13.30
C VAL A 133 0.60 -10.08 -13.21
N ALA A 134 -0.40 -9.93 -12.33
CA ALA A 134 -1.38 -10.99 -12.17
C ALA A 134 -2.20 -11.17 -13.45
N GLU A 135 -2.52 -10.06 -14.13
CA GLU A 135 -3.30 -10.16 -15.37
C GLU A 135 -2.51 -10.87 -16.47
N ALA A 136 -1.22 -10.57 -16.61
CA ALA A 136 -0.41 -11.27 -17.59
C ALA A 136 -0.30 -12.75 -17.25
N PHE A 137 -0.04 -13.05 -15.97
CA PHE A 137 0.10 -14.44 -15.55
C PHE A 137 -1.14 -15.27 -15.89
N VAL A 138 -2.33 -14.79 -15.54
CA VAL A 138 -3.54 -15.59 -15.76
C VAL A 138 -3.88 -15.68 -17.24
N ALA A 139 -3.55 -14.67 -18.03
CA ALA A 139 -3.70 -14.77 -19.48
C ALA A 139 -2.87 -15.94 -20.03
N GLY A 140 -1.66 -16.14 -19.51
CA GLY A 140 -0.85 -17.27 -19.93
C GLY A 140 -1.42 -18.60 -19.46
N VAL A 141 -1.92 -18.66 -18.23
CA VAL A 141 -2.63 -19.84 -17.79
C VAL A 141 -3.81 -20.13 -18.72
N ASN A 142 -4.63 -19.11 -18.98
CA ASN A 142 -5.81 -19.34 -19.79
C ASN A 142 -5.46 -19.77 -21.20
N ALA A 143 -4.35 -19.26 -21.74
CA ALA A 143 -3.90 -19.75 -23.04
C ALA A 143 -3.60 -21.23 -23.00
N TYR A 144 -2.98 -21.73 -21.92
CA TYR A 144 -2.73 -23.16 -21.86
C TYR A 144 -4.03 -23.95 -21.70
N VAL A 145 -4.96 -23.43 -20.90
CA VAL A 145 -6.27 -24.08 -20.75
C VAL A 145 -6.94 -24.24 -22.12
N ALA A 146 -6.98 -23.16 -22.90
CA ALA A 146 -7.54 -23.25 -24.25
C ALA A 146 -6.84 -24.31 -25.08
N LEU A 147 -5.51 -24.40 -24.95
CA LEU A 147 -4.77 -25.42 -25.68
C LEU A 147 -5.21 -26.83 -25.31
N THR A 148 -5.51 -27.09 -24.03
CA THR A 148 -5.98 -28.43 -23.66
C THR A 148 -7.35 -28.74 -24.24
N GLU A 149 -8.16 -27.72 -24.54
CA GLU A 149 -9.42 -27.97 -25.23
C GLU A 149 -9.19 -28.25 -26.71
N ALA A 150 -8.18 -27.60 -27.31
CA ALA A 150 -7.89 -27.83 -28.71
C ALA A 150 -7.15 -29.14 -28.95
N GLN A 151 -6.35 -29.58 -27.99
CA GLN A 151 -5.48 -30.75 -28.13
C GLN A 151 -5.66 -31.63 -26.90
N PRO A 152 -6.68 -32.50 -26.90
CA PRO A 152 -7.01 -33.23 -25.67
C PRO A 152 -5.92 -34.15 -25.18
N GLU A 153 -4.92 -34.47 -26.00
CA GLU A 153 -3.78 -35.23 -25.49
C GLU A 153 -2.97 -34.43 -24.48
N LEU A 154 -3.14 -33.10 -24.44
CA LEU A 154 -2.45 -32.26 -23.47
C LEU A 154 -3.22 -32.08 -22.17
N LEU A 155 -4.42 -32.64 -22.06
CA LEU A 155 -5.19 -32.56 -20.82
C LEU A 155 -4.56 -33.45 -19.75
N PRO A 156 -4.26 -32.93 -18.56
CA PRO A 156 -3.67 -33.79 -17.52
C PRO A 156 -4.55 -34.97 -17.14
N ARG A 157 -3.90 -36.07 -16.77
CA ARG A 157 -4.61 -37.31 -16.47
C ARG A 157 -5.66 -37.14 -15.39
N GLU A 158 -5.36 -36.38 -14.34
CA GLU A 158 -6.29 -36.28 -13.21
C GLU A 158 -7.65 -35.76 -13.65
N PHE A 159 -7.69 -34.88 -14.66
CA PHE A 159 -8.98 -34.36 -15.12
C PHE A 159 -9.83 -35.48 -15.73
N LYS A 160 -9.21 -36.34 -16.55
CA LYS A 160 -9.92 -37.50 -17.07
C LYS A 160 -10.26 -38.48 -15.96
N GLN A 161 -9.36 -38.63 -14.99
CA GLN A 161 -9.55 -39.54 -13.88
C GLN A 161 -10.78 -39.16 -13.05
N LEU A 162 -11.06 -37.87 -12.91
CA LEU A 162 -12.19 -37.42 -12.11
C LEU A 162 -13.37 -36.92 -12.95
N GLY A 163 -13.23 -36.86 -14.27
CA GLY A 163 -14.33 -36.47 -15.14
C GLY A 163 -14.70 -34.99 -15.13
N TYR A 164 -13.71 -34.11 -15.25
CA TYR A 164 -13.97 -32.67 -15.31
C TYR A 164 -12.86 -31.99 -16.11
N LYS A 165 -12.94 -30.66 -16.24
CA LYS A 165 -12.02 -29.91 -17.08
C LYS A 165 -11.43 -28.72 -16.34
N PRO A 166 -10.24 -28.26 -16.73
CA PRO A 166 -9.66 -27.05 -16.09
C PRO A 166 -10.51 -25.81 -16.34
N SER A 167 -10.49 -24.91 -15.36
CA SER A 167 -11.22 -23.65 -15.43
C SER A 167 -10.35 -22.51 -15.96
N ARG A 168 -11.03 -21.42 -16.35
CA ARG A 168 -10.38 -20.17 -16.70
CA ARG A 168 -10.38 -20.17 -16.70
C ARG A 168 -10.18 -19.32 -15.44
N TRP A 169 -9.10 -18.55 -15.42
CA TRP A 169 -8.69 -17.76 -14.26
C TRP A 169 -8.97 -16.27 -14.47
N ARG A 170 -9.19 -15.57 -13.35
CA ARG A 170 -9.22 -14.10 -13.29
C ARG A 170 -8.08 -13.64 -12.39
N ALA A 171 -7.52 -12.46 -12.69
CA ALA A 171 -6.39 -11.99 -11.91
C ALA A 171 -6.73 -11.92 -10.43
N GLU A 172 -7.94 -11.50 -10.10
CA GLU A 172 -8.28 -11.37 -8.68
C GLU A 172 -8.18 -12.69 -7.94
N ASP A 173 -8.30 -13.83 -8.65
CA ASP A 173 -8.18 -15.12 -7.98
C ASP A 173 -6.83 -15.25 -7.28
N ILE A 174 -5.79 -14.67 -7.86
CA ILE A 174 -4.43 -14.82 -7.34
C ILE A 174 -4.31 -14.22 -5.94
N VAL A 175 -4.98 -13.10 -5.68
CA VAL A 175 -4.81 -12.41 -4.40
C VAL A 175 -5.94 -12.69 -3.43
N ARG A 176 -7.12 -13.10 -3.90
CA ARG A 176 -8.23 -13.31 -2.99
C ARG A 176 -8.14 -14.61 -2.22
N ILE A 177 -7.42 -15.61 -2.74
CA ILE A 177 -7.26 -16.88 -2.04
C ILE A 177 -6.14 -16.75 -1.02
N ARG A 178 -6.45 -17.08 0.24
CA ARG A 178 -5.61 -16.79 1.40
C ARG A 178 -5.35 -18.00 2.27
N HIS A 179 -6.29 -18.96 2.30
CA HIS A 179 -6.32 -19.94 3.40
C HIS A 179 -5.21 -20.98 3.32
N HIS A 180 -4.44 -21.01 2.24
CA HIS A 180 -3.27 -21.90 2.18
C HIS A 180 -2.05 -21.29 2.87
N GLY A 181 -2.13 -20.07 3.37
CA GLY A 181 -0.98 -19.46 4.01
C GLY A 181 -0.74 -20.08 5.38
N GLU A 182 0.54 -20.37 5.67
CA GLU A 182 0.95 -20.84 6.99
C GLU A 182 0.65 -19.77 8.03
N THR A 183 0.07 -20.18 9.16
CA THR A 183 -0.44 -19.20 10.12
C THR A 183 -0.65 -19.84 11.48
N LEU A 184 -0.97 -18.98 12.47
CA LEU A 184 -1.27 -19.38 13.84
C LEU A 184 -1.80 -18.14 14.57
N ASN A 185 -2.44 -18.33 15.72
CA ASN A 185 -2.53 -19.59 16.44
C ASN A 185 -3.97 -19.94 16.84
N PHE A 186 -4.91 -19.87 15.89
CA PHE A 186 -6.27 -20.32 16.21
C PHE A 186 -6.26 -21.70 16.87
N THR A 187 -5.52 -22.65 16.31
CA THR A 187 -5.58 -24.00 16.85
C THR A 187 -5.02 -24.07 18.27
N GLY A 188 -3.89 -23.38 18.51
CA GLY A 188 -3.31 -23.39 19.84
C GLY A 188 -4.19 -22.70 20.88
N GLU A 189 -4.88 -21.62 20.50
CA GLU A 189 -5.84 -20.97 21.40
C GLU A 189 -6.92 -21.95 21.85
N VAL A 190 -7.49 -22.68 20.90
CA VAL A 190 -8.54 -23.66 21.25
C VAL A 190 -7.99 -24.74 22.17
N ASP A 191 -6.82 -25.29 21.82
CA ASP A 191 -6.22 -26.34 22.64
C ASP A 191 -5.88 -25.83 24.04
N ARG A 192 -5.36 -24.61 24.13
CA ARG A 192 -5.03 -24.08 25.46
C ARG A 192 -6.28 -23.87 26.30
N ALA A 193 -7.33 -23.29 25.70
CA ALA A 193 -8.58 -23.09 26.44
C ALA A 193 -9.19 -24.41 26.89
N THR A 194 -9.21 -25.40 25.99
CA THR A 194 -9.74 -26.72 26.32
C THR A 194 -9.01 -27.31 27.51
N LEU A 195 -7.68 -27.21 27.51
CA LEU A 195 -6.91 -27.74 28.62
C LEU A 195 -7.21 -27.00 29.92
N TYR A 196 -7.34 -25.66 29.85
CA TYR A 196 -7.66 -24.91 31.06
C TYR A 196 -9.05 -25.26 31.57
N CYS A 197 -9.99 -25.52 30.67
CA CYS A 197 -11.31 -25.96 31.11
C CYS A 197 -11.24 -27.33 31.78
N GLN A 198 -10.48 -28.27 31.21
N GLN A 198 -10.48 -28.27 31.21
CA GLN A 198 -10.48 -29.64 31.72
CA GLN A 198 -10.47 -29.64 31.71
C GLN A 198 -9.57 -29.81 32.92
C GLN A 198 -9.57 -29.81 32.92
N ALA A 199 -8.35 -29.27 32.86
CA ALA A 199 -7.34 -29.55 33.87
C ALA A 199 -7.50 -28.72 35.14
N LYS A 200 -8.36 -27.70 35.15
CA LYS A 200 -8.61 -26.88 36.32
C LYS A 200 -7.33 -26.43 37.01
N GLU A 201 -7.14 -26.79 38.28
CA GLU A 201 -5.99 -26.27 39.01
C GLU A 201 -4.66 -26.74 38.45
N GLN A 202 -4.65 -27.83 37.67
CA GLN A 202 -3.45 -28.34 37.01
C GLN A 202 -3.23 -27.74 35.63
N ALA A 203 -4.02 -26.74 35.25
CA ALA A 203 -4.00 -26.27 33.86
C ALA A 203 -2.64 -25.69 33.47
N ALA A 204 -2.03 -24.90 34.35
CA ALA A 204 -0.78 -24.24 33.99
C ALA A 204 0.37 -25.24 33.87
N ARG A 205 0.41 -26.24 34.75
CA ARG A 205 1.40 -27.30 34.64
C ARG A 205 1.18 -28.12 33.38
N ALA A 206 -0.07 -28.48 33.09
CA ALA A 206 -0.35 -29.26 31.90
C ALA A 206 -0.05 -28.45 30.63
N ASP A 207 -0.43 -27.18 30.61
CA ASP A 207 -0.14 -26.37 29.42
C ASP A 207 1.36 -26.13 29.27
N TRP A 208 2.08 -26.10 30.39
CA TRP A 208 3.54 -25.96 30.34
C TRP A 208 4.18 -27.14 29.62
N LEU A 209 3.65 -28.35 29.86
CA LEU A 209 4.16 -29.50 29.13
C LEU A 209 3.62 -29.55 27.70
N ARG A 210 2.44 -28.97 27.45
CA ARG A 210 1.85 -29.06 26.12
C ARG A 210 2.58 -28.20 25.09
N ARG A 211 3.05 -27.01 25.47
CA ARG A 211 3.53 -26.08 24.44
C ARG A 211 4.60 -25.14 24.99
N GLU A 212 5.80 -25.25 24.44
CA GLU A 212 6.88 -24.34 24.82
C GLU A 212 6.57 -22.91 24.39
N LEU A 213 6.77 -21.97 25.31
CA LEU A 213 6.68 -20.55 24.98
C LEU A 213 8.06 -19.91 25.02
N ASP A 214 8.33 -19.04 24.09
CA ASP A 214 9.62 -18.37 24.09
C ASP A 214 9.37 -16.93 23.69
N PRO A 215 9.56 -15.96 24.60
CA PRO A 215 10.02 -16.15 25.97
C PRO A 215 9.01 -16.90 26.81
N PRO A 216 9.49 -17.56 27.87
CA PRO A 216 8.63 -18.45 28.66
C PRO A 216 7.75 -17.66 29.64
N ILE A 217 6.83 -16.88 29.09
CA ILE A 217 5.90 -16.11 29.90
C ILE A 217 4.88 -17.03 30.53
N THR A 218 4.16 -16.52 31.54
CA THR A 218 3.03 -17.25 32.12
C THR A 218 1.74 -16.78 31.45
N PRO A 219 1.07 -17.62 30.68
CA PRO A 219 -0.20 -17.19 30.07
C PRO A 219 -1.19 -16.80 31.16
N THR A 220 -2.02 -15.80 30.86
CA THR A 220 -3.07 -15.38 31.77
C THR A 220 -4.42 -15.43 31.07
N LEU A 221 -5.37 -16.13 31.67
CA LEU A 221 -6.72 -16.17 31.13
C LEU A 221 -7.26 -14.76 31.00
N PRO A 222 -7.72 -14.37 29.82
CA PRO A 222 -8.29 -13.03 29.66
C PRO A 222 -9.49 -12.86 30.59
N GLU A 223 -9.56 -11.70 31.23
CA GLU A 223 -10.74 -11.38 32.02
C GLU A 223 -11.98 -11.46 31.14
N GLY A 224 -13.00 -12.16 31.64
CA GLY A 224 -14.24 -12.30 30.89
C GLY A 224 -14.32 -13.54 30.02
N LEU A 225 -13.26 -14.34 29.93
CA LEU A 225 -13.30 -15.58 29.17
C LEU A 225 -13.63 -16.74 30.10
N ASP A 226 -14.70 -17.47 29.76
CA ASP A 226 -14.93 -18.78 30.36
C ASP A 226 -14.28 -19.81 29.44
N PRO A 227 -13.15 -20.41 29.81
CA PRO A 227 -12.47 -21.32 28.89
C PRO A 227 -13.30 -22.55 28.55
N CYS A 228 -14.35 -22.86 29.31
CA CYS A 228 -15.22 -23.97 28.97
C CYS A 228 -16.21 -23.63 27.88
N ALA A 229 -16.36 -22.35 27.52
CA ALA A 229 -17.21 -21.92 26.42
C ALA A 229 -16.44 -21.89 25.10
N VAL A 230 -15.60 -22.89 24.87
CA VAL A 230 -14.80 -23.02 23.66
C VAL A 230 -14.95 -24.45 23.14
N PRO A 231 -15.97 -24.76 22.33
CA PRO A 231 -16.18 -26.16 21.92
C PRO A 231 -15.18 -26.60 20.87
N ALA A 232 -14.15 -27.32 21.32
CA ALA A 232 -12.99 -27.60 20.47
C ALA A 232 -13.36 -28.37 19.22
N ALA A 233 -14.15 -29.45 19.36
CA ALA A 233 -14.40 -30.31 18.21
C ALA A 233 -15.13 -29.56 17.10
N ALA A 234 -16.17 -28.82 17.45
CA ALA A 234 -16.89 -28.08 16.44
C ALA A 234 -16.02 -26.99 15.82
N LEU A 235 -15.21 -26.32 16.64
CA LEU A 235 -14.41 -25.23 16.10
C LEU A 235 -13.31 -25.75 15.17
N LYS A 236 -12.62 -26.81 15.57
CA LYS A 236 -11.58 -27.36 14.72
C LYS A 236 -12.15 -27.91 13.42
N LYS A 237 -13.35 -28.49 13.48
CA LYS A 237 -13.97 -29.02 12.27
C LYS A 237 -14.26 -27.89 11.28
N ALA A 238 -14.84 -26.79 11.77
CA ALA A 238 -15.14 -25.66 10.90
C ALA A 238 -13.86 -25.03 10.37
N TYR A 239 -12.84 -24.90 11.21
CA TYR A 239 -11.57 -24.33 10.78
C TYR A 239 -10.90 -25.21 9.75
N THR A 240 -10.96 -26.53 9.95
CA THR A 240 -10.40 -27.45 8.97
C THR A 240 -11.14 -27.38 7.64
N LEU A 241 -12.49 -27.34 7.68
CA LEU A 241 -13.24 -27.18 6.44
C LEU A 241 -12.87 -25.90 5.72
N ALA A 242 -12.53 -24.85 6.47
CA ALA A 242 -12.23 -23.56 5.85
C ALA A 242 -10.81 -23.51 5.30
N THR A 243 -9.86 -24.26 5.87
CA THR A 243 -8.45 -24.04 5.56
C THR A 243 -7.68 -25.25 5.04
N ALA A 244 -8.15 -26.48 5.24
CA ALA A 244 -7.37 -27.62 4.83
C ALA A 244 -7.21 -27.65 3.31
N ALA A 245 -6.06 -28.16 2.85
CA ALA A 245 -5.86 -28.35 1.42
C ALA A 245 -6.87 -29.35 0.85
N ALA A 246 -7.10 -29.28 -0.46
CA ALA A 246 -7.99 -30.23 -1.11
C ALA A 246 -7.64 -31.68 -0.75
N ASN A 247 -8.66 -32.44 -0.42
CA ASN A 247 -8.53 -33.80 0.09
C ASN A 247 -9.52 -34.69 -0.63
N PHE A 248 -9.13 -35.94 -0.87
CA PHE A 248 -9.97 -36.90 -1.60
C PHE A 248 -10.08 -38.17 -0.78
N PRO A 249 -10.92 -38.18 0.25
CA PRO A 249 -11.02 -39.35 1.12
C PRO A 249 -11.86 -40.46 0.50
N LYS A 250 -11.51 -41.69 0.87
CA LYS A 250 -12.18 -42.87 0.31
C LYS A 250 -13.69 -42.78 0.54
N GLU A 251 -14.10 -42.30 1.71
CA GLU A 251 -15.52 -42.25 2.07
C GLU A 251 -16.32 -41.46 1.04
N ALA A 252 -15.78 -40.34 0.56
CA ALA A 252 -16.50 -39.51 -0.39
C ALA A 252 -16.48 -40.06 -1.81
N TRP A 253 -15.71 -41.12 -2.08
CA TRP A 253 -15.57 -41.61 -3.44
C TRP A 253 -15.86 -43.10 -3.57
N GLN A 254 -16.38 -43.74 -2.52
CA GLN A 254 -16.70 -45.17 -2.56
C GLN A 254 -17.98 -45.41 -3.36
N SER A 282 11.85 -24.83 8.50
CA SER A 282 12.81 -24.37 7.48
C SER A 282 14.16 -23.91 8.08
N ASN A 283 15.23 -24.02 7.31
CA ASN A 283 16.53 -23.45 7.67
C ASN A 283 16.94 -22.45 6.58
N ASN A 284 17.61 -21.38 6.98
CA ASN A 284 18.37 -20.59 6.02
C ASN A 284 19.59 -20.01 6.72
N TRP A 285 20.56 -19.62 5.90
CA TRP A 285 21.72 -18.92 6.45
C TRP A 285 22.39 -18.17 5.33
N VAL A 286 23.18 -17.19 5.75
CA VAL A 286 23.99 -16.40 4.84
C VAL A 286 25.33 -16.18 5.53
N ILE A 287 26.41 -16.34 4.77
CA ILE A 287 27.77 -16.30 5.28
C ILE A 287 28.55 -15.28 4.46
N ALA A 288 29.19 -14.34 5.14
CA ALA A 288 29.96 -13.31 4.45
C ALA A 288 31.21 -13.91 3.79
N GLY A 289 31.69 -13.21 2.75
CA GLY A 289 32.81 -13.72 1.98
C GLY A 289 34.06 -13.94 2.81
N SER A 290 34.26 -13.17 3.88
CA SER A 290 35.45 -13.41 4.70
C SER A 290 35.45 -14.79 5.33
N ARG A 291 34.34 -15.52 5.28
CA ARG A 291 34.25 -16.84 5.88
C ARG A 291 33.91 -17.93 4.86
N THR A 292 34.03 -17.66 3.58
CA THR A 292 33.74 -18.65 2.55
C THR A 292 34.98 -18.99 1.73
N SER A 293 34.96 -20.17 1.13
CA SER A 293 36.06 -20.59 0.27
C SER A 293 36.12 -19.78 -1.01
N THR A 294 34.98 -19.18 -1.43
CA THR A 294 34.91 -18.40 -2.65
C THR A 294 35.34 -16.96 -2.47
N GLY A 295 35.33 -16.44 -1.23
CA GLY A 295 35.45 -15.01 -1.04
C GLY A 295 34.19 -14.22 -1.29
N ARG A 296 33.12 -14.85 -1.76
CA ARG A 296 31.82 -14.25 -1.98
C ARG A 296 30.81 -14.81 -0.97
N PRO A 297 29.68 -14.13 -0.75
CA PRO A 297 28.68 -14.67 0.19
C PRO A 297 28.14 -16.01 -0.30
N ILE A 298 27.76 -16.85 0.66
CA ILE A 298 26.99 -18.06 0.39
C ILE A 298 25.64 -17.89 1.07
N LEU A 299 24.57 -18.17 0.34
CA LEU A 299 23.23 -18.08 0.91
C LEU A 299 22.51 -19.39 0.67
N ALA A 300 21.92 -19.95 1.72
CA ALA A 300 21.31 -21.27 1.66
C ALA A 300 19.92 -21.20 2.27
N ASN A 301 19.01 -22.02 1.74
CA ASN A 301 17.64 -22.07 2.21
C ASN A 301 17.03 -23.42 1.88
N ASP A 302 16.44 -24.09 2.87
CA ASP A 302 15.63 -25.28 2.63
C ASP A 302 14.36 -25.19 3.46
N PRO A 303 13.26 -24.69 2.86
CA PRO A 303 11.98 -24.62 3.58
C PRO A 303 11.43 -26.01 3.89
N HIS A 304 10.69 -26.11 4.99
CA HIS A 304 10.19 -27.40 5.47
C HIS A 304 8.66 -27.40 5.41
N ARG A 305 8.10 -28.16 4.47
CA ARG A 305 6.66 -28.13 4.20
C ARG A 305 6.18 -29.53 3.86
N ALA A 306 4.86 -29.67 3.71
CA ALA A 306 4.29 -30.95 3.32
C ALA A 306 4.96 -31.48 2.05
N HIS A 307 5.21 -32.78 2.01
CA HIS A 307 5.70 -33.45 0.82
C HIS A 307 4.54 -34.03 0.03
N GLY A 308 4.72 -34.12 -1.28
CA GLY A 308 3.73 -34.78 -2.10
C GLY A 308 4.20 -34.85 -3.53
N ALA A 309 3.41 -35.56 -4.33
CA ALA A 309 3.56 -35.59 -5.78
C ALA A 309 2.30 -35.02 -6.39
N PRO A 310 2.35 -33.84 -7.05
CA PRO A 310 3.54 -33.03 -7.27
C PRO A 310 3.90 -32.19 -6.04
N SER A 311 5.10 -31.58 -6.10
CA SER A 311 5.68 -30.88 -4.98
C SER A 311 4.99 -29.53 -4.75
N LEU A 312 5.20 -29.00 -3.54
CA LEU A 312 4.61 -27.70 -3.20
C LEU A 312 5.17 -26.58 -4.09
N ARG A 313 6.48 -26.56 -4.32
CA ARG A 313 7.09 -25.47 -5.05
C ARG A 313 7.66 -25.92 -6.39
N TYR A 314 7.92 -24.94 -7.23
CA TYR A 314 8.32 -25.11 -8.61
C TYR A 314 9.44 -24.12 -8.89
N VAL A 315 10.48 -24.56 -9.60
CA VAL A 315 11.66 -23.72 -9.90
C VAL A 315 11.48 -23.12 -11.28
N SER A 316 11.77 -21.82 -11.43
CA SER A 316 11.68 -21.23 -12.76
C SER A 316 12.59 -20.01 -12.86
N HIS A 317 12.71 -19.49 -14.08
CA HIS A 317 13.66 -18.43 -14.40
C HIS A 317 13.01 -17.49 -15.40
N LEU A 318 12.91 -16.21 -15.02
CA LEU A 318 12.26 -15.19 -15.84
C LEU A 318 13.29 -14.15 -16.28
N ASN A 319 13.34 -13.92 -17.58
CA ASN A 319 14.20 -12.92 -18.21
C ASN A 319 13.35 -12.01 -19.09
N ALA A 320 13.50 -10.71 -18.88
CA ALA A 320 12.89 -9.72 -19.76
C ALA A 320 13.66 -8.44 -19.56
N PRO A 321 13.43 -7.44 -20.41
CA PRO A 321 13.97 -6.11 -20.11
C PRO A 321 13.56 -5.71 -18.71
N GLY A 322 14.52 -5.50 -17.82
CA GLY A 322 14.21 -5.10 -16.46
C GLY A 322 13.91 -6.23 -15.49
N LEU A 323 14.13 -7.49 -15.88
CA LEU A 323 13.80 -8.61 -15.00
C LEU A 323 14.77 -9.76 -15.26
N SER A 324 15.29 -10.36 -14.18
CA SER A 324 16.24 -11.46 -14.33
CA SER A 324 16.20 -11.50 -14.36
C SER A 324 16.29 -12.34 -13.09
N VAL A 325 15.17 -12.95 -12.73
CA VAL A 325 15.01 -13.60 -11.43
C VAL A 325 14.90 -15.10 -11.63
N ILE A 326 15.48 -15.86 -10.71
CA ILE A 326 15.47 -17.32 -10.76
C ILE A 326 15.26 -17.85 -9.36
N GLY A 327 14.51 -18.93 -9.23
CA GLY A 327 14.29 -19.47 -7.88
C GLY A 327 13.01 -20.28 -7.84
N ALA A 328 12.35 -20.24 -6.68
CA ALA A 328 11.23 -21.13 -6.46
C ALA A 328 10.03 -20.36 -5.93
N GLY A 329 8.86 -20.95 -6.12
CA GLY A 329 7.63 -20.46 -5.53
C GLY A 329 6.54 -21.49 -5.77
N GLU A 330 5.38 -21.26 -5.17
CA GLU A 330 4.25 -22.13 -5.49
C GLU A 330 3.80 -21.84 -6.94
N PRO A 331 3.47 -22.87 -7.72
CA PRO A 331 3.32 -22.67 -9.17
C PRO A 331 2.13 -21.83 -9.57
N PHE A 332 1.15 -21.65 -8.68
CA PHE A 332 0.00 -20.80 -9.02
C PHE A 332 0.26 -19.31 -8.78
N LEU A 333 1.45 -18.93 -8.21
CA LEU A 333 1.73 -17.52 -7.93
C LEU A 333 2.70 -16.94 -8.95
N PRO A 334 2.42 -15.76 -9.51
CA PRO A 334 3.39 -15.12 -10.41
C PRO A 334 4.69 -14.80 -9.68
N GLY A 335 5.80 -14.90 -10.41
CA GLY A 335 7.08 -14.46 -9.90
C GLY A 335 7.84 -15.54 -9.14
N ILE A 336 8.82 -15.08 -8.37
CA ILE A 336 9.76 -15.91 -7.61
C ILE A 336 9.87 -15.29 -6.22
N SER A 337 9.78 -16.13 -5.17
CA SER A 337 9.88 -15.61 -3.80
C SER A 337 11.11 -16.08 -3.04
N ILE A 338 11.80 -17.12 -3.53
CA ILE A 338 13.07 -17.61 -2.97
C ILE A 338 14.05 -17.76 -4.14
N GLY A 339 15.21 -17.15 -4.05
CA GLY A 339 16.17 -17.29 -5.15
C GLY A 339 17.03 -16.04 -5.27
N HIS A 340 17.24 -15.58 -6.50
CA HIS A 340 18.10 -14.41 -6.68
C HIS A 340 17.80 -13.77 -8.03
N ASN A 341 18.26 -12.52 -8.20
CA ASN A 341 18.06 -11.81 -9.46
C ASN A 341 19.37 -11.36 -10.10
N GLY A 342 20.48 -12.03 -9.81
CA GLY A 342 21.73 -11.59 -10.40
C GLY A 342 22.39 -10.40 -9.72
N THR A 343 21.70 -9.72 -8.81
CA THR A 343 22.36 -8.81 -7.88
C THR A 343 22.19 -9.21 -6.43
N ILE A 344 20.97 -9.47 -5.98
CA ILE A 344 20.71 -9.89 -4.61
C ILE A 344 20.17 -11.32 -4.61
N ALA A 345 20.24 -11.97 -3.45
CA ALA A 345 19.71 -13.31 -3.22
C ALA A 345 18.91 -13.29 -1.92
N PHE A 346 17.94 -14.19 -1.79
CA PHE A 346 17.02 -14.15 -0.65
C PHE A 346 16.43 -15.54 -0.40
N GLY A 347 16.19 -15.85 0.87
CA GLY A 347 15.57 -17.10 1.29
C GLY A 347 14.88 -16.87 2.61
N LEU A 348 14.00 -17.80 3.00
CA LEU A 348 13.06 -17.51 4.09
C LEU A 348 12.87 -18.68 5.05
N THR A 349 12.56 -18.36 6.31
CA THR A 349 12.06 -19.33 7.26
C THR A 349 10.96 -18.67 8.10
N ARG A 350 10.00 -19.47 8.56
CA ARG A 350 8.87 -18.90 9.28
C ARG A 350 9.32 -18.14 10.52
N PHE A 351 8.67 -16.99 10.71
CA PHE A 351 8.80 -16.12 11.89
C PHE A 351 7.37 -15.94 12.42
N TYR A 352 7.12 -16.34 13.66
CA TYR A 352 5.75 -16.67 14.06
C TYR A 352 5.05 -15.50 14.76
N MET A 353 4.73 -14.45 14.00
CA MET A 353 3.87 -13.46 14.63
C MET A 353 2.45 -14.03 14.68
N ASP A 354 1.76 -13.76 15.78
CA ASP A 354 0.43 -14.29 16.05
C ASP A 354 -0.58 -13.55 15.17
N GLN A 355 -1.16 -14.26 14.20
CA GLN A 355 -2.02 -13.63 13.20
C GLN A 355 -3.47 -14.11 13.25
N GLU A 356 -3.85 -14.88 14.26
CA GLU A 356 -5.20 -15.40 14.41
C GLU A 356 -5.61 -15.33 15.86
N ASP A 357 -6.78 -14.77 16.14
CA ASP A 357 -7.41 -14.79 17.45
C ASP A 357 -8.84 -15.32 17.32
N LEU A 358 -9.25 -16.14 18.27
CA LEU A 358 -10.63 -16.63 18.32
C LEU A 358 -11.45 -15.68 19.19
N TYR A 359 -12.53 -15.14 18.63
CA TYR A 359 -13.41 -14.20 19.34
C TYR A 359 -14.70 -14.91 19.73
N VAL A 360 -15.12 -14.71 20.98
CA VAL A 360 -16.26 -15.43 21.57
C VAL A 360 -17.35 -14.41 21.89
N TYR A 361 -18.55 -14.66 21.42
CA TYR A 361 -19.62 -13.68 21.49
C TYR A 361 -20.80 -14.22 22.27
N GLU A 362 -21.53 -13.28 22.88
CA GLU A 362 -22.87 -13.50 23.39
C GLU A 362 -23.84 -13.01 22.33
N THR A 363 -24.82 -13.83 21.97
CA THR A 363 -25.81 -13.43 20.98
C THR A 363 -27.15 -13.14 21.65
N ASP A 364 -27.94 -12.30 20.99
CA ASP A 364 -29.22 -11.86 21.52
C ASP A 364 -30.23 -13.00 21.46
N PRO A 365 -30.84 -13.40 22.58
CA PRO A 365 -31.86 -14.46 22.52
C PRO A 365 -33.00 -14.16 21.57
N ALA A 366 -33.38 -12.90 21.43
CA ALA A 366 -34.42 -12.49 20.49
C ALA A 366 -33.90 -12.39 19.05
N GLN A 367 -32.60 -12.49 18.83
CA GLN A 367 -32.08 -12.35 17.48
C GLN A 367 -30.69 -12.99 17.44
N PRO A 368 -30.60 -14.28 17.12
CA PRO A 368 -29.30 -14.96 17.21
C PRO A 368 -28.28 -14.41 16.23
N LYS A 369 -28.69 -13.62 15.23
CA LYS A 369 -27.78 -13.01 14.29
C LYS A 369 -27.23 -11.67 14.78
N SER A 370 -27.43 -11.37 16.06
CA SER A 370 -26.89 -10.17 16.69
C SER A 370 -26.05 -10.59 17.89
N TYR A 371 -24.95 -9.88 18.12
CA TYR A 371 -24.03 -10.18 19.22
C TYR A 371 -23.78 -8.92 20.05
N ARG A 372 -23.47 -9.12 21.33
CA ARG A 372 -23.23 -7.98 22.20
C ARG A 372 -21.90 -7.35 21.86
N TYR A 373 -21.93 -6.04 21.59
CA TYR A 373 -20.70 -5.29 21.32
C TYR A 373 -20.85 -3.91 21.93
N ARG A 374 -20.02 -3.61 22.93
CA ARG A 374 -20.05 -2.34 23.64
C ARG A 374 -21.45 -1.96 24.10
N GLY A 375 -22.10 -2.91 24.78
CA GLY A 375 -23.40 -2.64 25.40
C GLY A 375 -24.56 -2.48 24.45
N ARG A 376 -24.43 -2.96 23.22
CA ARG A 376 -25.43 -2.81 22.18
C ARG A 376 -25.54 -4.14 21.43
N TRP A 377 -26.73 -4.44 20.93
CA TRP A 377 -26.87 -5.59 20.04
C TRP A 377 -26.46 -5.17 18.65
N GLU A 378 -25.42 -5.80 18.13
CA GLU A 378 -24.88 -5.46 16.84
C GLU A 378 -25.18 -6.57 15.86
N PRO A 379 -25.77 -6.26 14.70
CA PRO A 379 -26.15 -7.32 13.76
C PRO A 379 -24.95 -7.88 13.00
N MET A 380 -24.96 -9.20 12.83
CA MET A 380 -24.00 -9.81 11.93
C MET A 380 -24.30 -9.40 10.50
N GLU A 381 -23.26 -9.38 9.67
CA GLU A 381 -23.46 -9.31 8.24
C GLU A 381 -23.57 -10.72 7.70
N THR A 382 -24.61 -10.99 6.92
CA THR A 382 -24.86 -12.31 6.37
C THR A 382 -24.73 -12.24 4.87
N ILE A 383 -23.90 -13.10 4.30
CA ILE A 383 -23.77 -13.14 2.86
C ILE A 383 -24.36 -14.45 2.38
N THR A 384 -24.95 -14.41 1.19
CA THR A 384 -25.51 -15.60 0.57
C THR A 384 -24.57 -16.05 -0.53
N GLU A 385 -24.31 -17.35 -0.59
CA GLU A 385 -23.47 -17.91 -1.64
C GLU A 385 -24.24 -19.01 -2.35
N LYS A 386 -24.03 -19.12 -3.65
CA LYS A 386 -24.62 -20.19 -4.47
C LYS A 386 -23.53 -21.21 -4.77
N ILE A 387 -23.76 -22.45 -4.36
CA ILE A 387 -22.78 -23.50 -4.54
C ILE A 387 -23.35 -24.51 -5.52
N THR A 388 -22.76 -24.56 -6.71
CA THR A 388 -23.15 -25.53 -7.71
C THR A 388 -22.65 -26.92 -7.33
N VAL A 389 -23.50 -27.92 -7.52
CA VAL A 389 -23.20 -29.28 -7.10
C VAL A 389 -23.42 -30.22 -8.27
N ARG A 390 -22.40 -31.03 -8.58
CA ARG A 390 -22.51 -32.00 -9.65
C ARG A 390 -23.68 -32.94 -9.38
N GLY A 391 -24.54 -33.08 -10.37
CA GLY A 391 -25.72 -33.91 -10.22
C GLY A 391 -26.96 -33.17 -9.74
N GLU A 392 -26.85 -31.89 -9.41
CA GLU A 392 -28.02 -31.13 -8.97
C GLU A 392 -28.25 -29.96 -9.91
N ALA A 393 -29.51 -29.74 -10.27
CA ALA A 393 -29.84 -28.74 -11.28
C ALA A 393 -29.71 -27.33 -10.72
N GLU A 394 -30.17 -27.11 -9.50
CA GLU A 394 -30.14 -25.83 -8.83
C GLU A 394 -28.88 -25.73 -7.97
N PRO A 395 -28.21 -24.59 -7.91
CA PRO A 395 -27.14 -24.45 -6.93
C PRO A 395 -27.72 -24.43 -5.53
N ARG A 396 -26.91 -24.87 -4.56
CA ARG A 396 -27.32 -24.74 -3.18
C ARG A 396 -27.21 -23.29 -2.74
N THR A 397 -28.16 -22.85 -1.95
CA THR A 397 -28.10 -21.53 -1.34
C THR A 397 -27.67 -21.72 0.11
N VAL A 398 -26.54 -21.11 0.46
CA VAL A 398 -26.02 -21.21 1.82
C VAL A 398 -25.74 -19.78 2.29
N THR A 399 -25.64 -19.61 3.60
CA THR A 399 -25.28 -18.32 4.14
C THR A 399 -24.04 -18.46 5.01
N ILE A 400 -23.34 -17.34 5.13
CA ILE A 400 -22.17 -17.21 6.00
C ILE A 400 -22.38 -15.94 6.81
N ASP A 401 -22.22 -16.03 8.13
CA ASP A 401 -22.35 -14.87 9.00
C ASP A 401 -20.98 -14.30 9.34
N PHE A 402 -20.90 -12.97 9.43
CA PHE A 402 -19.69 -12.29 9.86
C PHE A 402 -20.01 -11.34 11.01
N THR A 403 -19.14 -11.32 12.02
CA THR A 403 -19.11 -10.23 12.98
C THR A 403 -18.20 -9.14 12.41
N ARG A 404 -18.08 -8.02 13.14
CA ARG A 404 -17.13 -7.01 12.71
C ARG A 404 -15.68 -7.50 12.73
N HIS A 405 -15.40 -8.66 13.34
CA HIS A 405 -14.02 -9.16 13.45
C HIS A 405 -13.69 -10.27 12.46
N GLY A 406 -14.67 -11.00 11.97
CA GLY A 406 -14.39 -12.03 11.00
C GLY A 406 -15.55 -12.99 10.81
N PRO A 407 -15.32 -14.06 10.04
CA PRO A 407 -16.39 -15.03 9.78
C PRO A 407 -16.74 -15.82 11.03
N VAL A 408 -18.02 -16.12 11.19
CA VAL A 408 -18.48 -16.96 12.28
C VAL A 408 -18.21 -18.41 11.92
N LEU A 409 -17.40 -19.09 12.74
CA LEU A 409 -17.09 -20.50 12.52
C LEU A 409 -18.15 -21.43 13.08
N HIS A 410 -18.83 -21.00 14.13
CA HIS A 410 -19.75 -21.86 14.88
C HIS A 410 -20.67 -20.98 15.71
N ALA A 411 -21.88 -21.46 15.92
CA ALA A 411 -22.85 -20.78 16.78
C ALA A 411 -23.61 -21.83 17.57
N ASP A 412 -24.02 -21.46 18.79
CA ASP A 412 -24.81 -22.34 19.65
C ASP A 412 -26.00 -21.56 20.21
N ASP A 413 -27.19 -21.77 19.65
CA ASP A 413 -28.34 -21.00 20.10
C ASP A 413 -28.79 -21.43 21.50
N ALA A 414 -28.44 -22.64 21.93
CA ALA A 414 -28.78 -23.08 23.28
C ALA A 414 -28.14 -22.19 24.33
N SER A 415 -26.85 -21.89 24.17
CA SER A 415 -26.13 -21.02 25.10
C SER A 415 -26.01 -19.59 24.61
N HIS A 416 -26.62 -19.24 23.48
CA HIS A 416 -26.58 -17.88 22.96
C HIS A 416 -25.13 -17.42 22.76
N ARG A 417 -24.35 -18.27 22.10
CA ARG A 417 -22.94 -17.99 21.82
C ARG A 417 -22.65 -18.16 20.33
N ALA A 418 -21.64 -17.40 19.88
CA ALA A 418 -21.05 -17.57 18.56
C ALA A 418 -19.56 -17.34 18.67
N TRP A 419 -18.82 -17.87 17.70
CA TRP A 419 -17.37 -17.82 17.68
C TRP A 419 -16.93 -17.40 16.30
N ALA A 420 -16.07 -16.38 16.21
CA ALA A 420 -15.58 -15.92 14.92
C ALA A 420 -14.06 -15.97 14.91
N LEU A 421 -13.51 -16.22 13.73
CA LEU A 421 -12.07 -16.18 13.53
C LEU A 421 -11.67 -14.75 13.21
N ARG A 422 -10.86 -14.15 14.06
CA ARG A 422 -10.28 -12.85 13.71
C ARG A 422 -8.91 -13.13 13.12
N ALA A 423 -8.86 -13.21 11.78
CA ALA A 423 -7.65 -13.66 11.08
C ALA A 423 -7.02 -12.48 10.38
N ALA A 424 -5.79 -12.17 10.77
CA ALA A 424 -5.08 -11.09 10.08
C ALA A 424 -4.92 -11.42 8.61
N TRP A 425 -4.90 -12.71 8.27
CA TRP A 425 -4.73 -13.10 6.88
C TRP A 425 -5.98 -12.90 6.03
N LEU A 426 -7.07 -12.41 6.62
CA LEU A 426 -8.19 -11.96 5.79
C LEU A 426 -8.13 -10.46 5.51
N ASP A 427 -7.11 -9.77 6.01
CA ASP A 427 -6.99 -8.33 5.77
C ASP A 427 -6.16 -8.08 4.50
N THR A 428 -6.10 -6.83 4.09
CA THR A 428 -5.40 -6.46 2.86
C THR A 428 -3.94 -6.91 2.88
N GLY A 429 -3.44 -7.35 1.73
CA GLY A 429 -2.02 -7.62 1.54
C GLY A 429 -1.52 -8.96 2.03
N MET A 430 -2.39 -9.92 2.28
CA MET A 430 -2.01 -11.16 2.94
C MET A 430 -2.06 -12.39 2.02
N ALA A 431 -2.08 -12.21 0.71
CA ALA A 431 -1.87 -13.32 -0.22
C ALA A 431 -0.46 -13.87 -0.02
N PRO A 432 -0.30 -15.15 0.34
CA PRO A 432 1.02 -15.65 0.78
C PRO A 432 2.10 -15.44 -0.27
N TYR A 433 3.23 -14.87 0.17
CA TYR A 433 4.47 -14.71 -0.61
C TYR A 433 4.39 -13.64 -1.69
N PHE A 434 3.22 -13.05 -1.92
CA PHE A 434 3.11 -12.16 -3.07
C PHE A 434 3.79 -10.81 -2.84
N GLY A 435 4.21 -10.52 -1.61
CA GLY A 435 5.06 -9.36 -1.36
C GLY A 435 6.37 -9.41 -2.10
N SER A 436 6.75 -10.60 -2.59
CA SER A 436 7.96 -10.71 -3.40
C SER A 436 7.87 -9.88 -4.68
N MET A 437 6.66 -9.49 -5.09
CA MET A 437 6.48 -8.53 -6.17
C MET A 437 7.45 -7.36 -6.03
N ASP A 438 7.60 -6.89 -4.80
CA ASP A 438 8.36 -5.68 -4.54
C ASP A 438 9.85 -5.92 -4.33
N TYR A 439 10.33 -7.17 -4.26
CA TYR A 439 11.78 -7.33 -4.22
C TYR A 439 12.36 -8.14 -5.36
N MET A 440 11.54 -8.70 -6.26
CA MET A 440 12.11 -9.40 -7.40
C MET A 440 13.07 -8.51 -8.18
N ARG A 441 12.85 -7.20 -8.15
CA ARG A 441 13.71 -6.27 -8.88
C ARG A 441 14.56 -5.42 -7.96
N ALA A 442 14.67 -5.75 -6.67
CA ALA A 442 15.49 -4.91 -5.79
C ALA A 442 16.97 -5.15 -6.06
N THR A 443 17.77 -4.09 -5.99
CA THR A 443 19.18 -4.20 -6.35
C THR A 443 20.12 -3.96 -5.17
N ASN A 444 19.61 -3.63 -3.99
CA ASN A 444 20.48 -3.39 -2.85
C ASN A 444 19.66 -3.53 -1.58
N TRP A 445 20.32 -3.32 -0.45
CA TRP A 445 19.71 -3.54 0.86
C TRP A 445 18.59 -2.55 1.14
N ASP A 446 18.79 -1.28 0.79
CA ASP A 446 17.74 -0.29 0.99
C ASP A 446 16.46 -0.71 0.27
N GLN A 447 16.58 -1.20 -0.96
CA GLN A 447 15.40 -1.60 -1.71
C GLN A 447 14.82 -2.90 -1.17
N PHE A 448 15.66 -3.81 -0.67
CA PHE A 448 15.14 -5.05 -0.12
C PHE A 448 14.45 -4.81 1.22
N ARG A 449 15.07 -4.02 2.08
CA ARG A 449 14.42 -3.65 3.34
C ARG A 449 13.12 -2.89 3.07
N ALA A 450 13.11 -2.01 2.07
CA ALA A 450 11.88 -1.29 1.75
C ALA A 450 10.77 -2.24 1.34
N ALA A 451 11.09 -3.19 0.46
CA ALA A 451 10.12 -4.19 0.02
C ALA A 451 9.58 -4.98 1.21
N MET A 452 10.45 -5.34 2.15
CA MET A 452 9.98 -6.09 3.31
C MET A 452 9.07 -5.28 4.21
N ASN A 453 9.07 -3.95 4.11
CA ASN A 453 8.10 -3.16 4.87
C ASN A 453 6.67 -3.58 4.59
N ARG A 454 6.37 -4.03 3.37
CA ARG A 454 5.01 -4.39 3.03
C ARG A 454 4.79 -5.89 2.97
N TRP A 455 5.72 -6.69 3.49
CA TRP A 455 5.56 -8.13 3.47
C TRP A 455 4.44 -8.53 4.44
N GLY A 456 3.42 -9.21 3.92
CA GLY A 456 2.24 -9.54 4.71
C GLY A 456 2.23 -10.93 5.33
N ALA A 457 2.24 -11.96 4.48
CA ALA A 457 2.06 -13.33 4.93
C ALA A 457 2.89 -14.27 4.06
N PRO A 458 3.34 -15.40 4.62
CA PRO A 458 3.32 -15.68 6.06
C PRO A 458 4.39 -14.86 6.78
N GLY A 459 4.40 -14.85 8.10
CA GLY A 459 5.55 -14.26 8.80
C GLY A 459 6.82 -14.99 8.39
N GLU A 460 7.89 -14.28 8.06
CA GLU A 460 9.12 -14.92 7.57
C GLU A 460 10.35 -14.19 8.06
N ASN A 461 11.41 -14.97 8.37
CA ASN A 461 12.78 -14.47 8.37
C ASN A 461 13.29 -14.43 6.94
N GLN A 462 13.70 -13.27 6.44
CA GLN A 462 14.41 -13.23 5.16
C GLN A 462 15.90 -13.11 5.45
N VAL A 463 16.72 -13.94 4.80
CA VAL A 463 18.16 -13.67 4.76
C VAL A 463 18.47 -13.10 3.39
N TYR A 464 19.49 -12.27 3.34
CA TYR A 464 19.80 -11.42 2.21
C TYR A 464 21.30 -11.50 1.95
N ALA A 465 21.68 -11.46 0.68
CA ALA A 465 23.08 -11.29 0.30
C ALA A 465 23.13 -10.62 -1.06
N ASP A 466 24.22 -9.93 -1.35
CA ASP A 466 24.33 -9.38 -2.70
C ASP A 466 25.75 -9.58 -3.23
N ARG A 467 25.87 -9.41 -4.54
CA ARG A 467 27.15 -9.68 -5.20
C ARG A 467 28.20 -8.66 -4.85
N ASN A 468 27.83 -7.56 -4.19
CA ASN A 468 28.82 -6.64 -3.66
C ASN A 468 29.37 -7.10 -2.31
N GLY A 469 28.90 -8.22 -1.77
CA GLY A 469 29.46 -8.80 -0.58
C GLY A 469 28.68 -8.57 0.69
N ASN A 470 27.57 -7.85 0.64
CA ASN A 470 26.78 -7.59 1.85
C ASN A 470 25.90 -8.79 2.20
N ILE A 471 25.58 -8.93 3.49
CA ILE A 471 24.64 -9.96 3.95
C ILE A 471 23.72 -9.32 4.99
N GLY A 472 22.53 -9.92 5.15
CA GLY A 472 21.60 -9.30 6.08
C GLY A 472 20.47 -10.22 6.47
N TRP A 473 19.65 -9.72 7.41
CA TRP A 473 18.51 -10.47 7.91
C TRP A 473 17.42 -9.50 8.28
N ILE A 474 16.19 -9.81 7.83
N ILE A 474 16.21 -9.77 7.80
CA ILE A 474 15.02 -8.99 8.07
CA ILE A 474 15.07 -8.96 8.22
C ILE A 474 13.81 -9.90 8.28
C ILE A 474 13.83 -9.84 8.29
N PRO A 475 13.18 -9.89 9.44
CA PRO A 475 11.90 -10.60 9.58
C PRO A 475 10.79 -9.67 9.15
N GLY A 476 9.69 -10.27 8.66
CA GLY A 476 8.57 -9.45 8.23
C GLY A 476 7.26 -10.21 8.23
N GLY A 477 6.18 -9.45 8.24
CA GLY A 477 4.84 -9.99 8.24
C GLY A 477 3.92 -9.05 8.99
N LEU A 478 2.63 -9.09 8.63
CA LEU A 478 1.65 -8.23 9.28
C LEU A 478 1.63 -8.53 10.78
N THR A 479 1.92 -7.54 11.60
CA THR A 479 2.17 -7.77 13.03
C THR A 479 1.12 -7.04 13.86
N VAL A 480 0.31 -7.81 14.58
CA VAL A 480 -0.84 -7.32 15.34
C VAL A 480 -0.40 -6.74 16.68
N ILE A 481 -1.01 -5.62 17.09
CA ILE A 481 -0.80 -5.02 18.41
C ILE A 481 -1.97 -5.39 19.31
N ARG A 482 -1.70 -6.12 20.39
CA ARG A 482 -2.71 -6.48 21.37
C ARG A 482 -2.40 -5.77 22.67
N PRO A 483 -3.16 -4.73 23.05
CA PRO A 483 -2.77 -3.95 24.24
C PRO A 483 -2.98 -4.68 25.56
N ASN A 484 -3.95 -5.58 25.65
CA ASN A 484 -4.31 -6.07 26.98
C ASN A 484 -4.52 -7.58 26.99
N TRP A 485 -3.90 -8.28 26.05
CA TRP A 485 -3.83 -9.74 26.15
C TRP A 485 -2.66 -10.21 25.31
N ASP A 486 -2.29 -11.48 25.53
CA ASP A 486 -1.11 -12.06 24.90
C ASP A 486 -1.42 -12.80 23.61
N GLY A 487 -2.69 -12.94 23.26
CA GLY A 487 -3.03 -13.67 22.07
C GLY A 487 -2.92 -15.17 22.21
N LEU A 488 -2.75 -15.68 23.44
CA LEU A 488 -2.60 -17.10 23.69
C LEU A 488 -3.91 -17.82 24.03
N PHE A 489 -4.95 -17.08 24.41
CA PHE A 489 -6.29 -17.59 24.66
C PHE A 489 -7.30 -16.88 23.78
N PRO A 490 -8.45 -17.50 23.51
CA PRO A 490 -9.56 -16.78 22.91
C PRO A 490 -9.96 -15.59 23.78
N VAL A 491 -10.66 -14.63 23.18
CA VAL A 491 -11.08 -13.45 23.95
C VAL A 491 -12.56 -13.16 23.74
N PRO A 492 -13.23 -12.60 24.75
CA PRO A 492 -14.56 -12.03 24.53
C PRO A 492 -14.54 -11.04 23.38
N GLY A 493 -15.55 -11.14 22.52
CA GLY A 493 -15.61 -10.31 21.32
C GLY A 493 -16.41 -9.03 21.46
N ASP A 494 -16.70 -8.62 22.70
CA ASP A 494 -17.63 -7.52 22.97
C ASP A 494 -16.96 -6.14 22.96
N GLY A 495 -15.67 -6.06 22.61
CA GLY A 495 -14.99 -4.80 22.52
C GLY A 495 -13.92 -4.57 23.57
N ARG A 496 -13.89 -5.39 24.63
CA ARG A 496 -12.83 -5.30 25.64
C ARG A 496 -11.45 -5.70 25.12
N TYR A 497 -11.39 -6.44 23.99
CA TYR A 497 -10.14 -6.91 23.41
C TYR A 497 -10.16 -6.55 21.92
N GLU A 498 -9.43 -5.51 21.54
CA GLU A 498 -9.39 -5.03 20.17
C GLU A 498 -7.94 -4.85 19.74
N TRP A 499 -7.61 -5.34 18.55
CA TRP A 499 -6.33 -5.01 17.96
C TRP A 499 -6.19 -3.50 17.88
N ALA A 500 -5.02 -3.00 18.25
CA ALA A 500 -4.80 -1.56 18.29
C ALA A 500 -4.22 -1.02 17.00
N GLY A 501 -3.99 -1.87 16.02
CA GLY A 501 -3.33 -1.50 14.80
C GLY A 501 -2.25 -2.52 14.49
N TYR A 502 -1.45 -2.20 13.49
CA TYR A 502 -0.35 -3.04 13.05
C TYR A 502 0.97 -2.29 13.26
N ARG A 503 2.02 -3.04 13.59
CA ARG A 503 3.33 -2.44 13.80
C ARG A 503 4.01 -2.16 12.48
N ASN A 504 4.76 -1.05 12.43
CA ASN A 504 5.67 -0.84 11.31
C ASN A 504 6.81 -1.85 11.37
N MET A 505 7.25 -2.31 10.20
CA MET A 505 8.30 -3.33 10.19
C MET A 505 9.60 -2.82 10.79
N ASP A 506 9.81 -1.50 10.84
CA ASP A 506 11.04 -1.02 11.46
C ASP A 506 11.01 -1.16 12.97
N GLU A 507 9.93 -1.68 13.55
CA GLU A 507 9.92 -2.02 14.96
C GLU A 507 10.56 -3.37 15.25
N LEU A 508 10.75 -4.19 14.23
CA LEU A 508 11.35 -5.50 14.43
C LEU A 508 12.87 -5.41 14.35
N PRO A 509 13.59 -6.33 14.98
CA PRO A 509 15.05 -6.33 14.85
C PRO A 509 15.45 -6.68 13.42
N TRP A 510 16.71 -6.39 13.11
CA TRP A 510 17.27 -6.73 11.80
C TRP A 510 18.79 -6.70 11.93
N ALA A 511 19.46 -7.16 10.89
CA ALA A 511 20.92 -7.22 10.93
C ALA A 511 21.46 -6.99 9.53
N TYR A 512 22.60 -6.32 9.46
CA TYR A 512 23.25 -6.00 8.20
C TYR A 512 24.75 -6.06 8.43
N ASN A 513 25.43 -6.96 7.71
CA ASN A 513 26.86 -7.17 7.87
C ASN A 513 27.22 -7.33 9.35
N PRO A 514 26.65 -8.33 10.02
CA PRO A 514 26.91 -8.49 11.45
C PRO A 514 28.38 -8.80 11.69
N SER A 515 28.84 -8.45 12.89
CA SER A 515 30.24 -8.66 13.21
C SER A 515 30.64 -10.12 13.11
N THR A 516 29.70 -11.05 13.33
CA THR A 516 30.01 -12.49 13.24
C THR A 516 30.30 -12.95 11.82
N GLY A 517 29.84 -12.23 10.80
CA GLY A 517 30.02 -12.69 9.44
C GLY A 517 29.08 -13.81 9.02
N HIS A 518 28.04 -14.10 9.79
CA HIS A 518 27.09 -15.13 9.37
C HIS A 518 25.79 -14.96 10.13
N ILE A 519 24.71 -15.43 9.51
CA ILE A 519 23.38 -15.40 10.09
C ILE A 519 22.69 -16.73 9.81
N VAL A 520 22.07 -17.31 10.82
CA VAL A 520 21.31 -18.55 10.71
C VAL A 520 19.93 -18.30 11.31
N THR A 521 18.87 -18.70 10.60
CA THR A 521 17.55 -18.73 11.20
C THR A 521 16.90 -20.08 10.95
N ALA A 522 16.08 -20.53 11.89
CA ALA A 522 15.48 -21.86 11.78
C ALA A 522 14.22 -21.97 12.62
N ASN A 523 13.35 -20.96 12.54
CA ASN A 523 12.01 -20.94 13.12
C ASN A 523 12.00 -20.74 14.63
N GLU A 524 13.14 -20.48 15.26
CA GLU A 524 13.20 -20.22 16.68
C GLU A 524 13.01 -18.73 16.95
N ASN A 525 12.63 -18.39 18.18
CA ASN A 525 12.50 -16.97 18.51
C ASN A 525 13.89 -16.33 18.49
N ASN A 526 14.17 -15.53 17.46
CA ASN A 526 15.46 -14.87 17.35
C ASN A 526 15.35 -13.36 17.61
N ILE A 527 14.32 -12.93 18.31
CA ILE A 527 14.22 -11.55 18.79
C ILE A 527 15.15 -11.42 19.98
N PRO A 528 16.20 -10.60 19.92
CA PRO A 528 17.12 -10.48 21.06
C PRO A 528 16.37 -10.03 22.31
N PRO A 529 16.62 -10.68 23.45
CA PRO A 529 15.83 -10.36 24.66
C PRO A 529 15.96 -8.92 25.12
N ASP A 530 17.08 -8.26 24.82
CA ASP A 530 17.27 -6.86 25.17
C ASP A 530 16.76 -5.90 24.10
N HIS A 531 16.28 -6.41 22.96
CA HIS A 531 15.74 -5.53 21.93
C HIS A 531 14.33 -5.10 22.33
N PRO A 532 13.93 -3.86 22.04
CA PRO A 532 12.57 -3.43 22.41
C PRO A 532 11.47 -4.34 21.88
N ALA A 533 11.66 -4.96 20.72
CA ALA A 533 10.61 -5.82 20.17
C ALA A 533 10.32 -7.03 21.05
N ALA A 534 11.26 -7.41 21.93
CA ALA A 534 11.03 -8.55 22.81
C ALA A 534 9.85 -8.33 23.74
N LYS A 535 9.44 -7.07 23.94
CA LYS A 535 8.34 -6.72 24.83
C LYS A 535 7.05 -6.39 24.08
N LEU A 536 7.03 -6.55 22.76
CA LEU A 536 5.89 -6.06 21.98
C LEU A 536 4.84 -7.13 21.71
N GLY A 537 5.00 -8.34 22.23
CA GLY A 537 3.99 -9.36 21.96
C GLY A 537 3.92 -9.78 20.51
N VAL A 538 5.06 -9.87 19.83
CA VAL A 538 5.05 -10.33 18.45
C VAL A 538 4.52 -11.75 18.37
N GLY A 539 5.04 -12.63 19.21
CA GLY A 539 4.60 -14.01 19.24
C GLY A 539 5.39 -14.78 20.27
N TYR A 540 4.74 -15.76 20.91
CA TYR A 540 5.37 -16.57 21.95
C TYR A 540 5.51 -18.04 21.56
N GLU A 541 4.98 -18.45 20.41
CA GLU A 541 4.93 -19.86 20.03
C GLU A 541 5.75 -20.08 18.78
N TRP A 542 6.90 -20.72 18.96
CA TRP A 542 7.94 -20.89 17.94
C TRP A 542 8.20 -22.38 17.77
N SER A 543 9.05 -22.70 16.81
CA SER A 543 9.36 -24.10 16.61
CA SER A 543 9.43 -24.08 16.56
C SER A 543 10.41 -24.57 17.62
N ASP A 544 10.56 -25.88 17.71
CA ASP A 544 11.64 -26.44 18.52
C ASP A 544 12.96 -25.85 18.05
N SER A 545 13.84 -25.51 18.98
CA SER A 545 15.04 -24.78 18.58
C SER A 545 16.25 -25.67 18.31
N SER A 546 16.06 -26.99 18.25
CA SER A 546 17.20 -27.89 18.05
C SER A 546 17.90 -27.59 16.71
N ARG A 547 17.12 -27.45 15.64
CA ARG A 547 17.73 -27.21 14.34
C ARG A 547 18.53 -25.91 14.34
N ALA A 548 17.96 -24.84 14.91
CA ALA A 548 18.69 -23.57 15.01
C ALA A 548 20.00 -23.76 15.78
N ARG A 549 19.93 -24.40 16.95
CA ARG A 549 21.16 -24.52 17.75
C ARG A 549 22.20 -25.34 17.02
N ARG A 550 21.79 -26.46 16.41
CA ARG A 550 22.71 -27.33 15.70
C ARG A 550 23.37 -26.60 14.53
N LEU A 551 22.57 -25.91 13.70
CA LEU A 551 23.13 -25.19 12.57
C LEU A 551 23.99 -24.03 13.02
N LYS A 552 23.57 -23.30 14.05
CA LYS A 552 24.40 -22.22 14.56
C LYS A 552 25.75 -22.75 15.01
N SER A 553 25.78 -23.92 15.67
CA SER A 553 27.06 -24.52 16.04
C SER A 553 27.91 -24.79 14.80
N LEU A 554 27.33 -25.47 13.81
CA LEU A 554 28.09 -25.86 12.62
C LEU A 554 28.65 -24.65 11.89
N VAL A 555 27.84 -23.61 11.71
CA VAL A 555 28.26 -22.47 10.89
C VAL A 555 29.30 -21.64 11.63
N ALA A 556 29.13 -21.46 12.94
CA ALA A 556 30.12 -20.71 13.71
C ALA A 556 31.44 -21.48 13.81
N ALA A 557 31.39 -22.82 13.82
CA ALA A 557 32.59 -23.62 13.97
C ALA A 557 33.42 -23.73 12.69
N ALA A 558 32.93 -23.22 11.56
CA ALA A 558 33.66 -23.32 10.30
C ALA A 558 34.15 -21.94 9.86
N PRO A 559 35.40 -21.56 10.16
CA PRO A 559 35.87 -20.22 9.76
C PRO A 559 35.98 -20.05 8.26
N VAL A 560 36.02 -21.13 7.51
CA VAL A 560 36.00 -21.11 6.05
C VAL A 560 35.08 -22.25 5.63
N SER A 561 34.07 -21.96 4.82
CA SER A 561 33.21 -23.03 4.34
C SER A 561 32.87 -22.79 2.88
N SER A 562 32.49 -23.86 2.19
CA SER A 562 32.25 -23.90 0.76
C SER A 562 30.78 -24.20 0.46
N LEU A 563 30.41 -24.20 -0.83
CA LEU A 563 29.07 -24.64 -1.20
C LEU A 563 28.84 -26.10 -0.81
N ARG A 564 29.87 -26.92 -0.99
CA ARG A 564 29.77 -28.32 -0.58
C ARG A 564 29.42 -28.43 0.91
N ASP A 565 30.01 -27.57 1.75
CA ASP A 565 29.73 -27.63 3.18
C ASP A 565 28.28 -27.24 3.50
N SER A 566 27.75 -26.22 2.83
CA SER A 566 26.35 -25.84 3.08
C SER A 566 25.39 -26.92 2.62
N ILE A 567 25.69 -27.59 1.50
CA ILE A 567 24.86 -28.70 1.06
C ILE A 567 24.86 -29.80 2.11
N ALA A 568 26.05 -30.07 2.69
CA ALA A 568 26.13 -31.09 3.71
C ALA A 568 25.34 -30.70 4.95
N TRP A 569 25.34 -29.41 5.31
CA TRP A 569 24.58 -28.97 6.48
C TRP A 569 23.08 -29.13 6.26
N GLN A 570 22.61 -28.89 5.04
CA GLN A 570 21.21 -29.14 4.75
C GLN A 570 20.86 -30.61 4.87
N ASN A 571 21.86 -31.48 4.84
CA ASN A 571 21.69 -32.91 4.97
C ASN A 571 22.10 -33.44 6.34
N ASP A 572 22.32 -32.56 7.32
CA ASP A 572 22.79 -33.02 8.62
C ASP A 572 21.68 -33.72 9.37
N THR A 573 21.99 -34.89 9.97
CA THR A 573 20.99 -35.67 10.67
C THR A 573 21.29 -35.89 12.15
N VAL A 574 22.12 -35.05 12.76
CA VAL A 574 22.33 -35.11 14.21
C VAL A 574 21.13 -34.52 14.93
N SER A 575 20.57 -35.29 15.87
CA SER A 575 19.39 -34.89 16.65
C SER A 575 19.83 -34.48 18.05
N LEU A 576 19.71 -33.18 18.36
CA LEU A 576 20.03 -32.74 19.71
C LEU A 576 19.07 -33.34 20.72
N PRO A 577 17.77 -33.54 20.43
CA PRO A 577 16.94 -34.27 21.40
C PRO A 577 17.47 -35.66 21.69
N ALA A 578 17.93 -36.38 20.67
CA ALA A 578 18.55 -37.68 20.91
C ALA A 578 19.74 -37.56 21.83
N GLN A 579 20.64 -36.63 21.55
CA GLN A 579 21.85 -36.52 22.35
C GLN A 579 21.52 -36.19 23.81
N ARG A 580 20.55 -35.30 24.03
CA ARG A 580 20.18 -34.93 25.39
C ARG A 580 19.51 -36.08 26.11
N THR A 581 18.68 -36.85 25.39
CA THR A 581 18.06 -38.02 26.01
C THR A 581 19.12 -39.06 26.35
N LEU A 582 20.06 -39.30 25.45
CA LEU A 582 21.15 -40.22 25.77
C LEU A 582 21.88 -39.77 27.03
N ALA A 583 22.21 -38.47 27.12
CA ALA A 583 22.89 -37.96 28.30
C ALA A 583 22.07 -38.23 29.57
N VAL A 584 20.75 -38.03 29.51
CA VAL A 584 19.94 -38.37 30.68
C VAL A 584 20.05 -39.86 31.00
N MET A 585 20.05 -40.72 29.97
CA MET A 585 20.08 -42.15 30.23
C MET A 585 21.32 -42.56 31.00
N ARG A 586 22.46 -41.92 30.73
CA ARG A 586 23.69 -42.24 31.43
C ARG A 586 23.59 -41.95 32.92
N THR A 587 22.60 -41.16 33.34
CA THR A 587 22.43 -40.81 34.75
C THR A 587 21.37 -41.65 35.43
N VAL A 588 20.72 -42.56 34.71
CA VAL A 588 19.67 -43.36 35.32
C VAL A 588 20.30 -44.23 36.41
N GLY A 589 19.70 -44.23 37.59
CA GLY A 589 20.24 -44.95 38.72
C GLY A 589 19.82 -46.41 38.72
N ASN A 590 20.76 -47.28 39.05
CA ASN A 590 20.47 -48.71 39.22
C ASN A 590 19.90 -48.88 40.62
N ALA A 591 18.71 -48.30 40.82
CA ALA A 591 18.07 -48.18 42.12
C ALA A 591 16.57 -48.02 41.90
N GLY A 592 15.80 -48.36 42.93
CA GLY A 592 14.34 -48.36 42.84
C GLY A 592 13.88 -49.35 41.77
N ALA A 593 12.64 -49.17 41.31
CA ALA A 593 12.07 -50.08 40.32
C ALA A 593 12.90 -50.13 39.05
N ALA A 594 13.56 -49.04 38.70
CA ALA A 594 14.41 -49.00 37.52
C ALA A 594 15.45 -50.12 37.54
N ALA A 595 16.06 -50.37 38.71
CA ALA A 595 17.09 -51.42 38.78
C ALA A 595 16.55 -52.77 38.35
N SER A 596 15.32 -53.10 38.73
CA SER A 596 14.71 -54.33 38.25
C SER A 596 14.49 -54.30 36.73
N LEU A 597 14.03 -53.16 36.19
CA LEU A 597 13.81 -53.06 34.76
C LEU A 597 15.09 -53.28 33.97
N LEU A 598 16.22 -52.79 34.48
CA LEU A 598 17.51 -53.08 33.84
C LEU A 598 17.83 -54.57 33.84
N GLN A 599 17.06 -55.38 34.55
CA GLN A 599 17.21 -56.83 34.53
C GLN A 599 16.42 -57.48 33.40
N ASP A 600 15.57 -56.70 32.72
CA ASP A 600 14.79 -57.22 31.63
C ASP A 600 15.68 -57.38 30.41
N PRO A 601 15.78 -58.57 29.81
CA PRO A 601 16.66 -58.73 28.63
C PRO A 601 16.30 -57.79 27.50
N GLN A 602 15.02 -57.48 27.33
CA GLN A 602 14.59 -56.57 26.27
C GLN A 602 15.04 -55.14 26.55
N VAL A 603 14.92 -54.70 27.81
CA VAL A 603 15.46 -53.40 28.20
C VAL A 603 16.97 -53.36 27.98
N GLN A 604 17.68 -54.42 28.36
CA GLN A 604 19.14 -54.38 28.22
C GLN A 604 19.54 -54.40 26.74
N ARG A 605 18.72 -55.01 25.89
N ARG A 605 18.71 -55.02 25.89
CA ARG A 605 18.95 -54.96 24.45
CA ARG A 605 18.93 -54.99 24.46
C ARG A 605 18.85 -53.54 23.92
C ARG A 605 18.85 -53.55 23.93
N ALA A 606 17.78 -52.84 24.30
CA ALA A 606 17.63 -51.44 23.90
C ALA A 606 18.78 -50.59 24.42
N VAL A 607 19.11 -50.72 25.71
CA VAL A 607 20.20 -49.93 26.27
C VAL A 607 21.49 -50.17 25.49
N ALA A 608 21.77 -51.41 25.10
CA ALA A 608 22.97 -51.69 24.33
C ALA A 608 22.95 -50.94 23.01
N LEU A 609 21.80 -50.95 22.32
CA LEU A 609 21.70 -50.20 21.07
C LEU A 609 22.02 -48.73 21.27
N LEU A 610 21.45 -48.12 22.31
CA LEU A 610 21.65 -46.69 22.54
C LEU A 610 23.06 -46.37 23.00
N ARG A 611 23.67 -47.26 23.79
CA ARG A 611 25.01 -47.03 24.33
C ARG A 611 26.03 -46.67 23.25
N GLY A 612 26.06 -47.44 22.16
CA GLY A 612 27.02 -47.15 21.10
C GLY A 612 26.46 -46.25 20.01
N TRP A 613 25.61 -45.29 20.37
CA TRP A 613 25.04 -44.37 19.41
C TRP A 613 25.41 -42.92 19.74
N ASP A 614 25.64 -42.12 18.69
CA ASP A 614 26.01 -40.71 18.80
C ASP A 614 24.85 -39.75 18.53
N GLY A 615 23.61 -40.24 18.45
CA GLY A 615 22.50 -39.36 18.15
C GLY A 615 22.39 -38.91 16.70
N ASN A 616 23.13 -39.53 15.79
CA ASN A 616 23.04 -39.22 14.37
C ASN A 616 21.95 -40.10 13.76
N VAL A 617 20.85 -39.50 13.36
CA VAL A 617 19.67 -40.25 12.94
C VAL A 617 19.85 -40.67 11.48
N ARG A 618 20.76 -41.61 11.25
CA ARG A 618 21.07 -42.08 9.90
C ARG A 618 20.03 -43.10 9.41
N ALA A 619 19.82 -43.11 8.10
CA ALA A 619 18.95 -44.12 7.51
C ALA A 619 19.43 -45.54 7.81
N ASP A 620 20.75 -45.77 7.83
CA ASP A 620 21.26 -47.11 8.02
C ASP A 620 21.49 -47.49 9.48
N SER A 621 20.93 -46.73 10.43
CA SER A 621 21.20 -46.91 11.84
C SER A 621 20.04 -47.63 12.54
N VAL A 622 20.35 -48.72 13.24
CA VAL A 622 19.34 -49.39 14.05
C VAL A 622 19.07 -48.62 15.34
N PRO A 623 20.09 -48.12 16.05
CA PRO A 623 19.79 -47.29 17.24
C PRO A 623 18.90 -46.11 16.92
N ALA A 624 19.07 -45.49 15.75
CA ALA A 624 18.20 -44.38 15.37
C ALA A 624 16.75 -44.82 15.26
N ALA A 625 16.49 -46.01 14.71
CA ALA A 625 15.11 -46.49 14.61
C ALA A 625 14.50 -46.65 15.99
N LEU A 626 15.22 -47.32 16.90
CA LEU A 626 14.76 -47.46 18.28
C LEU A 626 14.42 -46.10 18.88
N PHE A 627 15.33 -45.15 18.74
CA PHE A 627 15.14 -43.84 19.36
C PHE A 627 13.92 -43.12 18.78
N GLU A 628 13.75 -43.14 17.45
CA GLU A 628 12.62 -42.41 16.88
C GLU A 628 11.29 -43.04 17.30
N ILE A 629 11.22 -44.38 17.30
CA ILE A 629 10.06 -45.06 17.86
C ILE A 629 9.80 -44.59 19.29
N TRP A 630 10.84 -44.61 20.11
CA TRP A 630 10.72 -44.27 21.52
C TRP A 630 10.29 -42.81 21.68
N PHE A 631 10.99 -41.90 21.01
CA PHE A 631 10.77 -40.48 21.26
C PHE A 631 9.44 -39.98 20.71
N SER A 632 8.90 -40.64 19.69
N SER A 632 8.90 -40.64 19.69
CA SER A 632 7.63 -40.18 19.12
CA SER A 632 7.63 -40.19 19.11
C SER A 632 6.41 -40.87 19.72
C SER A 632 6.43 -40.87 19.74
N ASN A 633 6.48 -42.18 19.96
CA ASN A 633 5.32 -42.95 20.35
C ASN A 633 5.34 -43.54 21.76
N HIS A 634 6.39 -43.36 22.54
CA HIS A 634 6.42 -44.00 23.85
C HIS A 634 6.89 -43.11 24.99
N LEU A 635 8.11 -42.57 24.89
CA LEU A 635 8.73 -41.92 26.03
C LEU A 635 7.92 -40.73 26.52
N ARG A 636 7.59 -39.79 25.62
CA ARG A 636 7.02 -38.53 26.06
C ARG A 636 5.61 -38.71 26.62
N GLN A 637 4.80 -39.55 25.96
CA GLN A 637 3.49 -39.87 26.51
C GLN A 637 3.63 -40.42 27.92
N ALA A 638 4.66 -41.23 28.16
CA ALA A 638 4.83 -41.84 29.48
C ALA A 638 5.27 -40.80 30.51
N VAL A 639 6.18 -39.90 30.12
CA VAL A 639 6.59 -38.82 31.03
C VAL A 639 5.39 -37.97 31.40
N VAL A 640 4.57 -37.59 30.39
CA VAL A 640 3.43 -36.72 30.66
C VAL A 640 2.43 -37.42 31.58
N ARG A 641 2.17 -38.71 31.32
N ARG A 641 2.16 -38.70 31.33
CA ARG A 641 1.27 -39.48 32.17
CA ARG A 641 1.24 -39.43 32.19
C ARG A 641 1.79 -39.59 33.60
C ARG A 641 1.79 -39.63 33.59
N ALA A 642 3.11 -39.56 33.78
CA ALA A 642 3.68 -39.62 35.12
C ALA A 642 3.71 -38.25 35.79
N ALA A 643 3.46 -37.17 35.06
CA ALA A 643 3.50 -35.82 35.61
C ALA A 643 2.13 -35.18 35.83
N LEU A 644 1.09 -35.69 35.19
CA LEU A 644 -0.22 -35.06 35.19
C LEU A 644 -1.32 -36.05 35.57
N PRO A 645 -2.43 -35.57 36.13
CA PRO A 645 -3.60 -36.44 36.29
C PRO A 645 -3.98 -37.03 34.94
N GLU A 646 -4.68 -38.16 34.99
CA GLU A 646 -4.89 -38.97 33.80
C GLU A 646 -5.57 -38.19 32.68
N ASP A 647 -6.54 -37.34 33.01
CA ASP A 647 -7.34 -36.73 31.95
C ASP A 647 -6.60 -35.56 31.30
N ALA A 648 -5.84 -34.78 32.08
CA ALA A 648 -4.96 -33.79 31.47
C ALA A 648 -3.86 -34.47 30.65
N ALA A 649 -3.36 -35.60 31.14
CA ALA A 649 -2.33 -36.32 30.37
C ALA A 649 -2.88 -36.76 29.02
N LYS A 650 -4.12 -37.23 28.98
CA LYS A 650 -4.70 -37.64 27.71
C LYS A 650 -4.81 -36.46 26.74
N LEU A 651 -5.13 -35.28 27.26
CA LEU A 651 -5.21 -34.11 26.39
C LEU A 651 -3.83 -33.71 25.88
N VAL A 652 -2.81 -33.81 26.74
CA VAL A 652 -1.47 -33.34 26.36
C VAL A 652 -0.78 -34.33 25.44
N GLY A 653 -1.02 -35.63 25.61
CA GLY A 653 -0.40 -36.63 24.73
C GLY A 653 1.11 -36.64 24.92
N ALA A 654 1.85 -36.56 23.80
CA ALA A 654 3.30 -36.51 23.89
C ALA A 654 3.82 -35.13 24.24
N GLY A 655 2.94 -34.14 24.26
CA GLY A 655 3.31 -32.78 24.64
C GLY A 655 4.40 -32.18 23.76
N ASP A 656 5.04 -31.18 24.32
CA ASP A 656 6.08 -30.42 23.62
C ASP A 656 7.44 -31.04 23.91
N ALA A 657 8.19 -31.39 22.83
CA ALA A 657 9.44 -32.13 23.04
C ALA A 657 10.43 -31.36 23.91
N ALA A 658 10.59 -30.05 23.68
CA ALA A 658 11.53 -29.27 24.47
C ALA A 658 11.14 -29.26 25.95
N ARG A 659 9.84 -29.13 26.23
CA ARG A 659 9.41 -29.06 27.63
C ARG A 659 9.53 -30.42 28.31
N VAL A 660 9.19 -31.50 27.60
CA VAL A 660 9.37 -32.84 28.16
C VAL A 660 10.86 -33.14 28.37
N LEU A 661 11.70 -32.73 27.41
CA LEU A 661 13.14 -32.88 27.61
C LEU A 661 13.59 -32.17 28.88
N ALA A 662 13.01 -31.01 29.17
CA ALA A 662 13.42 -30.25 30.35
C ALA A 662 13.11 -31.02 31.63
N VAL A 663 11.95 -31.68 31.68
CA VAL A 663 11.56 -32.48 32.83
C VAL A 663 12.48 -33.68 32.98
N LEU A 664 12.78 -34.35 31.87
CA LEU A 664 13.71 -35.47 31.93
C LEU A 664 15.04 -35.03 32.52
N GLU A 665 15.53 -33.84 32.14
CA GLU A 665 16.83 -33.41 32.66
C GLU A 665 16.74 -32.90 34.09
N GLN A 666 15.61 -32.33 34.50
CA GLN A 666 15.42 -31.85 35.88
C GLN A 666 14.03 -32.21 36.34
N PRO A 667 13.83 -33.44 36.81
CA PRO A 667 12.48 -33.91 37.17
C PRO A 667 11.99 -33.48 38.54
N ASP A 668 12.82 -32.75 39.30
CA ASP A 668 12.59 -32.58 40.74
C ASP A 668 11.14 -32.23 41.07
N THR A 669 10.64 -31.12 40.52
CA THR A 669 9.33 -30.62 40.90
C THR A 669 8.19 -31.31 40.18
N TRP A 670 8.48 -32.32 39.36
CA TRP A 670 7.48 -33.04 38.60
C TRP A 670 7.28 -34.48 39.06
N MET A 671 8.36 -35.16 39.43
CA MET A 671 8.29 -36.52 39.89
C MET A 671 9.65 -36.89 40.50
N PRO A 672 9.67 -37.87 41.40
CA PRO A 672 10.96 -38.34 41.94
C PRO A 672 11.87 -38.82 40.81
N THR A 673 13.17 -38.58 40.98
CA THR A 673 14.13 -39.07 39.99
C THR A 673 13.95 -40.56 39.71
N ALA A 674 13.63 -41.35 40.75
CA ALA A 674 13.43 -42.78 40.54
C ALA A 674 12.22 -43.05 39.63
N ARG A 675 11.15 -42.27 39.79
CA ARG A 675 10.00 -42.40 38.91
C ARG A 675 10.34 -42.01 37.48
N ARG A 676 11.12 -40.95 37.31
CA ARG A 676 11.67 -40.61 36.00
C ARG A 676 12.36 -41.80 35.37
N ASP A 677 13.29 -42.41 36.11
CA ASP A 677 14.02 -43.57 35.57
C ASP A 677 13.07 -44.69 35.20
N GLU A 678 12.11 -45.00 36.08
CA GLU A 678 11.16 -46.07 35.81
C GLU A 678 10.37 -45.80 34.53
N VAL A 679 9.92 -44.55 34.35
CA VAL A 679 9.16 -44.21 33.16
C VAL A 679 10.01 -44.39 31.91
N MET A 680 11.27 -43.95 31.95
CA MET A 680 12.12 -44.06 30.77
C MET A 680 12.30 -45.52 30.36
N LEU A 681 12.59 -46.41 31.32
CA LEU A 681 12.88 -47.79 30.97
C LEU A 681 11.61 -48.55 30.60
N THR A 682 10.50 -48.29 31.28
CA THR A 682 9.24 -48.91 30.89
C THR A 682 8.87 -48.54 29.45
N SER A 683 8.93 -47.24 29.12
CA SER A 683 8.57 -46.87 27.76
C SER A 683 9.62 -47.36 26.75
N LEU A 684 10.89 -47.41 27.15
CA LEU A 684 11.92 -47.93 26.26
C LEU A 684 11.68 -49.39 25.93
N LYS A 685 11.25 -50.19 26.91
CA LYS A 685 10.89 -51.57 26.66
C LYS A 685 9.80 -51.67 25.62
N ALA A 686 8.76 -50.85 25.75
CA ALA A 686 7.68 -50.88 24.77
C ALA A 686 8.16 -50.47 23.39
N ALA A 687 9.11 -49.53 23.33
CA ALA A 687 9.69 -49.12 22.04
C ALA A 687 10.49 -50.26 21.42
N MET A 688 11.28 -50.95 22.24
CA MET A 688 12.03 -52.11 21.76
C MET A 688 11.11 -53.20 21.25
N ALA A 689 10.03 -53.47 22.00
CA ALA A 689 9.05 -54.44 21.53
C ALA A 689 8.51 -54.03 20.16
N GLU A 690 8.19 -52.74 19.99
CA GLU A 690 7.67 -52.32 18.69
C GLU A 690 8.71 -52.47 17.57
N LEU A 691 9.96 -52.08 17.83
CA LEU A 691 11.01 -52.23 16.83
C LEU A 691 11.16 -53.70 16.42
N GLU A 692 11.17 -54.61 17.40
CA GLU A 692 11.25 -56.03 17.05
C GLU A 692 10.04 -56.47 16.26
N ARG A 693 8.85 -56.01 16.70
N ARG A 693 8.85 -56.01 16.70
CA ARG A 693 7.61 -56.31 16.00
CA ARG A 693 7.61 -56.32 15.99
C ARG A 693 7.64 -55.83 14.56
C ARG A 693 7.65 -55.83 14.55
N ARG A 694 8.33 -54.72 14.29
CA ARG A 694 8.38 -54.14 12.95
C ARG A 694 9.54 -54.65 12.10
N SER A 695 10.41 -55.49 12.66
CA SER A 695 11.60 -55.95 11.95
C SER A 695 11.35 -57.31 11.30
N PRO A 696 12.19 -57.69 10.31
CA PRO A 696 12.10 -59.05 9.75
C PRO A 696 12.06 -60.13 10.81
N SER A 697 12.95 -60.06 11.81
CA SER A 697 12.94 -60.94 12.96
C SER A 697 13.55 -60.18 14.14
N PRO A 698 13.28 -60.63 15.37
CA PRO A 698 13.85 -59.93 16.55
C PRO A 698 15.38 -59.91 16.60
N GLU A 699 16.08 -60.62 15.71
CA GLU A 699 17.54 -60.59 15.70
C GLU A 699 18.15 -59.88 14.49
N LYS A 700 17.35 -59.54 13.47
CA LYS A 700 17.78 -58.76 12.31
C LYS A 700 16.90 -57.53 12.28
N LEU A 701 17.28 -56.52 13.06
CA LEU A 701 16.43 -55.38 13.36
C LEU A 701 16.38 -54.39 12.20
N ALA A 702 15.25 -53.71 12.09
CA ALA A 702 15.09 -52.70 11.06
C ALA A 702 15.99 -51.50 11.34
N THR A 703 16.65 -51.01 10.29
CA THR A 703 17.26 -49.69 10.37
C THR A 703 16.19 -48.62 10.29
N TRP A 704 16.57 -47.40 10.68
CA TRP A 704 15.63 -46.28 10.58
C TRP A 704 15.10 -46.12 9.17
N GLY A 705 15.98 -46.22 8.17
CA GLY A 705 15.53 -46.03 6.79
C GLY A 705 14.57 -47.12 6.33
N THR A 706 14.68 -48.33 6.89
CA THR A 706 13.73 -49.40 6.59
C THR A 706 12.32 -49.00 6.97
N LEU A 707 12.16 -48.23 8.06
CA LEU A 707 10.85 -47.77 8.49
C LEU A 707 10.47 -46.41 7.90
N HIS A 708 11.45 -45.52 7.76
CA HIS A 708 11.21 -44.10 7.46
C HIS A 708 11.19 -43.95 5.94
N ARG A 709 10.05 -44.30 5.35
CA ARG A 709 9.94 -44.39 3.89
C ARG A 709 9.61 -43.02 3.31
N ALA A 710 10.35 -42.62 2.28
CA ALA A 710 10.11 -41.37 1.56
C ALA A 710 9.25 -41.68 0.33
N ILE A 711 7.95 -41.77 0.56
CA ILE A 711 6.99 -41.93 -0.55
C ILE A 711 6.31 -40.59 -0.75
N PHE A 712 6.41 -40.03 -1.95
CA PHE A 712 5.72 -38.79 -2.28
C PHE A 712 4.33 -39.14 -2.79
N ARG A 713 3.33 -38.82 -1.98
CA ARG A 713 1.95 -39.25 -2.21
C ARG A 713 1.22 -38.20 -3.04
N HIS A 714 0.41 -38.66 -3.99
CA HIS A 714 -0.47 -37.90 -4.86
C HIS A 714 -1.84 -37.77 -4.21
N PRO A 715 -2.55 -36.65 -4.40
CA PRO A 715 -3.83 -36.48 -3.70
C PRO A 715 -4.86 -37.56 -3.98
N LEU A 716 -4.78 -38.21 -5.14
CA LEU A 716 -5.76 -39.24 -5.50
C LEU A 716 -5.34 -40.65 -5.12
N ALA A 717 -4.23 -40.80 -4.39
CA ALA A 717 -3.67 -42.13 -4.13
C ALA A 717 -4.66 -43.04 -3.42
N ASN A 718 -5.51 -42.50 -2.57
CA ASN A 718 -6.36 -43.38 -1.77
C ASN A 718 -7.66 -43.76 -2.49
N ILE A 719 -7.93 -43.23 -3.69
CA ILE A 719 -9.19 -43.53 -4.35
C ILE A 719 -9.00 -44.17 -5.73
N VAL A 720 -7.76 -44.48 -6.10
CA VAL A 720 -7.49 -45.18 -7.35
C VAL A 720 -6.97 -46.58 -7.02
N ASP A 721 -6.90 -47.44 -8.05
CA ASP A 721 -6.46 -48.82 -7.83
C ASP A 721 -4.93 -48.92 -7.73
N ASP A 722 -4.43 -50.12 -7.43
CA ASP A 722 -2.99 -50.26 -7.17
C ASP A 722 -2.14 -49.86 -8.36
N ALA A 723 -2.51 -50.30 -9.57
CA ALA A 723 -1.70 -49.97 -10.74
C ALA A 723 -1.64 -48.46 -10.97
N THR A 724 -2.77 -47.77 -10.76
CA THR A 724 -2.80 -46.33 -10.98
C THR A 724 -2.05 -45.60 -9.87
N ARG A 725 -2.18 -46.07 -8.63
CA ARG A 725 -1.47 -45.45 -7.52
C ARG A 725 0.03 -45.53 -7.74
N ALA A 726 0.51 -46.65 -8.27
CA ALA A 726 1.93 -46.84 -8.44
C ALA A 726 2.52 -45.82 -9.41
N GLN A 727 1.72 -45.31 -10.34
CA GLN A 727 2.19 -44.29 -11.26
C GLN A 727 2.01 -42.87 -10.71
N TYR A 728 1.01 -42.63 -9.83
CA TYR A 728 0.84 -41.29 -9.26
C TYR A 728 1.84 -41.01 -8.13
N ASN A 729 2.13 -42.01 -7.29
CA ASN A 729 3.05 -41.88 -6.16
C ASN A 729 4.49 -42.06 -6.63
N VAL A 730 5.43 -41.48 -5.86
CA VAL A 730 6.85 -41.60 -6.15
C VAL A 730 7.55 -42.14 -4.91
N ASP A 731 8.07 -43.37 -5.01
CA ASP A 731 8.78 -44.03 -3.92
C ASP A 731 10.27 -43.74 -4.08
N ALA A 732 10.84 -43.00 -3.14
CA ALA A 732 12.25 -42.66 -3.20
C ALA A 732 13.07 -43.49 -2.23
N GLY A 733 12.46 -44.50 -1.60
CA GLY A 733 13.20 -45.36 -0.69
C GLY A 733 13.25 -44.82 0.73
N GLY A 734 14.19 -45.38 1.50
CA GLY A 734 14.36 -44.97 2.88
C GLY A 734 15.17 -43.70 3.00
N ILE A 735 14.94 -42.97 4.10
CA ILE A 735 15.62 -41.70 4.32
C ILE A 735 15.94 -41.58 5.81
N GLY A 736 16.97 -40.81 6.13
CA GLY A 736 17.31 -40.52 7.52
C GLY A 736 16.64 -39.25 8.00
N GLY A 737 16.98 -38.85 9.24
CA GLY A 737 16.50 -37.60 9.80
C GLY A 737 15.17 -37.73 10.54
N SER A 738 14.79 -36.61 11.16
CA SER A 738 13.55 -36.51 11.92
C SER A 738 13.02 -35.09 11.79
N ALA A 739 11.98 -34.75 12.55
CA ALA A 739 11.51 -33.37 12.61
C ALA A 739 12.53 -32.45 13.27
N PHE A 740 13.50 -33.00 14.00
CA PHE A 740 14.40 -32.18 14.81
C PHE A 740 15.80 -32.07 14.24
N THR A 741 16.08 -32.69 13.09
CA THR A 741 17.39 -32.60 12.45
C THR A 741 17.36 -31.55 11.36
N PRO A 742 18.48 -30.85 11.11
CA PRO A 742 18.49 -29.85 10.02
C PRO A 742 17.93 -30.41 8.72
N MET A 743 18.36 -31.62 8.33
CA MET A 743 17.64 -32.31 7.27
C MET A 743 16.31 -32.81 7.82
N ASN A 744 15.30 -31.93 7.77
CA ASN A 744 14.01 -32.21 8.38
C ASN A 744 13.24 -33.23 7.56
N THR A 745 12.95 -34.41 8.14
CA THR A 745 12.11 -35.42 7.49
C THR A 745 11.01 -35.85 8.48
N SER A 746 10.17 -34.89 8.87
CA SER A 746 9.04 -35.16 9.76
C SER A 746 8.20 -36.30 9.21
N TYR A 747 7.64 -37.10 10.12
CA TYR A 747 6.91 -38.30 9.74
C TYR A 747 5.61 -38.40 10.51
N ARG A 748 4.70 -39.25 10.01
CA ARG A 748 3.50 -39.60 10.75
C ARG A 748 3.78 -40.77 11.69
N ASN A 749 3.13 -40.76 12.85
CA ASN A 749 3.51 -41.72 13.88
C ASN A 749 2.95 -43.13 13.64
N SER A 750 2.02 -43.30 12.70
CA SER A 750 1.45 -44.62 12.47
C SER A 750 2.46 -45.60 11.90
N ASP A 751 3.27 -45.15 10.93
CA ASP A 751 4.20 -46.04 10.25
C ASP A 751 5.55 -45.39 9.95
N TYR A 752 5.80 -44.17 10.44
CA TYR A 752 7.06 -43.47 10.32
C TYR A 752 7.33 -42.99 8.89
N HIS A 753 6.35 -43.05 8.00
CA HIS A 753 6.58 -42.56 6.65
C HIS A 753 6.72 -41.04 6.62
N LEU A 754 7.53 -40.56 5.69
CA LEU A 754 7.77 -39.14 5.49
C LEU A 754 6.48 -38.37 5.23
N THR A 755 6.33 -37.21 5.89
CA THR A 755 5.23 -36.30 5.57
C THR A 755 5.65 -34.87 5.29
N ALA A 756 6.80 -34.40 5.77
CA ALA A 756 7.13 -32.99 5.62
C ALA A 756 8.64 -32.80 5.75
N GLY A 757 9.13 -31.68 5.22
CA GLY A 757 10.55 -31.39 5.23
C GLY A 757 10.93 -30.62 3.97
N ALA A 758 12.23 -30.52 3.72
CA ALA A 758 12.67 -29.79 2.54
C ALA A 758 12.44 -30.65 1.31
N SER A 759 11.69 -30.11 0.35
CA SER A 759 11.64 -30.64 -1.01
C SER A 759 12.54 -29.80 -1.90
N PHE A 760 12.22 -28.53 -2.05
CA PHE A 760 13.13 -27.58 -2.66
C PHE A 760 14.24 -27.22 -1.67
N ARG A 761 15.49 -27.28 -2.13
CA ARG A 761 16.66 -26.84 -1.36
C ARG A 761 17.51 -25.98 -2.29
N MET A 762 18.26 -25.01 -1.72
CA MET A 762 19.06 -24.12 -2.53
C MET A 762 20.30 -23.68 -1.76
N VAL A 763 21.44 -23.66 -2.45
CA VAL A 763 22.69 -23.11 -1.92
C VAL A 763 23.30 -22.28 -3.04
N LEU A 764 23.43 -20.98 -2.81
CA LEU A 764 23.84 -20.06 -3.86
C LEU A 764 25.25 -19.56 -3.62
N ASP A 765 26.05 -19.51 -4.68
CA ASP A 765 27.28 -18.71 -4.74
C ASP A 765 26.85 -17.32 -5.17
N VAL A 766 26.83 -16.38 -4.24
CA VAL A 766 26.18 -15.09 -4.49
C VAL A 766 27.16 -14.24 -5.30
N GLY A 767 26.93 -14.14 -6.61
CA GLY A 767 27.75 -13.35 -7.50
C GLY A 767 28.42 -14.15 -8.60
N ASN A 768 28.69 -15.43 -8.37
CA ASN A 768 29.09 -16.35 -9.45
C ASN A 768 27.93 -17.30 -9.69
N TRP A 769 26.89 -16.77 -10.35
CA TRP A 769 25.56 -17.34 -10.21
C TRP A 769 25.46 -18.77 -10.74
N ASP A 770 26.20 -19.08 -11.81
CA ASP A 770 26.09 -20.41 -12.42
C ASP A 770 26.58 -21.53 -11.50
N GLN A 771 27.25 -21.20 -10.41
CA GLN A 771 27.71 -22.18 -9.43
C GLN A 771 26.64 -22.52 -8.41
N GLY A 772 25.47 -21.89 -8.49
CA GLY A 772 24.39 -22.20 -7.58
C GLY A 772 23.87 -23.61 -7.77
N ARG A 773 23.41 -24.21 -6.67
CA ARG A 773 22.92 -25.58 -6.64
C ARG A 773 21.52 -25.63 -6.05
N VAL A 774 20.67 -26.50 -6.59
CA VAL A 774 19.32 -26.67 -6.10
C VAL A 774 18.92 -28.13 -6.21
N VAL A 775 17.80 -28.47 -5.56
CA VAL A 775 17.10 -29.72 -5.82
C VAL A 775 15.63 -29.44 -5.60
N ASN A 776 14.80 -30.31 -6.16
CA ASN A 776 13.37 -30.30 -5.90
C ASN A 776 12.97 -31.75 -5.88
N THR A 777 11.76 -32.05 -5.41
CA THR A 777 11.41 -33.47 -5.39
C THR A 777 9.91 -33.59 -5.26
N PRO A 778 9.27 -34.55 -5.96
CA PRO A 778 9.94 -35.56 -6.80
C PRO A 778 10.35 -35.12 -8.21
N GLY A 779 9.85 -33.99 -8.68
CA GLY A 779 10.16 -33.56 -10.03
C GLY A 779 9.58 -32.19 -10.33
N GLN A 780 10.02 -31.65 -11.46
CA GLN A 780 9.49 -30.37 -11.91
C GLN A 780 8.12 -30.50 -12.55
N SER A 781 7.84 -31.63 -13.18
CA SER A 781 6.56 -31.81 -13.86
C SER A 781 5.53 -32.43 -12.92
N GLY A 782 4.28 -31.99 -13.06
CA GLY A 782 3.18 -32.65 -12.40
C GLY A 782 2.47 -33.68 -13.26
N ASP A 783 3.00 -33.98 -14.45
CA ASP A 783 2.39 -34.93 -15.37
C ASP A 783 3.02 -36.31 -15.18
N PRO A 784 2.30 -37.30 -14.66
CA PRO A 784 2.93 -38.61 -14.42
C PRO A 784 3.48 -39.28 -15.66
N GLY A 785 3.03 -38.89 -16.85
CA GLY A 785 3.59 -39.43 -18.06
C GLY A 785 4.86 -38.76 -18.55
N ASN A 786 5.32 -37.73 -17.83
CA ASN A 786 6.51 -36.96 -18.19
C ASN A 786 7.67 -37.42 -17.31
N SER A 787 8.84 -37.58 -17.89
CA SER A 787 9.94 -38.11 -17.08
C SER A 787 10.37 -37.13 -15.99
N HIS A 788 10.02 -35.84 -16.12
CA HIS A 788 10.33 -34.87 -15.06
C HIS A 788 9.35 -34.98 -13.88
N TYR A 789 8.45 -35.95 -13.90
CA TYR A 789 7.58 -36.17 -12.75
C TYR A 789 8.33 -36.75 -11.56
N ARG A 790 9.36 -37.55 -11.83
CA ARG A 790 9.96 -38.38 -10.78
C ARG A 790 11.47 -38.44 -10.92
N ASP A 791 12.08 -37.65 -11.82
CA ASP A 791 13.50 -37.78 -12.04
C ASP A 791 14.35 -37.07 -10.99
N LEU A 792 13.77 -36.18 -10.19
CA LEU A 792 14.59 -35.50 -9.20
C LEU A 792 14.62 -36.20 -7.86
N ALA A 793 13.63 -37.06 -7.59
CA ALA A 793 13.57 -37.73 -6.29
C ALA A 793 14.86 -38.48 -5.94
N PRO A 794 15.53 -39.19 -6.85
CA PRO A 794 16.79 -39.87 -6.45
C PRO A 794 17.90 -38.89 -6.13
N ILE A 795 17.97 -37.75 -6.83
CA ILE A 795 18.97 -36.74 -6.49
C ILE A 795 18.74 -36.25 -5.07
N TRP A 796 17.49 -35.91 -4.76
CA TRP A 796 17.11 -35.51 -3.42
C TRP A 796 17.42 -36.61 -2.41
N ALA A 797 17.12 -37.86 -2.75
CA ALA A 797 17.30 -38.94 -1.79
C ALA A 797 18.75 -39.14 -1.43
N LYS A 798 19.67 -38.81 -2.34
CA LYS A 798 21.10 -38.93 -2.09
C LYS A 798 21.67 -37.65 -1.47
N GLY A 799 20.83 -36.69 -1.11
CA GLY A 799 21.34 -35.43 -0.59
C GLY A 799 22.16 -34.65 -1.59
N GLN A 800 21.85 -34.79 -2.87
CA GLN A 800 22.60 -34.13 -3.94
C GLN A 800 21.78 -32.99 -4.53
N THR A 801 22.35 -32.32 -5.52
CA THR A 801 21.80 -31.12 -6.13
C THR A 801 22.05 -31.20 -7.63
N PHE A 802 21.44 -30.27 -8.38
CA PHE A 802 21.84 -30.03 -9.75
C PHE A 802 22.08 -28.54 -9.93
N PRO A 803 22.74 -28.14 -11.02
CA PRO A 803 23.06 -26.71 -11.21
C PRO A 803 21.83 -25.84 -11.42
N LEU A 804 21.84 -24.65 -10.82
CA LEU A 804 20.82 -23.61 -11.08
C LEU A 804 21.39 -22.67 -12.15
N VAL A 805 21.28 -23.10 -13.41
CA VAL A 805 21.97 -22.38 -14.48
C VAL A 805 21.27 -21.04 -14.72
N TYR A 806 22.06 -20.00 -14.96
CA TYR A 806 21.55 -18.64 -14.96
C TYR A 806 22.01 -17.84 -16.17
N SER A 807 23.32 -17.85 -16.47
CA SER A 807 23.83 -17.15 -17.64
C SER A 807 23.29 -17.77 -18.93
N ARG A 808 23.23 -16.97 -19.99
CA ARG A 808 22.68 -17.48 -21.24
C ARG A 808 23.48 -18.66 -21.76
N LYS A 809 24.81 -18.62 -21.61
CA LYS A 809 25.61 -19.72 -22.13
C LYS A 809 25.33 -21.01 -21.34
N ALA A 810 25.24 -20.91 -20.01
CA ALA A 810 24.97 -22.11 -19.22
C ALA A 810 23.57 -22.65 -19.50
N VAL A 811 22.59 -21.76 -19.66
CA VAL A 811 21.24 -22.21 -19.99
C VAL A 811 21.22 -22.91 -21.34
N GLU A 812 21.90 -22.33 -22.34
CA GLU A 812 21.97 -23.00 -23.63
C GLU A 812 22.64 -24.36 -23.51
N ARG A 813 23.75 -24.44 -22.76
CA ARG A 813 24.41 -25.74 -22.60
C ARG A 813 23.47 -26.77 -21.99
N ALA A 814 22.57 -26.35 -21.12
CA ALA A 814 21.70 -27.27 -20.38
C ALA A 814 20.35 -27.48 -21.04
N ALA A 815 20.04 -26.79 -22.14
CA ALA A 815 18.71 -26.86 -22.70
C ALA A 815 18.46 -28.23 -23.32
N GLU A 816 17.24 -28.74 -23.14
CA GLU A 816 16.79 -29.96 -23.80
C GLU A 816 15.57 -29.75 -24.66
N LYS A 817 14.82 -28.67 -24.46
CA LYS A 817 13.61 -28.43 -25.22
C LYS A 817 13.40 -26.93 -25.32
N ARG A 818 12.87 -26.49 -26.45
CA ARG A 818 12.60 -25.08 -26.70
C ARG A 818 11.11 -24.90 -27.02
N ILE A 819 10.51 -23.87 -26.43
CA ILE A 819 9.12 -23.52 -26.66
C ILE A 819 9.08 -22.09 -27.17
N GLU A 820 8.35 -21.86 -28.26
CA GLU A 820 8.21 -20.54 -28.87
C GLU A 820 6.77 -20.10 -28.76
N LEU A 821 6.55 -18.95 -28.15
CA LEU A 821 5.21 -18.36 -28.02
C LEU A 821 5.10 -17.19 -28.99
N THR A 822 4.06 -17.21 -29.81
CA THR A 822 3.84 -16.15 -30.78
C THR A 822 2.55 -15.40 -30.46
N PRO A 823 2.60 -14.08 -30.35
CA PRO A 823 1.36 -13.30 -30.13
C PRO A 823 0.34 -13.57 -31.24
N ARG A 824 -0.92 -13.66 -30.85
CA ARG A 824 -2.02 -13.84 -31.81
C ARG A 824 -3.16 -12.92 -31.44
N THR B 36 31.48 29.82 2.67
CA THR B 36 31.14 28.44 3.01
C THR B 36 30.69 28.29 4.45
N ASP B 37 29.44 27.90 4.65
CA ASP B 37 28.93 27.61 5.98
C ASP B 37 29.17 26.14 6.28
N ARG B 38 29.49 25.84 7.55
CA ARG B 38 29.76 24.49 7.99
C ARG B 38 28.96 24.22 9.25
N TYR B 39 28.10 23.21 9.20
CA TYR B 39 27.22 22.88 10.31
C TYR B 39 27.34 21.40 10.66
N ALA B 40 27.27 21.12 11.96
CA ALA B 40 27.10 19.75 12.45
C ALA B 40 25.67 19.29 12.21
N ALA B 41 25.52 17.99 11.92
CA ALA B 41 24.26 17.42 11.45
C ALA B 41 23.96 16.15 12.24
N PRO B 42 23.37 16.26 13.42
CA PRO B 42 23.00 15.05 14.16
C PRO B 42 21.96 14.28 13.38
N GLY B 43 22.25 13.01 13.12
CA GLY B 43 21.38 12.14 12.36
C GLY B 43 21.80 11.93 10.92
N LEU B 44 22.66 12.79 10.39
CA LEU B 44 23.15 12.60 9.04
C LEU B 44 24.15 11.45 9.03
N GLU B 45 24.06 10.60 8.00
CA GLU B 45 24.88 9.39 7.97
C GLU B 45 26.29 9.68 7.44
N LYS B 46 26.39 10.41 6.34
CA LYS B 46 27.64 10.76 5.71
C LYS B 46 27.68 12.25 5.42
N PRO B 47 28.87 12.81 5.19
CA PRO B 47 28.94 14.24 4.84
C PRO B 47 28.10 14.53 3.62
N ALA B 48 27.56 15.74 3.58
CA ALA B 48 26.75 16.22 2.46
C ALA B 48 27.13 17.67 2.16
N SER B 49 27.05 18.03 0.89
CA SER B 49 27.32 19.39 0.44
C SER B 49 26.09 19.95 -0.25
N ILE B 50 25.84 21.24 -0.07
CA ILE B 50 24.74 21.93 -0.75
C ILE B 50 25.32 23.15 -1.47
N LEU B 51 25.13 23.20 -2.79
CA LEU B 51 25.48 24.36 -3.58
C LEU B 51 24.21 25.17 -3.90
N ILE B 52 24.17 26.41 -3.44
CA ILE B 52 23.04 27.30 -3.75
C ILE B 52 23.42 28.16 -4.94
N ASP B 53 22.59 28.15 -5.98
CA ASP B 53 22.92 28.87 -7.20
C ASP B 53 22.49 30.33 -7.10
N ARG B 54 22.75 31.10 -8.15
CA ARG B 54 22.53 32.55 -8.12
C ARG B 54 21.06 32.91 -7.95
N TRP B 55 20.16 31.97 -8.21
CA TRP B 55 18.74 32.20 -8.11
C TRP B 55 18.14 31.66 -6.82
N GLY B 56 18.97 31.21 -5.90
CA GLY B 56 18.46 30.71 -4.64
C GLY B 56 18.03 29.25 -4.65
N VAL B 57 18.34 28.50 -5.71
CA VAL B 57 17.98 27.08 -5.80
C VAL B 57 19.08 26.25 -5.14
N PRO B 58 18.76 25.44 -4.13
CA PRO B 58 19.78 24.57 -3.53
C PRO B 58 19.97 23.27 -4.31
N HIS B 59 21.23 22.89 -4.46
CA HIS B 59 21.59 21.64 -5.14
C HIS B 59 22.30 20.76 -4.12
N ILE B 60 21.65 19.67 -3.73
CA ILE B 60 22.06 18.86 -2.60
C ILE B 60 22.84 17.66 -3.12
N TYR B 61 24.01 17.42 -2.53
CA TYR B 61 24.85 16.26 -2.86
C TYR B 61 25.12 15.48 -1.59
N ALA B 62 24.52 14.30 -1.48
CA ALA B 62 24.64 13.45 -0.32
C ALA B 62 25.32 12.13 -0.70
N GLY B 63 25.90 11.48 0.30
CA GLY B 63 26.55 10.20 0.10
C GLY B 63 25.66 9.01 0.30
N THR B 64 24.45 9.20 0.83
CA THR B 64 23.48 8.11 0.93
C THR B 64 22.11 8.59 0.46
N LEU B 65 21.31 7.65 -0.03
CA LEU B 65 19.95 7.96 -0.46
C LEU B 65 19.20 8.85 0.53
N TYR B 66 19.09 8.41 1.78
CA TYR B 66 18.22 9.11 2.72
C TYR B 66 18.85 10.38 3.26
N ASP B 67 20.19 10.47 3.24
CA ASP B 67 20.84 11.72 3.57
C ASP B 67 20.38 12.86 2.66
N ALA B 68 20.03 12.55 1.41
CA ALA B 68 19.58 13.61 0.52
C ALA B 68 18.36 14.30 1.08
N PHE B 69 17.46 13.54 1.71
CA PHE B 69 16.25 14.12 2.26
C PHE B 69 16.50 14.80 3.59
N TYR B 70 17.48 14.30 4.36
CA TYR B 70 17.95 15.03 5.54
C TYR B 70 18.39 16.43 5.14
N ALA B 71 19.26 16.51 4.13
CA ALA B 71 19.74 17.80 3.68
C ALA B 71 18.60 18.66 3.14
N GLN B 72 17.62 18.04 2.47
CA GLN B 72 16.50 18.83 1.96
C GLN B 72 15.69 19.44 3.10
N GLY B 73 15.48 18.68 4.18
CA GLY B 73 14.79 19.24 5.32
C GLY B 73 15.57 20.37 5.96
N PHE B 74 16.87 20.18 6.12
CA PHE B 74 17.74 21.24 6.65
C PHE B 74 17.65 22.51 5.79
N ILE B 75 17.71 22.34 4.48
CA ILE B 75 17.73 23.49 3.58
C ILE B 75 16.36 24.12 3.43
N ALA B 76 15.29 23.32 3.44
CA ALA B 76 13.95 23.89 3.43
C ALA B 76 13.72 24.70 4.68
N ALA B 77 14.25 24.23 5.82
CA ALA B 77 14.18 25.02 7.05
C ALA B 77 15.02 26.29 6.94
N ARG B 78 16.23 26.18 6.39
CA ARG B 78 17.06 27.36 6.22
C ARG B 78 16.34 28.46 5.45
N ASP B 79 15.58 28.10 4.40
CA ASP B 79 14.91 29.10 3.58
C ASP B 79 13.47 29.39 4.00
N ARG B 80 12.74 28.42 4.55
CA ARG B 80 11.31 28.57 4.72
C ARG B 80 10.84 28.12 6.10
N LEU B 81 11.69 28.22 7.13
CA LEU B 81 11.34 27.63 8.43
C LEU B 81 10.03 28.18 8.97
N TRP B 82 9.83 29.50 8.94
CA TRP B 82 8.60 30.04 9.51
C TRP B 82 7.40 29.47 8.75
N GLN B 83 7.46 29.48 7.43
CA GLN B 83 6.38 28.96 6.60
C GLN B 83 6.10 27.49 6.91
N ILE B 84 7.14 26.64 6.92
CA ILE B 84 6.85 25.22 7.14
C ILE B 84 6.42 24.99 8.58
N ASP B 85 6.98 25.74 9.53
CA ASP B 85 6.53 25.63 10.90
C ASP B 85 5.06 26.06 11.04
N LEU B 86 4.68 27.12 10.32
CA LEU B 86 3.31 27.60 10.39
C LEU B 86 2.34 26.56 9.83
N TRP B 87 2.69 25.96 8.68
CA TRP B 87 1.85 24.93 8.12
C TRP B 87 1.60 23.81 9.12
N ARG B 88 2.66 23.39 9.82
CA ARG B 88 2.53 22.31 10.80
C ARG B 88 1.70 22.77 12.00
N LYS B 89 1.95 24.00 12.46
CA LYS B 89 1.23 24.55 13.60
C LYS B 89 -0.27 24.62 13.31
N ARG B 90 -0.62 25.13 12.13
CA ARG B 90 -2.02 25.14 11.72
C ARG B 90 -2.56 23.71 11.56
N GLY B 91 -1.76 22.82 10.97
CA GLY B 91 -2.25 21.46 10.72
C GLY B 91 -2.51 20.67 12.00
N LEU B 92 -1.62 20.79 12.98
CA LEU B 92 -1.77 20.06 14.23
C LEU B 92 -2.69 20.76 15.22
N GLY B 93 -3.20 21.94 14.90
CA GLY B 93 -4.07 22.63 15.84
C GLY B 93 -3.34 23.19 17.06
N GLU B 94 -2.20 23.83 16.82
CA GLU B 94 -1.39 24.45 17.87
C GLU B 94 -1.32 25.96 17.72
N MET B 95 -2.22 26.55 16.94
CA MET B 95 -2.15 27.99 16.69
C MET B 95 -2.46 28.80 17.95
N ALA B 96 -3.49 28.41 18.70
CA ALA B 96 -3.89 29.19 19.87
C ALA B 96 -2.81 29.21 20.95
N ARG B 97 -1.97 28.17 21.00
CA ARG B 97 -0.92 28.14 22.01
C ARG B 97 -0.08 29.41 22.02
N ASP B 98 0.10 30.03 20.86
CA ASP B 98 0.88 31.25 20.76
C ASP B 98 0.10 32.45 20.27
N PHE B 99 -1.04 32.23 19.60
CA PHE B 99 -1.77 33.33 19.00
C PHE B 99 -3.06 33.66 19.74
N GLY B 100 -3.41 32.92 20.78
CA GLY B 100 -4.49 33.33 21.65
C GLY B 100 -5.85 32.73 21.38
N PRO B 101 -6.83 33.19 22.15
CA PRO B 101 -8.15 32.51 22.14
C PRO B 101 -8.91 32.58 20.82
N ALA B 102 -8.68 33.58 19.98
CA ALA B 102 -9.40 33.62 18.71
C ALA B 102 -9.09 32.40 17.82
N TYR B 103 -8.04 31.63 18.13
CA TYR B 103 -7.62 30.51 17.30
C TYR B 103 -8.08 29.15 17.82
N VAL B 104 -8.83 29.13 18.92
CA VAL B 104 -9.19 27.85 19.53
C VAL B 104 -10.13 27.07 18.61
N ASP B 105 -11.14 27.71 18.05
CA ASP B 105 -12.10 26.98 17.23
C ASP B 105 -11.42 26.37 16.00
N GLY B 106 -10.50 27.12 15.37
CA GLY B 106 -9.77 26.57 14.24
C GLY B 106 -8.84 25.43 14.61
N ASP B 107 -8.25 25.48 15.82
CA ASP B 107 -7.40 24.38 16.27
C ASP B 107 -8.22 23.12 16.48
N ARG B 108 -9.39 23.26 17.10
CA ARG B 108 -10.29 22.12 17.30
C ARG B 108 -10.67 21.50 15.98
N MET B 109 -11.08 22.34 15.00
CA MET B 109 -11.52 21.81 13.72
C MET B 109 -10.36 21.20 12.93
N ALA B 110 -9.16 21.76 13.05
CA ALA B 110 -7.99 21.16 12.43
C ALA B 110 -7.76 19.75 12.93
N ARG B 111 -7.86 19.54 14.25
CA ARG B 111 -7.61 18.21 14.77
C ARG B 111 -8.70 17.25 14.33
N ALA B 112 -9.90 17.78 14.06
CA ALA B 112 -10.98 16.95 13.53
C ALA B 112 -10.67 16.41 12.15
N VAL B 113 -9.76 17.04 11.40
CA VAL B 113 -9.49 16.60 10.04
C VAL B 113 -8.04 16.16 9.86
N LEU B 114 -7.38 15.77 10.94
CA LEU B 114 -6.12 15.04 10.85
C LEU B 114 -6.39 13.58 10.47
N TYR B 115 -5.42 12.96 9.80
CA TYR B 115 -5.52 11.53 9.54
C TYR B 115 -5.53 10.78 10.87
N ARG B 116 -6.53 9.91 11.06
CA ARG B 116 -6.66 9.16 12.29
C ARG B 116 -6.76 7.65 12.03
N GLY B 117 -6.37 7.21 10.84
CA GLY B 117 -6.44 5.81 10.47
C GLY B 117 -5.18 5.07 10.86
N ASP B 118 -5.03 3.88 10.27
CA ASP B 118 -3.92 3.01 10.64
C ASP B 118 -2.61 3.56 10.08
N MET B 119 -1.60 3.72 10.94
CA MET B 119 -0.35 4.31 10.47
C MET B 119 0.49 3.32 9.68
N TYR B 120 0.41 2.03 10.01
CA TYR B 120 1.10 1.02 9.22
C TYR B 120 0.69 1.10 7.75
N ARG B 121 -0.62 1.14 7.48
CA ARG B 121 -1.07 1.27 6.08
C ARG B 121 -0.64 2.61 5.50
N GLU B 122 -0.69 3.66 6.32
CA GLU B 122 -0.40 5.01 5.83
C GLU B 122 1.01 5.09 5.25
N TRP B 123 2.02 4.64 6.00
CA TRP B 123 3.38 4.73 5.48
C TRP B 123 3.50 3.98 4.16
N LEU B 124 2.85 2.82 4.04
CA LEU B 124 3.00 2.00 2.83
C LEU B 124 2.20 2.53 1.63
N ALA B 125 1.30 3.47 1.83
CA ALA B 125 0.50 3.95 0.71
C ALA B 125 1.32 4.67 -0.34
N TYR B 126 2.47 5.23 0.02
CA TYR B 126 3.14 6.15 -0.89
C TYR B 126 4.25 5.51 -1.68
N GLY B 127 4.58 4.27 -1.37
CA GLY B 127 5.75 3.62 -1.91
C GLY B 127 6.32 2.72 -0.84
N SER B 128 7.54 2.29 -1.03
CA SER B 128 8.05 1.28 -0.13
C SER B 128 8.96 1.82 0.97
N ASP B 129 9.52 3.03 0.80
CA ASP B 129 10.42 3.55 1.82
C ASP B 129 10.01 4.95 2.29
N ALA B 130 8.71 5.25 2.31
CA ALA B 130 8.28 6.60 2.68
C ALA B 130 8.62 6.95 4.13
N LYS B 131 8.58 5.97 5.04
CA LYS B 131 8.83 6.30 6.44
C LYS B 131 10.28 6.74 6.65
N ARG B 132 11.23 6.06 6.00
CA ARG B 132 12.63 6.45 6.10
C ARG B 132 12.88 7.81 5.46
N VAL B 133 12.19 8.09 4.36
CA VAL B 133 12.31 9.41 3.73
C VAL B 133 11.85 10.50 4.70
N ALA B 134 10.68 10.32 5.29
CA ALA B 134 10.13 11.34 6.19
C ALA B 134 10.99 11.50 7.43
N GLU B 135 11.50 10.39 7.98
CA GLU B 135 12.32 10.48 9.18
C GLU B 135 13.62 11.23 8.91
N ALA B 136 14.24 10.98 7.76
CA ALA B 136 15.43 11.71 7.38
C ALA B 136 15.13 13.19 7.23
N PHE B 137 14.03 13.52 6.54
CA PHE B 137 13.64 14.91 6.32
C PHE B 137 13.44 15.66 7.62
N VAL B 138 12.63 15.10 8.54
CA VAL B 138 12.37 15.84 9.78
C VAL B 138 13.62 15.90 10.66
N ALA B 139 14.49 14.90 10.61
CA ALA B 139 15.77 15.02 11.32
C ALA B 139 16.57 16.22 10.81
N GLY B 140 16.52 16.47 9.50
CA GLY B 140 17.19 17.64 8.96
C GLY B 140 16.51 18.93 9.36
N VAL B 141 15.18 18.97 9.29
CA VAL B 141 14.43 20.13 9.80
C VAL B 141 14.81 20.40 11.25
N ASN B 142 14.79 19.35 12.08
CA ASN B 142 15.06 19.50 13.50
C ASN B 142 16.49 19.96 13.77
N ALA B 143 17.45 19.53 12.93
CA ALA B 143 18.80 20.07 13.05
C ALA B 143 18.82 21.58 12.86
N TYR B 144 18.05 22.08 11.89
CA TYR B 144 18.03 23.52 11.71
C TYR B 144 17.34 24.23 12.86
N VAL B 145 16.26 23.65 13.37
CA VAL B 145 15.60 24.24 14.52
C VAL B 145 16.58 24.39 15.69
N ALA B 146 17.31 23.31 16.00
CA ALA B 146 18.33 23.39 17.06
C ALA B 146 19.36 24.48 16.77
N LEU B 147 19.77 24.62 15.50
CA LEU B 147 20.70 25.68 15.14
C LEU B 147 20.14 27.06 15.45
N THR B 148 18.84 27.29 15.23
CA THR B 148 18.30 28.60 15.56
C THR B 148 18.29 28.85 17.06
N GLU B 149 18.25 27.80 17.87
CA GLU B 149 18.36 27.98 19.31
C GLU B 149 19.80 28.30 19.72
N ALA B 150 20.76 27.65 19.07
CA ALA B 150 22.17 27.91 19.39
C ALA B 150 22.66 29.22 18.77
N GLN B 151 22.09 29.63 17.65
CA GLN B 151 22.55 30.80 16.92
C GLN B 151 21.34 31.66 16.56
N PRO B 152 20.87 32.49 17.50
CA PRO B 152 19.59 33.20 17.30
C PRO B 152 19.60 34.19 16.15
N GLU B 153 20.75 34.53 15.57
CA GLU B 153 20.73 35.32 14.36
C GLU B 153 20.09 34.55 13.20
N LEU B 154 19.96 33.23 13.31
CA LEU B 154 19.30 32.42 12.29
C LEU B 154 17.79 32.24 12.54
N LEU B 155 17.26 32.76 13.63
CA LEU B 155 15.84 32.66 13.90
C LEU B 155 15.06 33.60 12.99
N PRO B 156 14.06 33.11 12.24
CA PRO B 156 13.30 34.00 11.35
C PRO B 156 12.60 35.11 12.12
N ARG B 157 12.48 36.27 11.46
CA ARG B 157 11.90 37.48 12.06
C ARG B 157 10.50 37.25 12.61
N GLU B 158 9.68 36.50 11.87
CA GLU B 158 8.30 36.36 12.31
C GLU B 158 8.24 35.76 13.71
N PHE B 159 9.16 34.85 14.05
CA PHE B 159 9.16 34.26 15.38
C PHE B 159 9.46 35.31 16.45
N LYS B 160 10.46 36.16 16.19
CA LYS B 160 10.77 37.20 17.16
C LYS B 160 9.62 38.19 17.27
N GLN B 161 9.01 38.54 16.14
CA GLN B 161 7.92 39.51 16.14
C GLN B 161 6.69 39.00 16.88
N LEU B 162 6.41 37.70 16.81
CA LEU B 162 5.20 37.17 17.43
C LEU B 162 5.48 36.52 18.77
N GLY B 163 6.74 36.45 19.19
CA GLY B 163 7.07 35.95 20.51
C GLY B 163 6.92 34.46 20.73
N TYR B 164 7.40 33.65 19.78
CA TYR B 164 7.40 32.20 19.96
C TYR B 164 8.56 31.63 19.15
N LYS B 165 8.74 30.30 19.22
CA LYS B 165 9.89 29.64 18.63
C LYS B 165 9.42 28.50 17.74
N PRO B 166 10.23 28.11 16.75
CA PRO B 166 9.90 26.93 15.94
C PRO B 166 9.88 25.66 16.77
N SER B 167 8.99 24.73 16.38
CA SER B 167 8.83 23.44 17.04
C SER B 167 9.70 22.38 16.39
N ARG B 168 9.99 21.32 17.14
CA ARG B 168 10.58 20.15 16.53
C ARG B 168 9.48 19.30 15.91
N TRP B 169 9.85 18.54 14.88
CA TRP B 169 8.92 17.78 14.06
C TRP B 169 9.03 16.29 14.32
N ARG B 170 7.91 15.59 14.08
CA ARG B 170 7.96 14.13 14.01
C ARG B 170 7.56 13.68 12.60
N ALA B 171 8.13 12.55 12.17
CA ALA B 171 7.91 12.09 10.79
C ALA B 171 6.44 11.95 10.46
N GLU B 172 5.63 11.48 11.42
N GLU B 172 5.63 11.48 11.42
CA GLU B 172 4.21 11.29 11.18
CA GLU B 172 4.21 11.29 11.15
C GLU B 172 3.47 12.61 10.94
C GLU B 172 3.49 12.61 10.88
N ASP B 173 4.04 13.74 11.36
CA ASP B 173 3.40 15.03 11.06
C ASP B 173 3.28 15.23 9.55
N ILE B 174 4.24 14.71 8.79
CA ILE B 174 4.30 14.93 7.34
C ILE B 174 3.08 14.33 6.64
N VAL B 175 2.63 13.18 7.10
CA VAL B 175 1.54 12.49 6.40
C VAL B 175 0.20 12.65 7.08
N ARG B 176 0.16 13.02 8.36
CA ARG B 176 -1.12 13.14 9.05
C ARG B 176 -1.86 14.43 8.71
N ILE B 177 -1.15 15.50 8.29
CA ILE B 177 -1.80 16.75 7.90
C ILE B 177 -2.28 16.64 6.46
N ARG B 178 -3.59 16.90 6.25
CA ARG B 178 -4.29 16.61 4.99
C ARG B 178 -5.04 17.84 4.47
N HIS B 179 -5.45 18.73 5.37
CA HIS B 179 -6.52 19.67 5.04
C HIS B 179 -6.09 20.78 4.08
N HIS B 180 -4.80 20.88 3.77
CA HIS B 180 -4.32 21.82 2.74
C HIS B 180 -4.45 21.28 1.32
N GLY B 181 -4.88 20.03 1.14
CA GLY B 181 -4.98 19.48 -0.21
C GLY B 181 -6.15 20.10 -0.97
N GLU B 182 -5.91 20.42 -2.24
CA GLU B 182 -6.97 20.87 -3.13
C GLU B 182 -8.01 19.76 -3.34
N THR B 183 -9.29 20.10 -3.25
CA THR B 183 -10.32 19.06 -3.23
C THR B 183 -11.69 19.70 -3.48
N LEU B 184 -12.69 18.83 -3.62
CA LEU B 184 -14.08 19.20 -3.85
C LEU B 184 -14.89 17.92 -3.67
N ASN B 185 -16.21 18.04 -3.50
CA ASN B 185 -16.96 19.30 -3.66
C ASN B 185 -17.89 19.63 -2.50
N PHE B 186 -17.39 19.54 -1.27
CA PHE B 186 -18.23 19.92 -0.12
C PHE B 186 -18.92 21.27 -0.35
N THR B 187 -18.17 22.27 -0.81
CA THR B 187 -18.75 23.61 -0.96
C THR B 187 -19.83 23.63 -2.03
N GLY B 188 -19.60 22.98 -3.17
CA GLY B 188 -20.60 22.96 -4.22
C GLY B 188 -21.87 22.22 -3.83
N GLU B 189 -21.73 21.13 -3.07
CA GLU B 189 -22.89 20.42 -2.55
C GLU B 189 -23.75 21.34 -1.70
N VAL B 190 -23.11 22.09 -0.80
CA VAL B 190 -23.85 23.00 0.07
C VAL B 190 -24.54 24.08 -0.76
N ASP B 191 -23.80 24.68 -1.71
CA ASP B 191 -24.40 25.72 -2.54
C ASP B 191 -25.54 25.19 -3.39
N ARG B 192 -25.38 24.00 -3.97
CA ARG B 192 -26.45 23.45 -4.80
C ARG B 192 -27.69 23.15 -3.96
N ALA B 193 -27.49 22.55 -2.79
CA ALA B 193 -28.61 22.26 -1.89
C ALA B 193 -29.35 23.55 -1.49
N THR B 194 -28.60 24.60 -1.16
CA THR B 194 -29.22 25.86 -0.81
C THR B 194 -30.11 26.37 -1.93
N LEU B 195 -29.62 26.29 -3.17
CA LEU B 195 -30.41 26.75 -4.31
C LEU B 195 -31.67 25.92 -4.48
N TYR B 196 -31.56 24.59 -4.32
CA TYR B 196 -32.73 23.72 -4.43
C TYR B 196 -33.73 23.98 -3.31
N CYS B 197 -33.24 24.34 -2.13
CA CYS B 197 -34.10 24.72 -1.03
C CYS B 197 -34.87 25.99 -1.35
N GLN B 198 -34.19 27.01 -1.85
CA GLN B 198 -34.84 28.30 -2.04
C GLN B 198 -35.69 28.34 -3.31
N ALA B 199 -35.21 27.78 -4.42
CA ALA B 199 -35.88 27.93 -5.70
C ALA B 199 -36.79 26.75 -6.05
N LYS B 200 -36.77 25.68 -5.28
CA LYS B 200 -37.64 24.52 -5.47
C LYS B 200 -37.69 24.08 -6.93
N GLU B 201 -38.89 24.08 -7.54
CA GLU B 201 -39.02 23.56 -8.90
C GLU B 201 -38.27 24.39 -9.93
N GLN B 202 -37.90 25.63 -9.60
CA GLN B 202 -37.09 26.47 -10.46
C GLN B 202 -35.58 26.29 -10.23
N ALA B 203 -35.21 25.35 -9.37
CA ALA B 203 -33.82 25.20 -8.96
C ALA B 203 -32.91 24.75 -10.10
N ALA B 204 -33.35 23.81 -10.93
CA ALA B 204 -32.46 23.27 -11.96
C ALA B 204 -32.07 24.34 -12.96
N ARG B 205 -33.01 25.22 -13.32
N ARG B 205 -33.01 25.22 -13.31
CA ARG B 205 -32.71 26.31 -14.24
CA ARG B 205 -32.73 26.31 -14.22
C ARG B 205 -31.71 27.28 -13.63
C ARG B 205 -31.70 27.26 -13.63
N ALA B 206 -31.82 27.56 -12.34
CA ALA B 206 -30.87 28.47 -11.70
C ALA B 206 -29.52 27.80 -11.52
N ASP B 207 -29.52 26.52 -11.14
CA ASP B 207 -28.26 25.80 -10.95
C ASP B 207 -27.52 25.60 -12.26
N TRP B 208 -28.25 25.55 -13.38
CA TRP B 208 -27.62 25.44 -14.68
C TRP B 208 -26.75 26.65 -14.97
N LEU B 209 -27.23 27.85 -14.61
CA LEU B 209 -26.43 29.06 -14.75
C LEU B 209 -25.36 29.15 -13.66
N ARG B 210 -25.58 28.52 -12.52
CA ARG B 210 -24.65 28.64 -11.40
C ARG B 210 -23.36 27.86 -11.66
N ARG B 211 -23.44 26.68 -12.27
CA ARG B 211 -22.26 25.79 -12.33
C ARG B 211 -22.33 24.88 -13.54
N GLU B 212 -21.37 25.02 -14.46
CA GLU B 212 -21.27 24.12 -15.59
C GLU B 212 -20.94 22.71 -15.13
N LEU B 213 -21.65 21.74 -15.67
CA LEU B 213 -21.34 20.33 -15.46
C LEU B 213 -20.85 19.74 -16.77
N ASP B 214 -19.86 18.87 -16.68
CA ASP B 214 -19.29 18.20 -17.85
C ASP B 214 -18.94 16.79 -17.42
N PRO B 215 -19.65 15.76 -17.92
CA PRO B 215 -20.75 15.90 -18.87
C PRO B 215 -21.96 16.62 -18.29
N PRO B 216 -22.75 17.28 -19.14
CA PRO B 216 -23.88 18.11 -18.62
C PRO B 216 -25.08 17.26 -18.24
N ILE B 217 -24.91 16.44 -17.20
CA ILE B 217 -26.00 15.61 -16.71
C ILE B 217 -27.01 16.50 -16.02
N THR B 218 -28.20 15.96 -15.79
CA THR B 218 -29.22 16.62 -14.98
C THR B 218 -29.08 16.09 -13.56
N PRO B 219 -28.66 16.92 -12.59
CA PRO B 219 -28.56 16.45 -11.21
C PRO B 219 -29.89 15.93 -10.70
N THR B 220 -29.82 14.94 -9.80
CA THR B 220 -30.98 14.35 -9.18
C THR B 220 -30.92 14.57 -7.67
N LEU B 221 -31.92 15.25 -7.12
CA LEU B 221 -31.98 15.43 -5.67
C LEU B 221 -32.11 14.05 -5.01
N PRO B 222 -31.20 13.65 -4.14
CA PRO B 222 -31.29 12.29 -3.57
C PRO B 222 -32.60 12.07 -2.79
N GLU B 223 -33.23 10.93 -3.05
CA GLU B 223 -34.39 10.55 -2.26
C GLU B 223 -34.06 10.59 -0.78
N GLY B 224 -34.91 11.24 0.00
CA GLY B 224 -34.71 11.29 1.44
C GLY B 224 -33.91 12.48 1.91
N LEU B 225 -33.37 13.30 1.02
CA LEU B 225 -32.66 14.52 1.40
C LEU B 225 -33.65 15.67 1.38
N ASP B 226 -33.79 16.35 2.52
CA ASP B 226 -34.47 17.63 2.56
C ASP B 226 -33.43 18.71 2.27
N PRO B 227 -33.42 19.31 1.07
CA PRO B 227 -32.35 20.27 0.77
C PRO B 227 -32.35 21.46 1.69
N CYS B 228 -33.46 21.72 2.39
CA CYS B 228 -33.50 22.80 3.36
C CYS B 228 -32.85 22.43 4.70
N ALA B 229 -32.51 21.16 4.92
CA ALA B 229 -31.76 20.75 6.11
C ALA B 229 -30.25 20.80 5.88
N VAL B 230 -29.78 21.79 5.13
CA VAL B 230 -28.36 21.95 4.82
C VAL B 230 -28.02 23.40 5.12
N PRO B 231 -27.72 23.74 6.38
CA PRO B 231 -27.50 25.16 6.74
C PRO B 231 -26.16 25.69 6.26
N ALA B 232 -26.19 26.46 5.17
CA ALA B 232 -24.98 26.85 4.47
C ALA B 232 -24.02 27.66 5.36
N ALA B 233 -24.54 28.67 6.07
CA ALA B 233 -23.63 29.56 6.79
C ALA B 233 -22.85 28.80 7.86
N ALA B 234 -23.55 27.97 8.65
CA ALA B 234 -22.88 27.23 9.70
C ALA B 234 -21.92 26.19 9.13
N LEU B 235 -22.31 25.51 8.05
CA LEU B 235 -21.47 24.46 7.48
C LEU B 235 -20.22 25.04 6.82
N LYS B 236 -20.37 26.13 6.06
CA LYS B 236 -19.18 26.75 5.47
C LYS B 236 -18.24 27.29 6.54
N LYS B 237 -18.80 27.81 7.63
CA LYS B 237 -17.95 28.31 8.72
C LYS B 237 -17.15 27.16 9.32
N ALA B 238 -17.80 26.05 9.63
CA ALA B 238 -17.07 24.91 10.20
C ALA B 238 -16.04 24.38 9.22
N TYR B 239 -16.40 24.29 7.93
CA TYR B 239 -15.46 23.77 6.94
C TYR B 239 -14.26 24.71 6.79
N THR B 240 -14.49 26.02 6.78
CA THR B 240 -13.40 26.97 6.71
C THR B 240 -12.51 26.85 7.93
N LEU B 241 -13.11 26.73 9.13
CA LEU B 241 -12.29 26.52 10.32
C LEU B 241 -11.43 25.28 10.20
N ALA B 242 -11.92 24.26 9.49
CA ALA B 242 -11.20 22.99 9.39
C ALA B 242 -10.12 23.00 8.33
N THR B 243 -10.26 23.82 7.28
CA THR B 243 -9.40 23.67 6.11
C THR B 243 -8.62 24.92 5.67
N ALA B 244 -9.02 26.13 6.07
CA ALA B 244 -8.36 27.32 5.53
C ALA B 244 -6.91 27.41 6.02
N ALA B 245 -6.06 28.01 5.18
CA ALA B 245 -4.68 28.23 5.56
C ALA B 245 -4.60 29.18 6.77
N ALA B 246 -3.48 29.10 7.49
CA ALA B 246 -3.25 30.02 8.61
C ALA B 246 -3.53 31.46 8.19
N ASN B 247 -4.25 32.18 9.04
CA ASN B 247 -4.73 33.52 8.74
C ASN B 247 -4.48 34.41 9.94
N PHE B 248 -4.17 35.68 9.68
CA PHE B 248 -3.90 36.67 10.74
C PHE B 248 -4.76 37.90 10.52
N PRO B 249 -6.06 37.81 10.82
CA PRO B 249 -6.95 38.95 10.54
C PRO B 249 -6.83 40.02 11.61
N LYS B 250 -7.08 41.26 11.20
CA LYS B 250 -6.94 42.37 12.12
C LYS B 250 -7.84 42.21 13.33
N GLU B 251 -9.06 41.69 13.13
CA GLU B 251 -10.01 41.56 14.22
C GLU B 251 -9.41 40.76 15.38
N ALA B 252 -8.68 39.69 15.07
CA ALA B 252 -8.08 38.87 16.11
C ALA B 252 -6.84 39.49 16.74
N TRP B 253 -6.32 40.57 16.17
CA TRP B 253 -5.11 41.17 16.70
C TRP B 253 -5.34 42.66 16.97
N SER B 282 -4.27 25.36 -13.67
CA SER B 282 -2.93 24.98 -14.11
C SER B 282 -2.94 24.58 -15.57
N ASN B 283 -1.80 24.76 -16.26
CA ASN B 283 -1.62 24.26 -17.61
C ASN B 283 -0.43 23.32 -17.64
N ASN B 284 -0.50 22.26 -18.44
CA ASN B 284 0.71 21.54 -18.77
C ASN B 284 0.58 21.01 -20.18
N TRP B 285 1.71 20.68 -20.78
CA TRP B 285 1.70 20.06 -22.10
C TRP B 285 3.04 19.35 -22.32
N VAL B 286 3.00 18.39 -23.24
CA VAL B 286 4.19 17.67 -23.64
C VAL B 286 4.13 17.52 -25.15
N ILE B 287 5.27 17.72 -25.81
CA ILE B 287 5.37 17.75 -27.26
C ILE B 287 6.46 16.77 -27.67
N ALA B 288 6.13 15.86 -28.59
CA ALA B 288 7.09 14.86 -29.04
C ALA B 288 8.20 15.52 -29.86
N GLY B 289 9.35 14.83 -29.94
CA GLY B 289 10.49 15.40 -30.63
C GLY B 289 10.25 15.72 -32.10
N SER B 290 9.38 14.94 -32.75
CA SER B 290 9.04 15.19 -34.15
C SER B 290 8.41 16.54 -34.38
N ARG B 291 8.07 17.26 -33.31
CA ARG B 291 7.44 18.56 -33.42
C ARG B 291 8.21 19.64 -32.67
N THR B 292 9.47 19.38 -32.31
CA THR B 292 10.28 20.37 -31.60
C THR B 292 11.49 20.78 -32.44
N SER B 293 11.97 21.99 -32.19
CA SER B 293 13.17 22.47 -32.85
C SER B 293 14.41 21.71 -32.40
N THR B 294 14.36 21.07 -31.23
CA THR B 294 15.47 20.28 -30.72
C THR B 294 15.48 18.85 -31.25
N GLY B 295 14.34 18.34 -31.72
CA GLY B 295 14.21 16.92 -31.95
C GLY B 295 13.98 16.08 -30.71
N ARG B 296 13.97 16.69 -29.54
CA ARG B 296 13.68 16.05 -28.27
C ARG B 296 12.35 16.54 -27.72
N PRO B 297 11.73 15.80 -26.80
CA PRO B 297 10.46 16.27 -26.23
C PRO B 297 10.67 17.55 -25.44
N ILE B 298 9.61 18.35 -25.40
CA ILE B 298 9.49 19.51 -24.53
C ILE B 298 8.32 19.26 -23.59
N LEU B 299 8.53 19.52 -22.30
CA LEU B 299 7.46 19.37 -21.31
C LEU B 299 7.36 20.67 -20.52
N ALA B 300 6.13 21.18 -20.38
CA ALA B 300 5.87 22.47 -19.76
C ALA B 300 4.81 22.31 -18.67
N ASN B 301 4.91 23.12 -17.62
CA ASN B 301 3.94 23.05 -16.53
C ASN B 301 3.96 24.37 -15.79
N ASP B 302 2.78 24.98 -15.61
CA ASP B 302 2.63 26.13 -14.73
C ASP B 302 1.36 25.96 -13.88
N PRO B 303 1.49 25.44 -12.66
CA PRO B 303 0.32 25.31 -11.76
C PRO B 303 -0.25 26.67 -11.36
N HIS B 304 -1.55 26.70 -11.08
CA HIS B 304 -2.25 27.94 -10.78
C HIS B 304 -2.80 27.86 -9.37
N ARG B 305 -2.17 28.58 -8.44
CA ARG B 305 -2.46 28.48 -7.02
C ARG B 305 -2.37 29.86 -6.39
N ALA B 306 -2.75 29.95 -5.11
CA ALA B 306 -2.66 31.21 -4.38
C ALA B 306 -1.25 31.79 -4.46
N HIS B 307 -1.17 33.11 -4.61
CA HIS B 307 0.10 33.83 -4.57
C HIS B 307 0.35 34.36 -3.17
N GLY B 308 1.62 34.50 -2.81
CA GLY B 308 1.95 35.10 -1.54
C GLY B 308 3.44 35.22 -1.38
N ALA B 309 3.83 35.89 -0.31
CA ALA B 309 5.23 35.97 0.10
C ALA B 309 5.33 35.31 1.47
N PRO B 310 6.01 34.17 1.62
CA PRO B 310 6.70 33.44 0.57
C PRO B 310 5.73 32.58 -0.25
N SER B 311 6.23 32.04 -1.36
CA SER B 311 5.43 31.35 -2.36
C SER B 311 5.03 29.97 -1.88
N LEU B 312 4.01 29.41 -2.54
CA LEU B 312 3.52 28.08 -2.20
C LEU B 312 4.58 27.00 -2.42
N ARG B 313 5.32 27.06 -3.53
CA ARG B 313 6.28 26.02 -3.86
C ARG B 313 7.71 26.55 -3.80
N TYR B 314 8.64 25.59 -3.75
CA TYR B 314 10.06 25.81 -3.54
C TYR B 314 10.78 24.90 -4.53
N VAL B 315 11.83 25.41 -5.20
CA VAL B 315 12.58 24.64 -6.19
C VAL B 315 13.83 24.06 -5.51
N SER B 316 14.11 22.78 -5.76
CA SER B 316 15.29 22.17 -5.15
C SER B 316 15.75 21.00 -6.02
N HIS B 317 16.94 20.50 -5.69
CA HIS B 317 17.66 19.52 -6.51
C HIS B 317 18.35 18.53 -5.56
N LEU B 318 18.04 17.25 -5.68
CA LEU B 318 18.51 16.24 -4.73
C LEU B 318 19.39 15.23 -5.47
N ASN B 319 20.62 15.03 -4.99
CA ASN B 319 21.54 14.07 -5.61
C ASN B 319 22.09 13.12 -4.55
N ALA B 320 22.03 11.83 -4.83
CA ALA B 320 22.67 10.82 -3.99
C ALA B 320 22.82 9.55 -4.82
N PRO B 321 23.54 8.55 -4.31
CA PRO B 321 23.49 7.24 -4.97
C PRO B 321 22.04 6.80 -5.15
N GLY B 322 21.63 6.61 -6.41
CA GLY B 322 20.28 6.18 -6.70
C GLY B 322 19.23 7.28 -6.75
N LEU B 323 19.64 8.55 -6.73
CA LEU B 323 18.69 9.66 -6.71
C LEU B 323 19.28 10.85 -7.45
N SER B 324 18.48 11.47 -8.32
CA SER B 324 18.94 12.64 -9.04
CA SER B 324 18.94 12.68 -8.99
C SER B 324 17.74 13.42 -9.57
N VAL B 325 17.01 14.09 -8.69
CA VAL B 325 15.74 14.68 -9.06
C VAL B 325 15.76 16.18 -8.76
N ILE B 326 15.12 16.96 -9.63
CA ILE B 326 15.10 18.41 -9.54
C ILE B 326 13.71 18.90 -9.91
N GLY B 327 13.25 19.95 -9.24
CA GLY B 327 11.92 20.48 -9.52
C GLY B 327 11.36 21.23 -8.31
N ALA B 328 10.05 21.14 -8.15
CA ALA B 328 9.40 21.96 -7.15
C ALA B 328 8.44 21.11 -6.34
N GLY B 329 8.12 21.63 -5.16
CA GLY B 329 7.09 21.07 -4.30
C GLY B 329 6.86 22.04 -3.18
N GLU B 330 5.86 21.74 -2.35
CA GLU B 330 5.70 22.54 -1.15
C GLU B 330 6.87 22.27 -0.20
N PRO B 331 7.42 23.31 0.44
CA PRO B 331 8.71 23.16 1.13
C PRO B 331 8.65 22.26 2.34
N PHE B 332 7.47 22.00 2.88
CA PHE B 332 7.36 21.11 4.02
C PHE B 332 7.31 19.63 3.62
N LEU B 333 7.28 19.32 2.33
CA LEU B 333 7.15 17.93 1.91
C LEU B 333 8.47 17.41 1.39
N PRO B 334 8.90 16.23 1.84
CA PRO B 334 10.13 15.63 1.27
C PRO B 334 9.96 15.33 -0.20
N GLY B 335 11.05 15.46 -0.93
CA GLY B 335 11.06 15.06 -2.33
C GLY B 335 10.66 16.17 -3.28
N ILE B 336 10.33 15.75 -4.50
CA ILE B 336 10.05 16.61 -5.65
C ILE B 336 8.82 16.00 -6.32
N SER B 337 7.81 16.83 -6.64
CA SER B 337 6.63 16.30 -7.30
C SER B 337 6.39 16.81 -8.71
N ILE B 338 7.07 17.89 -9.11
CA ILE B 338 7.01 18.43 -10.47
C ILE B 338 8.45 18.64 -10.92
N GLY B 339 8.84 18.08 -12.05
CA GLY B 339 10.22 18.28 -12.50
C GLY B 339 10.71 17.11 -13.33
N HIS B 340 11.94 16.67 -13.04
CA HIS B 340 12.51 15.56 -13.80
C HIS B 340 13.61 14.91 -12.98
N ASN B 341 14.00 13.70 -13.39
CA ASN B 341 15.07 13.00 -12.71
C ASN B 341 16.20 12.61 -13.66
N GLY B 342 16.35 13.32 -14.77
CA GLY B 342 17.42 12.95 -15.67
C GLY B 342 17.11 11.79 -16.59
N THR B 343 16.02 11.06 -16.37
CA THR B 343 15.49 10.19 -17.41
C THR B 343 14.08 10.59 -17.82
N ILE B 344 13.17 10.76 -16.86
CA ILE B 344 11.79 11.14 -17.16
C ILE B 344 11.52 12.53 -16.58
N ALA B 345 10.48 13.16 -17.11
CA ALA B 345 9.99 14.46 -16.66
C ALA B 345 8.48 14.38 -16.46
N PHE B 346 7.94 15.25 -15.59
CA PHE B 346 6.53 15.16 -15.22
C PHE B 346 6.02 16.51 -14.71
N GLY B 347 4.74 16.78 -14.98
CA GLY B 347 4.07 17.99 -14.54
C GLY B 347 2.59 17.72 -14.38
N LEU B 348 1.87 18.63 -13.70
CA LEU B 348 0.51 18.26 -13.29
C LEU B 348 -0.48 19.41 -13.43
N THR B 349 -1.76 19.04 -13.63
CA THR B 349 -2.91 19.93 -13.51
C THR B 349 -4.04 19.19 -12.81
N ARG B 350 -4.87 19.92 -12.08
CA ARG B 350 -5.95 19.28 -11.33
C ARG B 350 -6.88 18.51 -12.27
N PHE B 351 -7.28 17.34 -11.82
CA PHE B 351 -8.25 16.44 -12.43
C PHE B 351 -9.28 16.18 -11.33
N TYR B 352 -10.55 16.53 -11.56
CA TYR B 352 -11.44 16.80 -10.43
C TYR B 352 -12.30 15.58 -10.05
N MET B 353 -11.67 14.54 -9.49
CA MET B 353 -12.55 13.51 -8.95
C MET B 353 -13.18 14.01 -7.66
N ASP B 354 -14.46 13.67 -7.49
CA ASP B 354 -15.26 14.13 -6.35
C ASP B 354 -14.83 13.36 -5.11
N GLN B 355 -14.17 14.05 -4.17
CA GLN B 355 -13.57 13.39 -3.02
C GLN B 355 -14.19 13.79 -1.70
N GLU B 356 -15.30 14.52 -1.72
CA GLU B 356 -15.97 15.00 -0.51
C GLU B 356 -17.48 14.89 -0.69
N ASP B 357 -18.15 14.24 0.25
CA ASP B 357 -19.61 14.20 0.31
C ASP B 357 -20.07 14.68 1.68
N LEU B 358 -21.15 15.44 1.72
CA LEU B 358 -21.74 15.88 2.98
C LEU B 358 -22.82 14.89 3.42
N TYR B 359 -22.70 14.36 4.64
CA TYR B 359 -23.68 13.40 5.16
C TYR B 359 -24.57 14.08 6.19
N VAL B 360 -25.88 13.86 6.09
CA VAL B 360 -26.90 14.52 6.91
C VAL B 360 -27.61 13.48 7.75
N TYR B 361 -27.68 13.70 9.07
CA TYR B 361 -28.15 12.70 10.01
C TYR B 361 -29.34 13.18 10.85
N GLU B 362 -30.18 12.25 11.28
CA GLU B 362 -31.16 12.48 12.34
C GLU B 362 -30.59 11.96 13.65
N THR B 363 -30.63 12.76 14.69
CA THR B 363 -30.11 12.32 15.98
C THR B 363 -31.25 12.01 16.95
N ASP B 364 -30.93 11.16 17.91
CA ASP B 364 -31.93 10.69 18.87
C ASP B 364 -32.32 11.80 19.83
N PRO B 365 -33.59 12.17 19.94
CA PRO B 365 -33.97 13.18 20.93
C PRO B 365 -33.55 12.81 22.34
N ALA B 366 -33.53 11.51 22.67
CA ALA B 366 -33.07 11.05 23.98
C ALA B 366 -31.56 10.98 24.09
N GLN B 367 -30.82 11.09 22.97
CA GLN B 367 -29.38 10.94 22.99
C GLN B 367 -28.79 11.61 21.76
N PRO B 368 -28.42 12.90 21.86
CA PRO B 368 -27.99 13.64 20.66
C PRO B 368 -26.69 13.13 20.06
N LYS B 369 -25.92 12.33 20.79
CA LYS B 369 -24.70 11.72 20.25
C LYS B 369 -24.96 10.41 19.52
N SER B 370 -26.22 10.08 19.25
CA SER B 370 -26.56 8.91 18.47
C SER B 370 -27.38 9.33 17.25
N TYR B 371 -27.11 8.69 16.11
CA TYR B 371 -27.77 9.03 14.86
C TYR B 371 -28.40 7.78 14.26
N ARG B 372 -29.47 7.98 13.50
CA ARG B 372 -30.18 6.86 12.90
C ARG B 372 -29.38 6.25 11.76
N TYR B 373 -29.19 4.94 11.81
CA TYR B 373 -28.48 4.22 10.76
C TYR B 373 -29.11 2.84 10.58
N ARG B 374 -29.71 2.61 9.40
CA ARG B 374 -30.32 1.33 9.05
C ARG B 374 -31.25 0.83 10.15
N GLY B 375 -32.16 1.71 10.57
CA GLY B 375 -33.20 1.35 11.52
C GLY B 375 -32.76 1.20 12.96
N ARG B 376 -31.58 1.71 13.31
CA ARG B 376 -31.06 1.62 14.67
C ARG B 376 -30.42 2.94 15.04
N TRP B 377 -30.40 3.24 16.34
CA TRP B 377 -29.62 4.36 16.83
C TRP B 377 -28.17 3.92 16.97
N GLU B 378 -27.26 4.63 16.30
CA GLU B 378 -25.84 4.30 16.31
C GLU B 378 -25.07 5.38 17.04
N PRO B 379 -24.21 5.03 17.99
CA PRO B 379 -23.51 6.08 18.78
C PRO B 379 -22.36 6.68 18.00
N MET B 380 -22.20 8.00 18.12
CA MET B 380 -21.00 8.64 17.62
C MET B 380 -19.79 8.24 18.46
N GLU B 381 -18.61 8.29 17.84
CA GLU B 381 -17.35 8.25 18.56
C GLU B 381 -16.94 9.67 18.92
N THR B 382 -16.57 9.87 20.18
CA THR B 382 -16.17 11.20 20.66
C THR B 382 -14.74 11.16 21.18
N ILE B 383 -13.90 12.05 20.69
CA ILE B 383 -12.53 12.17 21.18
C ILE B 383 -12.38 13.50 21.91
N THR B 384 -11.54 13.49 22.94
CA THR B 384 -11.25 14.68 23.73
C THR B 384 -9.88 15.22 23.33
N GLU B 385 -9.78 16.55 23.20
CA GLU B 385 -8.52 17.20 22.86
C GLU B 385 -8.23 18.31 23.86
N LYS B 386 -6.95 18.51 24.15
CA LYS B 386 -6.49 19.60 24.99
C LYS B 386 -5.87 20.67 24.11
N ILE B 387 -6.40 21.90 24.18
CA ILE B 387 -5.93 22.99 23.33
C ILE B 387 -5.30 24.05 24.22
N THR B 388 -3.99 24.21 24.12
CA THR B 388 -3.29 25.23 24.90
C THR B 388 -3.55 26.61 24.30
N VAL B 389 -3.78 27.58 25.18
CA VAL B 389 -4.13 28.93 24.76
C VAL B 389 -3.19 29.91 25.43
N ARG B 390 -2.52 30.73 24.63
CA ARG B 390 -1.62 31.74 25.17
C ARG B 390 -2.40 32.68 26.07
N GLY B 391 -1.90 32.91 27.28
CA GLY B 391 -2.60 33.75 28.21
C GLY B 391 -3.53 33.01 29.15
N GLU B 392 -3.67 31.70 29.01
CA GLU B 392 -4.45 30.87 29.92
C GLU B 392 -3.53 29.81 30.49
N ALA B 393 -3.62 29.57 31.80
CA ALA B 393 -2.73 28.62 32.45
C ALA B 393 -3.13 27.18 32.15
N GLU B 394 -4.43 26.90 32.17
CA GLU B 394 -4.85 25.53 31.87
C GLU B 394 -5.25 25.39 30.41
N PRO B 395 -4.94 24.26 29.77
CA PRO B 395 -5.46 24.04 28.41
C PRO B 395 -6.98 23.85 28.43
N ARG B 396 -7.61 24.26 27.33
CA ARG B 396 -9.04 24.02 27.15
C ARG B 396 -9.28 22.55 26.82
N THR B 397 -10.37 22.01 27.33
CA THR B 397 -10.83 20.68 26.97
C THR B 397 -11.97 20.83 25.96
N VAL B 398 -11.80 20.23 24.77
CA VAL B 398 -12.82 20.24 23.73
C VAL B 398 -13.09 18.80 23.31
N THR B 399 -14.24 18.58 22.70
CA THR B 399 -14.54 17.27 22.15
C THR B 399 -14.82 17.39 20.66
N ILE B 400 -14.57 16.30 19.95
CA ILE B 400 -14.89 16.17 18.53
C ILE B 400 -15.65 14.86 18.35
N ASP B 401 -16.80 14.93 17.69
CA ASP B 401 -17.60 13.75 17.41
C ASP B 401 -17.37 13.29 15.98
N PHE B 402 -17.42 11.97 15.79
CA PHE B 402 -17.35 11.31 14.49
C PHE B 402 -18.53 10.37 14.32
N THR B 403 -19.13 10.37 13.14
CA THR B 403 -19.99 9.26 12.73
C THR B 403 -19.13 8.20 12.07
N ARG B 404 -19.76 7.10 11.64
CA ARG B 404 -19.01 6.11 10.91
C ARG B 404 -18.44 6.65 9.60
N HIS B 405 -18.90 7.81 9.15
CA HIS B 405 -18.46 8.34 7.86
C HIS B 405 -17.40 9.44 7.96
N GLY B 406 -17.34 10.15 9.08
CA GLY B 406 -16.32 11.16 9.24
C GLY B 406 -16.60 12.10 10.40
N PRO B 407 -15.80 13.17 10.52
CA PRO B 407 -16.00 14.11 11.63
C PRO B 407 -17.29 14.90 11.47
N VAL B 408 -17.95 15.14 12.61
CA VAL B 408 -19.15 15.98 12.64
C VAL B 408 -18.73 17.44 12.56
N LEU B 409 -19.14 18.10 11.47
CA LEU B 409 -18.80 19.52 11.28
C LEU B 409 -19.71 20.45 12.07
N HIS B 410 -20.95 20.04 12.29
CA HIS B 410 -21.96 20.89 12.90
C HIS B 410 -23.08 20.00 13.40
N ALA B 411 -23.71 20.40 14.49
CA ALA B 411 -24.88 19.70 14.99
C ALA B 411 -25.85 20.73 15.52
N ASP B 412 -27.14 20.41 15.40
CA ASP B 412 -28.20 21.25 15.95
C ASP B 412 -29.12 20.33 16.73
N ASP B 413 -28.95 20.31 18.06
CA ASP B 413 -29.73 19.37 18.85
C ASP B 413 -31.19 19.78 18.94
N ALA B 414 -31.50 21.06 18.75
CA ALA B 414 -32.89 21.50 18.77
C ALA B 414 -33.72 20.80 17.70
N SER B 415 -33.17 20.67 16.48
CA SER B 415 -33.85 20.01 15.37
C SER B 415 -33.38 18.57 15.16
N HIS B 416 -32.54 18.04 16.05
CA HIS B 416 -32.13 16.63 16.00
C HIS B 416 -31.45 16.30 14.67
N ARG B 417 -30.51 17.16 14.28
CA ARG B 417 -29.74 16.99 13.06
C ARG B 417 -28.25 17.06 13.38
N ALA B 418 -27.46 16.34 12.58
CA ALA B 418 -26.02 16.49 12.60
C ALA B 418 -25.50 16.35 11.18
N TRP B 419 -24.31 16.92 10.93
CA TRP B 419 -23.73 16.94 9.59
C TRP B 419 -22.28 16.50 9.68
N ALA B 420 -21.89 15.52 8.86
CA ALA B 420 -20.51 15.05 8.86
C ALA B 420 -19.91 15.14 7.47
N LEU B 421 -18.61 15.40 7.45
CA LEU B 421 -17.86 15.42 6.20
C LEU B 421 -17.34 14.01 5.90
N ARG B 422 -17.78 13.44 4.79
CA ARG B 422 -17.20 12.18 4.33
C ARG B 422 -16.15 12.57 3.30
N ALA B 423 -14.90 12.69 3.76
CA ALA B 423 -13.81 13.18 2.93
C ALA B 423 -12.92 12.00 2.59
N ALA B 424 -12.74 11.74 1.29
CA ALA B 424 -11.78 10.72 0.90
C ALA B 424 -10.37 11.12 1.34
N TRP B 425 -10.12 12.42 1.51
CA TRP B 425 -8.78 12.87 1.87
C TRP B 425 -8.46 12.65 3.35
N LEU B 426 -9.39 12.09 4.11
CA LEU B 426 -9.11 11.60 5.45
C LEU B 426 -8.78 10.10 5.47
N ASP B 427 -8.80 9.44 4.31
CA ASP B 427 -8.47 8.02 4.27
C ASP B 427 -6.98 7.85 4.01
N THR B 428 -6.53 6.60 4.07
CA THR B 428 -5.13 6.27 3.87
C THR B 428 -4.60 6.79 2.53
N GLY B 429 -3.37 7.29 2.53
CA GLY B 429 -2.65 7.61 1.32
C GLY B 429 -2.94 8.97 0.71
N MET B 430 -3.55 9.88 1.45
CA MET B 430 -4.04 11.13 0.87
C MET B 430 -3.26 12.36 1.33
N ALA B 431 -2.05 12.18 1.85
CA ALA B 431 -1.16 13.32 2.05
C ALA B 431 -0.85 13.95 0.69
N PRO B 432 -1.19 15.20 0.47
CA PRO B 432 -1.10 15.77 -0.89
C PRO B 432 0.31 15.67 -1.47
N TYR B 433 0.40 15.14 -2.71
CA TYR B 433 1.59 15.04 -3.55
C TYR B 433 2.60 14.00 -3.10
N PHE B 434 2.38 13.36 -1.96
CA PHE B 434 3.43 12.49 -1.43
C PHE B 434 3.55 11.17 -2.21
N GLY B 435 2.59 10.89 -3.09
CA GLY B 435 2.75 9.79 -4.04
C GLY B 435 3.93 9.95 -4.97
N SER B 436 4.49 11.16 -5.05
CA SER B 436 5.69 11.35 -5.87
C SER B 436 6.86 10.53 -5.34
N MET B 437 6.80 10.09 -4.09
CA MET B 437 7.78 9.14 -3.53
C MET B 437 8.01 8.02 -4.53
N ASP B 438 6.94 7.54 -5.14
CA ASP B 438 7.06 6.35 -5.97
C ASP B 438 7.45 6.65 -7.41
N TYR B 439 7.54 7.92 -7.84
CA TYR B 439 8.04 8.17 -9.19
C TYR B 439 9.30 9.03 -9.25
N MET B 440 9.81 9.52 -8.12
CA MET B 440 11.07 10.26 -8.15
C MET B 440 12.20 9.44 -8.76
N ARG B 441 12.14 8.12 -8.63
CA ARG B 441 13.17 7.23 -9.15
C ARG B 441 12.69 6.41 -10.34
N ALA B 442 11.54 6.74 -10.91
CA ALA B 442 11.04 5.97 -12.06
C ALA B 442 11.84 6.30 -13.31
N THR B 443 12.11 5.27 -14.14
CA THR B 443 12.97 5.42 -15.29
C THR B 443 12.26 5.23 -16.62
N ASN B 444 10.99 4.84 -16.63
CA ASN B 444 10.29 4.61 -17.87
C ASN B 444 8.78 4.68 -17.60
N TRP B 445 8.01 4.48 -18.67
CA TRP B 445 6.57 4.65 -18.61
C TRP B 445 5.91 3.58 -17.74
N ASP B 446 6.37 2.33 -17.84
CA ASP B 446 5.80 1.27 -16.99
C ASP B 446 5.92 1.64 -15.52
N GLN B 447 7.08 2.17 -15.10
CA GLN B 447 7.27 2.52 -13.71
C GLN B 447 6.52 3.79 -13.33
N PHE B 448 6.41 4.74 -14.26
CA PHE B 448 5.65 5.94 -13.95
C PHE B 448 4.16 5.63 -13.88
N ARG B 449 3.65 4.83 -14.81
CA ARG B 449 2.25 4.40 -14.74
C ARG B 449 1.99 3.63 -13.44
N ALA B 450 2.93 2.78 -13.05
CA ALA B 450 2.78 2.04 -11.80
C ALA B 450 2.71 2.98 -10.60
N ALA B 451 3.59 3.98 -10.56
CA ALA B 451 3.55 4.95 -9.47
C ALA B 451 2.19 5.62 -9.40
N MET B 452 1.64 5.99 -10.57
CA MET B 452 0.36 6.68 -10.58
C MET B 452 -0.79 5.78 -10.15
N ASN B 453 -0.60 4.46 -10.16
CA ASN B 453 -1.62 3.56 -9.62
C ASN B 453 -1.96 3.90 -8.17
N ARG B 454 -0.98 4.33 -7.39
CA ARG B 454 -1.22 4.63 -5.98
C ARG B 454 -1.28 6.13 -5.69
N TRP B 455 -1.39 6.97 -6.71
CA TRP B 455 -1.47 8.42 -6.49
C TRP B 455 -2.81 8.76 -5.82
N GLY B 456 -2.75 9.41 -4.64
CA GLY B 456 -3.97 9.66 -3.88
C GLY B 456 -4.59 11.03 -4.08
N ALA B 457 -3.86 12.09 -3.73
CA ALA B 457 -4.41 13.43 -3.68
C ALA B 457 -3.33 14.45 -4.02
N PRO B 458 -3.70 15.60 -4.60
CA PRO B 458 -5.03 15.84 -5.16
C PRO B 458 -5.21 15.03 -6.45
N GLY B 459 -6.42 14.99 -7.00
CA GLY B 459 -6.57 14.44 -8.33
C GLY B 459 -5.74 15.23 -9.32
N GLU B 460 -4.98 14.56 -10.19
CA GLU B 460 -4.09 15.29 -11.08
C GLU B 460 -4.03 14.62 -12.44
N ASN B 461 -3.97 15.44 -13.49
CA ASN B 461 -3.41 15.04 -14.79
C ASN B 461 -1.90 15.08 -14.67
N GLN B 462 -1.21 13.97 -14.94
CA GLN B 462 0.22 13.99 -15.10
C GLN B 462 0.55 13.95 -16.58
N VAL B 463 1.43 14.83 -17.04
CA VAL B 463 2.03 14.64 -18.35
C VAL B 463 3.42 14.10 -18.11
N TYR B 464 3.89 13.30 -19.06
CA TYR B 464 5.10 12.51 -18.92
C TYR B 464 5.94 12.66 -20.19
N ALA B 465 7.27 12.65 -20.01
CA ALA B 465 8.20 12.57 -21.12
C ALA B 465 9.48 11.92 -20.64
N ASP B 466 10.21 11.30 -21.57
CA ASP B 466 11.52 10.78 -21.21
C ASP B 466 12.51 11.08 -22.33
N ARG B 467 13.79 10.95 -21.97
CA ARG B 467 14.89 11.28 -22.86
C ARG B 467 15.04 10.29 -24.01
N ASN B 468 14.32 9.18 -23.98
CA ASN B 468 14.21 8.28 -25.13
C ASN B 468 13.17 8.74 -26.13
N GLY B 469 12.46 9.83 -25.86
CA GLY B 469 11.55 10.43 -26.83
C GLY B 469 10.08 10.15 -26.60
N ASN B 470 9.73 9.35 -25.59
CA ASN B 470 8.32 9.04 -25.35
C ASN B 470 7.63 10.19 -24.64
N ILE B 471 6.31 10.29 -24.86
CA ILE B 471 5.48 11.25 -24.15
C ILE B 471 4.19 10.56 -23.74
N GLY B 472 3.54 11.08 -22.70
CA GLY B 472 2.32 10.43 -22.25
C GLY B 472 1.53 11.30 -21.30
N TRP B 473 0.37 10.78 -20.92
CA TRP B 473 -0.56 11.45 -20.01
C TRP B 473 -1.29 10.39 -19.20
N ILE B 474 -1.32 10.59 -17.88
CA ILE B 474 -2.10 9.70 -17.04
C ILE B 474 -2.71 10.50 -15.89
N PRO B 475 -4.03 10.46 -15.72
CA PRO B 475 -4.66 11.05 -14.55
C PRO B 475 -4.69 10.06 -13.39
N GLY B 476 -4.69 10.60 -12.19
CA GLY B 476 -4.73 9.72 -11.02
C GLY B 476 -5.30 10.44 -9.83
N GLY B 477 -5.72 9.65 -8.86
CA GLY B 477 -6.27 10.15 -7.61
C GLY B 477 -7.27 9.15 -7.07
N LEU B 478 -7.46 9.18 -5.75
CA LEU B 478 -8.43 8.29 -5.11
C LEU B 478 -9.82 8.55 -5.67
N THR B 479 -10.44 7.54 -6.26
CA THR B 479 -11.67 7.71 -7.03
C THR B 479 -12.81 6.93 -6.40
N VAL B 480 -13.82 7.66 -5.91
CA VAL B 480 -14.93 7.11 -5.17
C VAL B 480 -15.98 6.51 -6.11
N ILE B 481 -16.54 5.36 -5.74
CA ILE B 481 -17.67 4.74 -6.43
C ILE B 481 -18.95 5.04 -5.66
N ARG B 482 -19.88 5.73 -6.30
CA ARG B 482 -21.19 6.01 -5.72
C ARG B 482 -22.25 5.21 -6.46
N PRO B 483 -22.85 4.17 -5.86
CA PRO B 483 -23.77 3.34 -6.64
C PRO B 483 -25.07 4.03 -7.01
N ASN B 484 -25.59 4.94 -6.18
CA ASN B 484 -26.94 5.40 -6.43
C ASN B 484 -27.08 6.91 -6.25
N TRP B 485 -26.00 7.67 -6.35
CA TRP B 485 -26.12 9.12 -6.39
C TRP B 485 -24.89 9.66 -7.09
N ASP B 486 -24.98 10.92 -7.52
CA ASP B 486 -23.93 11.47 -8.36
C ASP B 486 -22.86 12.22 -7.56
N GLY B 487 -23.05 12.42 -6.26
CA GLY B 487 -22.11 13.21 -5.47
C GLY B 487 -22.25 14.72 -5.61
N LEU B 488 -23.33 15.19 -6.26
CA LEU B 488 -23.59 16.61 -6.48
C LEU B 488 -24.44 17.25 -5.39
N PHE B 489 -25.16 16.45 -4.60
CA PHE B 489 -25.92 16.90 -3.44
C PHE B 489 -25.44 16.18 -2.20
N PRO B 490 -25.65 16.76 -1.01
CA PRO B 490 -25.52 15.98 0.23
C PRO B 490 -26.48 14.80 0.24
N VAL B 491 -26.20 13.82 1.09
CA VAL B 491 -27.06 12.64 1.18
C VAL B 491 -27.45 12.35 2.62
N PRO B 492 -28.62 11.76 2.85
CA PRO B 492 -28.95 11.21 4.16
C PRO B 492 -27.87 10.22 4.59
N GLY B 493 -27.45 10.31 5.84
CA GLY B 493 -26.37 9.46 6.33
C GLY B 493 -26.82 8.15 6.98
N ASP B 494 -28.05 7.72 6.75
CA ASP B 494 -28.63 6.57 7.45
C ASP B 494 -28.35 5.23 6.78
N GLY B 495 -27.49 5.20 5.75
CA GLY B 495 -27.10 3.94 5.15
C GLY B 495 -27.62 3.73 3.75
N ARG B 496 -28.58 4.55 3.28
CA ARG B 496 -29.06 4.44 1.91
C ARG B 496 -28.02 4.87 0.89
N TYR B 497 -27.01 5.64 1.28
CA TYR B 497 -25.97 6.14 0.37
C TYR B 497 -24.61 5.83 0.96
N GLU B 498 -23.95 4.81 0.43
CA GLU B 498 -22.65 4.35 0.91
C GLU B 498 -21.69 4.22 -0.25
N TRP B 499 -20.49 4.77 -0.11
CA TRP B 499 -19.46 4.51 -1.10
C TRP B 499 -19.25 3.01 -1.25
N ALA B 500 -19.15 2.55 -2.50
CA ALA B 500 -19.01 1.13 -2.79
C ALA B 500 -17.56 0.68 -2.88
N GLY B 501 -16.61 1.57 -2.69
CA GLY B 501 -15.22 1.25 -2.85
C GLY B 501 -14.54 2.28 -3.71
N TYR B 502 -13.30 2.00 -4.06
CA TYR B 502 -12.49 2.87 -4.88
C TYR B 502 -12.12 2.20 -6.19
N ARG B 503 -12.02 2.98 -7.26
CA ARG B 503 -11.66 2.43 -8.56
C ARG B 503 -10.16 2.21 -8.68
N ASN B 504 -9.79 1.13 -9.37
CA ASN B 504 -8.40 0.96 -9.80
C ASN B 504 -8.08 1.99 -10.88
N MET B 505 -6.85 2.49 -10.85
CA MET B 505 -6.50 3.53 -11.80
C MET B 505 -6.52 3.06 -13.24
N ASP B 506 -6.43 1.75 -13.50
CA ASP B 506 -6.49 1.31 -14.89
C ASP B 506 -7.90 1.42 -15.45
N GLU B 507 -8.87 1.88 -14.66
CA GLU B 507 -10.21 2.19 -15.15
C GLU B 507 -10.30 3.57 -15.80
N LEU B 508 -9.29 4.44 -15.58
CA LEU B 508 -9.24 5.78 -16.16
C LEU B 508 -8.55 5.77 -17.51
N PRO B 509 -8.83 6.76 -18.36
CA PRO B 509 -8.11 6.88 -19.63
C PRO B 509 -6.64 7.23 -19.41
N TRP B 510 -5.85 7.07 -20.48
CA TRP B 510 -4.44 7.43 -20.48
C TRP B 510 -4.00 7.53 -21.94
N ALA B 511 -2.79 8.04 -22.15
CA ALA B 511 -2.27 8.19 -23.50
C ALA B 511 -0.76 8.02 -23.47
N TYR B 512 -0.23 7.42 -24.54
CA TYR B 512 1.20 7.16 -24.67
C TYR B 512 1.58 7.31 -26.13
N ASN B 513 2.46 8.26 -26.42
CA ASN B 513 2.88 8.56 -27.79
C ASN B 513 1.70 8.66 -28.74
N PRO B 514 0.77 9.60 -28.51
CA PRO B 514 -0.39 9.74 -29.40
C PRO B 514 0.03 10.19 -30.78
N SER B 515 -0.77 9.81 -31.79
CA SER B 515 -0.41 10.12 -33.17
C SER B 515 -0.27 11.62 -33.40
N THR B 516 -0.97 12.44 -32.62
CA THR B 516 -0.89 13.90 -32.76
C THR B 516 0.49 14.46 -32.41
N GLY B 517 1.28 13.76 -31.61
CA GLY B 517 2.56 14.27 -31.18
C GLY B 517 2.52 15.34 -30.10
N HIS B 518 1.39 15.54 -29.44
CA HIS B 518 1.34 16.53 -28.37
C HIS B 518 0.16 16.24 -27.46
N ILE B 519 0.27 16.66 -26.20
CA ILE B 519 -0.80 16.51 -25.23
C ILE B 519 -0.87 17.80 -24.42
N VAL B 520 -2.07 18.34 -24.23
CA VAL B 520 -2.31 19.53 -23.43
C VAL B 520 -3.39 19.22 -22.41
N THR B 521 -3.16 19.58 -21.14
CA THR B 521 -4.25 19.54 -20.18
C THR B 521 -4.27 20.85 -19.41
N ALA B 522 -5.49 21.24 -19.02
CA ALA B 522 -5.69 22.53 -18.37
C ALA B 522 -6.98 22.53 -17.56
N ASN B 523 -7.20 21.48 -16.76
CA ASN B 523 -8.27 21.43 -15.76
C ASN B 523 -9.65 21.19 -16.35
N GLU B 524 -9.78 20.95 -17.65
CA GLU B 524 -11.07 20.65 -18.26
C GLU B 524 -11.33 19.15 -18.20
N ASN B 525 -12.60 18.75 -18.34
CA ASN B 525 -12.91 17.31 -18.40
C ASN B 525 -12.35 16.74 -19.71
N ASN B 526 -11.26 16.00 -19.61
CA ASN B 526 -10.63 15.41 -20.79
C ASN B 526 -10.81 13.90 -20.85
N ILE B 527 -11.84 13.36 -20.19
CA ILE B 527 -12.20 11.96 -20.36
C ILE B 527 -12.91 11.84 -21.70
N PRO B 528 -12.39 11.07 -22.66
CA PRO B 528 -13.07 10.98 -23.96
C PRO B 528 -14.50 10.48 -23.79
N PRO B 529 -15.48 11.12 -24.42
CA PRO B 529 -16.86 10.69 -24.22
C PRO B 529 -17.12 9.24 -24.64
N ASP B 530 -16.30 8.67 -25.52
CA ASP B 530 -16.47 7.28 -25.95
C ASP B 530 -15.73 6.27 -25.07
N HIS B 531 -14.92 6.73 -24.12
CA HIS B 531 -14.20 5.86 -23.18
C HIS B 531 -15.15 5.42 -22.07
N PRO B 532 -15.05 4.17 -21.61
CA PRO B 532 -15.96 3.72 -20.54
C PRO B 532 -15.93 4.60 -19.30
N ALA B 533 -14.78 5.21 -18.98
CA ALA B 533 -14.72 6.03 -17.77
C ALA B 533 -15.66 7.23 -17.84
N ALA B 534 -16.12 7.62 -19.04
CA ALA B 534 -17.04 8.75 -19.15
C ALA B 534 -18.35 8.52 -18.41
N LYS B 535 -18.71 7.27 -18.14
CA LYS B 535 -19.97 6.95 -17.47
C LYS B 535 -19.79 6.59 -16.01
N LEU B 536 -18.57 6.71 -15.47
CA LEU B 536 -18.29 6.16 -14.16
C LEU B 536 -18.49 7.13 -13.01
N GLY B 537 -18.93 8.36 -13.28
CA GLY B 537 -19.13 9.32 -12.21
C GLY B 537 -17.84 9.73 -11.52
N VAL B 538 -16.76 9.87 -12.28
CA VAL B 538 -15.50 10.32 -11.71
C VAL B 538 -15.67 11.70 -11.10
N GLY B 539 -16.29 12.60 -11.86
CA GLY B 539 -16.52 13.97 -11.45
C GLY B 539 -17.21 14.74 -12.56
N TYR B 540 -18.08 15.67 -12.17
CA TYR B 540 -18.87 16.46 -13.13
C TYR B 540 -18.54 17.94 -13.11
N GLU B 541 -17.69 18.40 -12.19
CA GLU B 541 -17.45 19.82 -11.97
C GLU B 541 -15.98 20.09 -12.28
N TRP B 542 -15.73 20.74 -13.40
CA TRP B 542 -14.38 20.95 -13.92
C TRP B 542 -14.13 22.46 -14.05
N SER B 543 -12.94 22.82 -14.50
CA SER B 543 -12.66 24.24 -14.65
C SER B 543 -13.18 24.76 -16.00
N ASP B 544 -13.33 26.08 -16.08
CA ASP B 544 -13.62 26.70 -17.37
C ASP B 544 -12.59 26.22 -18.39
N SER B 545 -13.03 25.92 -19.59
CA SER B 545 -12.18 25.26 -20.57
C SER B 545 -11.48 26.23 -21.53
N SER B 546 -11.52 27.55 -21.25
CA SER B 546 -10.91 28.51 -22.17
C SER B 546 -9.41 28.29 -22.31
N ARG B 547 -8.71 28.11 -21.18
CA ARG B 547 -7.26 27.93 -21.26
C ARG B 547 -6.91 26.68 -22.06
N ALA B 548 -7.63 25.58 -21.80
CA ALA B 548 -7.43 24.35 -22.57
C ALA B 548 -7.62 24.58 -24.07
N ARG B 549 -8.72 25.24 -24.46
N ARG B 549 -8.72 25.22 -24.45
CA ARG B 549 -8.99 25.43 -25.87
CA ARG B 549 -8.98 25.44 -25.88
C ARG B 549 -7.96 26.35 -26.52
C ARG B 549 -7.91 26.33 -26.50
N ARG B 550 -7.57 27.42 -25.81
CA ARG B 550 -6.57 28.34 -26.35
C ARG B 550 -5.22 27.65 -26.54
N LEU B 551 -4.76 26.93 -25.50
CA LEU B 551 -3.46 26.28 -25.60
C LEU B 551 -3.46 25.17 -26.63
N LYS B 552 -4.53 24.37 -26.67
CA LYS B 552 -4.61 23.32 -27.68
C LYS B 552 -4.49 23.91 -29.08
N SER B 553 -5.13 25.06 -29.31
CA SER B 553 -4.99 25.75 -30.60
C SER B 553 -3.54 26.14 -30.86
N LEU B 554 -2.90 26.80 -29.89
CA LEU B 554 -1.53 27.26 -30.11
C LEU B 554 -0.60 26.10 -30.39
N VAL B 555 -0.73 25.01 -29.63
CA VAL B 555 0.18 23.89 -29.74
C VAL B 555 -0.06 23.12 -31.04
N ALA B 556 -1.33 22.99 -31.45
CA ALA B 556 -1.63 22.29 -32.69
C ALA B 556 -1.15 23.07 -33.91
N ALA B 557 -1.18 24.40 -33.86
CA ALA B 557 -0.81 25.24 -35.01
C ALA B 557 0.68 25.39 -35.21
N ALA B 558 1.52 24.89 -34.30
CA ALA B 558 2.96 24.99 -34.46
C ALA B 558 3.53 23.61 -34.74
N PRO B 559 3.74 23.24 -36.00
CA PRO B 559 4.30 21.90 -36.28
C PRO B 559 5.72 21.73 -35.79
N VAL B 560 6.45 22.82 -35.55
CA VAL B 560 7.77 22.79 -34.94
C VAL B 560 7.85 23.97 -33.96
N SER B 561 8.17 23.69 -32.70
CA SER B 561 8.28 24.76 -31.72
C SER B 561 9.48 24.48 -30.83
N SER B 562 9.92 25.53 -30.13
CA SER B 562 11.11 25.59 -29.28
C SER B 562 10.71 25.79 -27.83
N LEU B 563 11.71 25.77 -26.95
CA LEU B 563 11.46 26.13 -25.55
C LEU B 563 10.97 27.57 -25.43
N ARG B 564 11.57 28.49 -26.19
CA ARG B 564 11.10 29.88 -26.14
C ARG B 564 9.62 29.95 -26.52
N ASP B 565 9.18 29.14 -27.49
CA ASP B 565 7.75 29.15 -27.85
C ASP B 565 6.87 28.69 -26.69
N SER B 566 7.29 27.65 -25.97
CA SER B 566 6.49 27.21 -24.83
C SER B 566 6.49 28.26 -23.73
N ILE B 567 7.63 28.93 -23.50
CA ILE B 567 7.66 30.02 -22.55
C ILE B 567 6.67 31.11 -22.97
N ALA B 568 6.62 31.37 -24.28
CA ALA B 568 5.68 32.36 -24.79
C ALA B 568 4.24 31.94 -24.56
N TRP B 569 3.96 30.64 -24.67
CA TRP B 569 2.59 30.18 -24.46
C TRP B 569 2.19 30.29 -22.99
N GLN B 570 3.13 30.05 -22.07
CA GLN B 570 2.82 30.26 -20.67
C GLN B 570 2.54 31.72 -20.37
N ASN B 571 2.94 32.63 -21.25
CA ASN B 571 2.69 34.04 -21.05
C ASN B 571 1.56 34.56 -21.91
N ASP B 572 0.75 33.67 -22.50
CA ASP B 572 -0.30 34.11 -23.41
C ASP B 572 -1.44 34.78 -22.64
N THR B 573 -1.90 35.93 -23.12
CA THR B 573 -2.96 36.67 -22.45
C THR B 573 -4.21 36.84 -23.31
N VAL B 574 -4.40 36.01 -24.34
CA VAL B 574 -5.63 36.07 -25.11
C VAL B 574 -6.77 35.44 -24.32
N SER B 575 -7.88 36.17 -24.16
CA SER B 575 -9.05 35.73 -23.40
C SER B 575 -10.14 35.29 -24.38
N LEU B 576 -10.44 33.98 -24.41
CA LEU B 576 -11.51 33.55 -25.29
C LEU B 576 -12.86 34.09 -24.83
N PRO B 577 -13.15 34.17 -23.51
CA PRO B 577 -14.39 34.85 -23.10
C PRO B 577 -14.50 36.26 -23.63
N ALA B 578 -13.40 37.03 -23.60
CA ALA B 578 -13.43 38.35 -24.22
C ALA B 578 -13.79 38.26 -25.69
N GLN B 579 -13.14 37.37 -26.43
CA GLN B 579 -13.41 37.28 -27.85
C GLN B 579 -14.85 36.88 -28.11
N ARG B 580 -15.39 35.96 -27.30
CA ARG B 580 -16.78 35.56 -27.52
C ARG B 580 -17.74 36.69 -27.17
N THR B 581 -17.43 37.45 -26.12
CA THR B 581 -18.28 38.57 -25.75
C THR B 581 -18.28 39.66 -26.82
N LEU B 582 -17.10 40.00 -27.34
CA LEU B 582 -17.03 40.95 -28.44
C LEU B 582 -17.87 40.51 -29.63
N ALA B 583 -17.76 39.23 -30.01
CA ALA B 583 -18.53 38.70 -31.13
C ALA B 583 -20.03 38.88 -30.90
N VAL B 584 -20.50 38.57 -29.69
CA VAL B 584 -21.90 38.83 -29.38
C VAL B 584 -22.20 40.32 -29.50
N MET B 585 -21.25 41.16 -29.07
CA MET B 585 -21.49 42.60 -29.12
C MET B 585 -21.76 43.08 -30.54
N ARG B 586 -21.05 42.53 -31.52
CA ARG B 586 -21.22 42.93 -32.91
C ARG B 586 -22.60 42.59 -33.46
N THR B 587 -23.37 41.73 -32.78
CA THR B 587 -24.70 41.34 -33.22
C THR B 587 -25.81 42.13 -32.53
N VAL B 588 -25.45 43.08 -31.66
CA VAL B 588 -26.44 43.86 -30.96
C VAL B 588 -27.23 44.70 -31.96
N GLY B 589 -28.56 44.69 -31.81
CA GLY B 589 -29.43 45.44 -32.73
C GLY B 589 -29.64 46.87 -32.28
N ASN B 590 -29.56 47.80 -33.24
CA ASN B 590 -29.82 49.23 -33.00
C ASN B 590 -31.33 49.49 -33.03
N ALA B 591 -32.01 48.98 -32.01
CA ALA B 591 -33.46 49.02 -31.95
C ALA B 591 -33.89 48.86 -30.51
N GLY B 592 -35.12 49.28 -30.23
CA GLY B 592 -35.58 49.11 -28.86
C GLY B 592 -34.72 49.85 -27.86
N ALA B 593 -34.72 49.32 -26.63
CA ALA B 593 -33.95 49.96 -25.56
C ALA B 593 -32.48 50.08 -25.92
N ALA B 594 -31.94 49.13 -26.70
CA ALA B 594 -30.55 49.21 -27.14
C ALA B 594 -30.31 50.51 -27.90
N ALA B 595 -31.24 50.89 -28.78
CA ALA B 595 -31.03 52.08 -29.59
C ALA B 595 -30.86 53.32 -28.71
N SER B 596 -31.61 53.43 -27.61
CA SER B 596 -31.43 54.55 -26.70
C SER B 596 -30.06 54.49 -26.03
N LEU B 597 -29.67 53.30 -25.56
CA LEU B 597 -28.38 53.18 -24.89
C LEU B 597 -27.24 53.54 -25.83
N LEU B 598 -27.36 53.13 -27.10
CA LEU B 598 -26.36 53.48 -28.09
C LEU B 598 -26.28 54.98 -28.36
N GLN B 599 -27.24 55.77 -27.86
CA GLN B 599 -27.16 57.22 -27.93
C GLN B 599 -26.44 57.83 -26.74
N ASP B 600 -26.20 57.04 -25.70
CA ASP B 600 -25.57 57.54 -24.48
C ASP B 600 -24.09 57.76 -24.73
N PRO B 601 -23.57 58.98 -24.51
CA PRO B 601 -22.13 59.20 -24.79
C PRO B 601 -21.23 58.26 -24.03
N GLN B 602 -21.61 57.84 -22.83
CA GLN B 602 -20.77 56.93 -22.06
C GLN B 602 -20.74 55.54 -22.69
N VAL B 603 -21.91 55.07 -23.16
CA VAL B 603 -21.95 53.81 -23.89
C VAL B 603 -21.09 53.88 -25.14
N GLN B 604 -21.13 55.02 -25.85
CA GLN B 604 -20.39 55.14 -27.09
C GLN B 604 -18.88 55.09 -26.87
N ARG B 605 -18.40 55.74 -25.80
CA ARG B 605 -16.97 55.63 -25.50
C ARG B 605 -16.58 54.18 -25.20
N ALA B 606 -17.45 53.46 -24.49
CA ALA B 606 -17.16 52.07 -24.16
C ALA B 606 -17.13 51.20 -25.40
N VAL B 607 -18.17 51.29 -26.23
CA VAL B 607 -18.19 50.56 -27.49
C VAL B 607 -16.96 50.90 -28.31
N ALA B 608 -16.58 52.18 -28.32
CA ALA B 608 -15.40 52.60 -29.07
C ALA B 608 -14.14 51.89 -28.57
N LEU B 609 -13.95 51.82 -27.24
CA LEU B 609 -12.80 51.10 -26.71
C LEU B 609 -12.81 49.64 -27.13
N LEU B 610 -13.97 48.96 -27.01
CA LEU B 610 -14.02 47.54 -27.31
C LEU B 610 -13.90 47.29 -28.81
N ARG B 611 -14.50 48.15 -29.63
CA ARG B 611 -14.40 48.01 -31.07
C ARG B 611 -12.92 47.95 -31.45
N GLY B 612 -12.57 47.03 -32.32
CA GLY B 612 -11.17 46.93 -32.69
C GLY B 612 -10.24 46.51 -31.56
N TRP B 613 -10.72 45.66 -30.67
CA TRP B 613 -9.89 45.02 -29.65
C TRP B 613 -9.86 43.54 -29.95
N ASP B 614 -8.71 42.92 -29.81
CA ASP B 614 -8.55 41.53 -30.17
C ASP B 614 -8.73 40.59 -28.99
N GLY B 615 -9.16 41.11 -27.83
CA GLY B 615 -9.33 40.26 -26.66
C GLY B 615 -8.05 39.87 -25.97
N ASN B 616 -6.93 40.53 -26.29
CA ASN B 616 -5.64 40.26 -25.67
C ASN B 616 -5.56 41.11 -24.40
N VAL B 617 -5.59 40.45 -23.25
CA VAL B 617 -5.70 41.14 -21.97
C VAL B 617 -4.31 41.60 -21.55
N ARG B 618 -3.78 42.58 -22.28
CA ARG B 618 -2.43 43.09 -22.03
C ARG B 618 -2.43 44.07 -20.86
N ALA B 619 -1.28 44.11 -20.15
CA ALA B 619 -1.12 45.06 -19.07
C ALA B 619 -1.31 46.52 -19.55
N ASP B 620 -0.84 46.84 -20.74
CA ASP B 620 -0.88 48.22 -21.23
C ASP B 620 -2.15 48.56 -22.00
N SER B 621 -3.19 47.74 -21.91
CA SER B 621 -4.39 47.92 -22.71
C SER B 621 -5.51 48.55 -21.86
N VAL B 622 -6.06 49.66 -22.35
CA VAL B 622 -7.23 50.26 -21.70
C VAL B 622 -8.45 49.42 -22.01
N PRO B 623 -8.66 48.99 -23.26
CA PRO B 623 -9.83 48.12 -23.52
C PRO B 623 -9.85 46.88 -22.62
N ALA B 624 -8.68 46.31 -22.33
CA ALA B 624 -8.63 45.16 -21.43
C ALA B 624 -9.15 45.51 -20.04
N ALA B 625 -8.78 46.69 -19.52
CA ALA B 625 -9.27 47.11 -18.20
C ALA B 625 -10.78 47.23 -18.19
N LEU B 626 -11.34 47.92 -19.20
CA LEU B 626 -12.79 47.97 -19.34
C LEU B 626 -13.39 46.58 -19.36
N PHE B 627 -12.84 45.67 -20.17
CA PHE B 627 -13.46 44.36 -20.29
C PHE B 627 -13.41 43.59 -18.97
N GLU B 628 -12.28 43.63 -18.26
CA GLU B 628 -12.18 42.83 -17.04
C GLU B 628 -13.12 43.37 -15.97
N ILE B 629 -13.20 44.69 -15.83
CA ILE B 629 -14.21 45.30 -14.97
C ILE B 629 -15.60 44.78 -15.33
N TRP B 630 -15.94 44.84 -16.62
CA TRP B 630 -17.26 44.46 -17.10
C TRP B 630 -17.54 42.99 -16.85
N PHE B 631 -16.61 42.12 -17.25
CA PHE B 631 -16.89 40.69 -17.21
C PHE B 631 -16.88 40.14 -15.79
N SER B 632 -16.18 40.78 -14.85
CA SER B 632 -16.13 40.31 -13.48
C SER B 632 -17.23 40.87 -12.60
N ASN B 633 -17.58 42.14 -12.77
CA ASN B 633 -18.42 42.83 -11.79
C ASN B 633 -19.73 43.40 -12.34
N HIS B 634 -20.03 43.23 -13.63
CA HIS B 634 -21.21 43.87 -14.20
C HIS B 634 -22.01 42.96 -15.14
N LEU B 635 -21.36 42.47 -16.21
CA LEU B 635 -22.09 41.79 -17.27
C LEU B 635 -22.80 40.54 -16.77
N ARG B 636 -22.07 39.65 -16.10
CA ARG B 636 -22.64 38.36 -15.79
C ARG B 636 -23.74 38.48 -14.74
N GLN B 637 -23.52 39.26 -13.69
CA GLN B 637 -24.59 39.51 -12.73
C GLN B 637 -25.84 40.06 -13.41
N ALA B 638 -25.67 40.95 -14.38
CA ALA B 638 -26.83 41.52 -15.06
C ALA B 638 -27.55 40.47 -15.92
N VAL B 639 -26.79 39.61 -16.60
CA VAL B 639 -27.43 38.54 -17.36
C VAL B 639 -28.25 37.66 -16.44
N VAL B 640 -27.66 37.24 -15.32
CA VAL B 640 -28.34 36.33 -14.39
C VAL B 640 -29.60 36.96 -13.83
N ARG B 641 -29.54 38.25 -13.48
CA ARG B 641 -30.73 38.93 -12.96
C ARG B 641 -31.84 39.02 -14.01
N ALA B 642 -31.49 39.08 -15.30
CA ALA B 642 -32.51 39.07 -16.34
C ALA B 642 -33.00 37.67 -16.69
N ALA B 643 -32.31 36.62 -16.27
CA ALA B 643 -32.69 35.27 -16.63
C ALA B 643 -33.38 34.51 -15.50
N LEU B 644 -33.22 34.95 -14.27
CA LEU B 644 -33.71 34.21 -13.11
C LEU B 644 -34.53 35.12 -12.21
N PRO B 645 -35.49 34.56 -11.48
CA PRO B 645 -36.18 35.32 -10.43
C PRO B 645 -35.19 35.90 -9.44
N GLU B 646 -35.66 36.93 -8.72
CA GLU B 646 -34.77 37.73 -7.88
C GLU B 646 -34.06 36.88 -6.83
N ASP B 647 -34.79 36.02 -6.12
N ASP B 647 -34.82 36.09 -6.09
CA ASP B 647 -34.16 35.28 -5.02
CA ASP B 647 -34.27 35.19 -5.07
C ASP B 647 -33.12 34.28 -5.54
C ASP B 647 -33.10 34.39 -5.62
N ALA B 648 -33.36 33.66 -6.70
CA ALA B 648 -32.35 32.78 -7.27
C ALA B 648 -31.17 33.56 -7.82
N ALA B 649 -31.44 34.71 -8.44
CA ALA B 649 -30.36 35.54 -8.96
C ALA B 649 -29.41 35.97 -7.84
N LYS B 650 -29.95 36.28 -6.66
CA LYS B 650 -29.11 36.68 -5.54
C LYS B 650 -28.15 35.55 -5.15
N LEU B 651 -28.61 34.30 -5.21
CA LEU B 651 -27.74 33.18 -4.85
C LEU B 651 -26.68 32.94 -5.92
N VAL B 652 -27.07 33.05 -7.19
CA VAL B 652 -26.18 32.70 -8.31
C VAL B 652 -25.12 33.78 -8.54
N GLY B 653 -25.47 35.05 -8.34
CA GLY B 653 -24.49 36.11 -8.51
C GLY B 653 -24.01 36.21 -9.94
N ALA B 654 -22.69 36.18 -10.13
CA ALA B 654 -22.14 36.22 -11.48
C ALA B 654 -22.22 34.87 -12.18
N GLY B 655 -22.61 33.82 -11.47
CA GLY B 655 -22.80 32.50 -12.02
C GLY B 655 -21.53 31.93 -12.65
N ASP B 656 -21.74 30.96 -13.52
CA ASP B 656 -20.67 30.26 -14.22
C ASP B 656 -20.38 30.95 -15.56
N ALA B 657 -19.13 31.33 -15.78
CA ALA B 657 -18.80 32.12 -16.97
C ALA B 657 -19.19 31.40 -18.25
N ALA B 658 -18.86 30.11 -18.34
CA ALA B 658 -19.16 29.36 -19.56
C ALA B 658 -20.67 29.30 -19.80
N ARG B 659 -21.45 29.11 -18.73
CA ARG B 659 -22.90 28.98 -18.92
C ARG B 659 -23.52 30.33 -19.24
N VAL B 660 -23.04 31.41 -18.61
CA VAL B 660 -23.53 32.75 -18.91
C VAL B 660 -23.17 33.15 -20.34
N LEU B 661 -21.95 32.84 -20.78
CA LEU B 661 -21.60 33.07 -22.18
C LEU B 661 -22.53 32.32 -23.13
N ALA B 662 -22.93 31.09 -22.78
CA ALA B 662 -23.83 30.35 -23.65
C ALA B 662 -25.18 31.05 -23.77
N VAL B 663 -25.64 31.66 -22.67
CA VAL B 663 -26.89 32.41 -22.71
C VAL B 663 -26.75 33.64 -23.59
N LEU B 664 -25.63 34.36 -23.45
CA LEU B 664 -25.40 35.52 -24.29
C LEU B 664 -25.39 35.15 -25.77
N GLU B 665 -24.78 34.01 -26.10
CA GLU B 665 -24.69 33.64 -27.50
C GLU B 665 -26.01 33.09 -28.04
N GLN B 666 -26.84 32.47 -27.20
CA GLN B 666 -28.16 31.98 -27.60
C GLN B 666 -29.17 32.27 -26.51
N PRO B 667 -29.71 33.49 -26.45
CA PRO B 667 -30.61 33.86 -25.36
C PRO B 667 -32.04 33.36 -25.52
N ASP B 668 -32.33 32.62 -26.60
CA ASP B 668 -33.71 32.33 -27.01
C ASP B 668 -34.58 31.89 -25.85
N THR B 669 -34.18 30.82 -25.17
CA THR B 669 -35.03 30.26 -24.12
C THR B 669 -34.88 30.96 -22.78
N TRP B 670 -34.07 32.02 -22.70
CA TRP B 670 -33.81 32.71 -21.44
C TRP B 670 -34.38 34.12 -21.40
N MET B 671 -34.34 34.85 -22.51
CA MET B 671 -34.84 36.22 -22.57
C MET B 671 -34.93 36.64 -24.03
N PRO B 672 -35.79 37.61 -24.35
CA PRO B 672 -35.82 38.14 -25.71
C PRO B 672 -34.44 38.69 -26.07
N THR B 673 -34.05 38.50 -27.34
CA THR B 673 -32.76 39.00 -27.80
C THR B 673 -32.62 40.49 -27.51
N ALA B 674 -33.72 41.23 -27.61
CA ALA B 674 -33.68 42.67 -27.34
C ALA B 674 -33.30 42.93 -25.88
N ARG B 675 -33.83 42.11 -24.98
CA ARG B 675 -33.46 42.21 -23.58
C ARG B 675 -31.97 41.87 -23.40
N ARG B 676 -31.49 40.85 -24.12
CA ARG B 676 -30.06 40.53 -24.12
C ARG B 676 -29.23 41.75 -24.48
N ASP B 677 -29.57 42.41 -25.59
CA ASP B 677 -28.83 43.59 -26.02
C ASP B 677 -28.87 44.67 -24.94
N GLU B 678 -30.05 44.92 -24.36
CA GLU B 678 -30.16 45.94 -23.33
C GLU B 678 -29.31 45.62 -22.11
N VAL B 679 -29.31 44.37 -21.68
CA VAL B 679 -28.52 43.98 -20.51
C VAL B 679 -27.05 44.23 -20.76
N MET B 680 -26.57 43.86 -21.95
CA MET B 680 -25.15 44.04 -22.25
C MET B 680 -24.75 45.50 -22.20
N LEU B 681 -25.57 46.38 -22.78
CA LEU B 681 -25.21 47.79 -22.87
C LEU B 681 -25.41 48.49 -21.53
N THR B 682 -26.46 48.13 -20.81
CA THR B 682 -26.63 48.71 -19.48
C THR B 682 -25.45 48.37 -18.60
N SER B 683 -25.04 47.10 -18.60
CA SER B 683 -23.90 46.71 -17.76
C SER B 683 -22.60 47.32 -18.26
N LEU B 684 -22.45 47.42 -19.59
CA LEU B 684 -21.24 48.05 -20.14
C LEU B 684 -21.15 49.51 -19.71
N LYS B 685 -22.28 50.23 -19.72
CA LYS B 685 -22.28 51.59 -19.22
C LYS B 685 -21.79 51.64 -17.77
N ALA B 686 -22.30 50.72 -16.92
CA ALA B 686 -21.88 50.71 -15.52
C ALA B 686 -20.40 50.37 -15.40
N ALA B 687 -19.90 49.50 -16.27
CA ALA B 687 -18.46 49.19 -16.24
C ALA B 687 -17.62 50.39 -16.66
N MET B 688 -18.03 51.09 -17.72
CA MET B 688 -17.31 52.28 -18.15
C MET B 688 -17.30 53.33 -17.05
N ALA B 689 -18.44 53.52 -16.38
CA ALA B 689 -18.48 54.45 -15.26
C ALA B 689 -17.46 54.07 -14.20
N GLU B 690 -17.35 52.77 -13.89
CA GLU B 690 -16.36 52.34 -12.88
C GLU B 690 -14.94 52.58 -13.37
N LEU B 691 -14.66 52.28 -14.63
CA LEU B 691 -13.31 52.52 -15.15
C LEU B 691 -12.95 53.99 -15.02
N GLU B 692 -13.87 54.88 -15.37
CA GLU B 692 -13.61 56.31 -15.25
C GLU B 692 -13.40 56.70 -13.80
N ARG B 693 -14.28 56.19 -12.92
CA ARG B 693 -14.14 56.45 -11.48
C ARG B 693 -12.78 56.01 -10.95
N ARG B 694 -12.23 54.90 -11.45
CA ARG B 694 -10.95 54.39 -10.98
C ARG B 694 -9.74 55.02 -11.69
N SER B 695 -9.97 55.85 -12.69
CA SER B 695 -8.86 56.43 -13.43
C SER B 695 -8.55 57.82 -12.92
N PRO B 696 -7.33 58.32 -13.17
CA PRO B 696 -7.03 59.73 -12.81
C PRO B 696 -8.12 60.69 -13.26
N SER B 697 -8.58 60.58 -14.50
CA SER B 697 -9.70 61.37 -14.97
C SER B 697 -10.39 60.58 -16.07
N PRO B 698 -11.64 60.91 -16.40
CA PRO B 698 -12.34 60.20 -17.49
C PRO B 698 -11.66 60.35 -18.85
N GLU B 699 -10.66 61.23 -18.97
CA GLU B 699 -9.95 61.41 -20.22
C GLU B 699 -8.55 60.81 -20.19
N LYS B 700 -8.08 60.34 -19.05
CA LYS B 700 -6.82 59.60 -18.95
C LYS B 700 -7.12 58.26 -18.27
N LEU B 701 -7.61 57.31 -19.06
CA LEU B 701 -8.15 56.07 -18.51
C LEU B 701 -7.04 55.11 -18.10
N ALA B 702 -7.33 54.34 -17.06
CA ALA B 702 -6.37 53.37 -16.57
C ALA B 702 -6.21 52.20 -17.55
N THR B 703 -4.96 51.80 -17.77
CA THR B 703 -4.69 50.52 -18.42
C THR B 703 -4.99 49.39 -17.43
N TRP B 704 -5.15 48.19 -17.97
CA TRP B 704 -5.40 47.03 -17.13
C TRP B 704 -4.30 46.88 -16.08
N GLY B 705 -3.04 47.06 -16.48
CA GLY B 705 -1.94 46.93 -15.54
C GLY B 705 -1.95 47.97 -14.44
N THR B 706 -2.56 49.13 -14.69
CA THR B 706 -2.69 50.12 -13.63
C THR B 706 -3.54 49.61 -12.48
N LEU B 707 -4.55 48.80 -12.78
CA LEU B 707 -5.44 48.26 -11.75
C LEU B 707 -4.96 46.92 -11.22
N HIS B 708 -4.42 46.09 -12.10
CA HIS B 708 -4.14 44.67 -11.85
C HIS B 708 -2.72 44.56 -11.29
N ARG B 709 -2.60 44.84 -9.99
CA ARG B 709 -1.29 44.92 -9.34
C ARG B 709 -0.85 43.55 -8.84
N ALA B 710 0.40 43.20 -9.11
CA ALA B 710 1.00 41.95 -8.64
C ALA B 710 1.76 42.23 -7.34
N ILE B 711 1.03 42.22 -6.24
CA ILE B 711 1.60 42.34 -4.90
C ILE B 711 1.54 40.95 -4.25
N PHE B 712 2.69 40.43 -3.89
CA PHE B 712 2.80 39.17 -3.16
C PHE B 712 2.72 39.49 -1.68
N ARG B 713 1.61 39.10 -1.07
CA ARG B 713 1.29 39.47 0.32
C ARG B 713 1.80 38.40 1.28
N HIS B 714 2.33 38.86 2.41
CA HIS B 714 2.80 38.06 3.54
C HIS B 714 1.67 37.83 4.52
N PRO B 715 1.59 36.69 5.20
CA PRO B 715 0.45 36.45 6.11
C PRO B 715 0.26 37.50 7.19
N LEU B 716 1.33 38.20 7.59
CA LEU B 716 1.23 39.20 8.64
C LEU B 716 0.96 40.60 8.10
N ALA B 717 0.70 40.75 6.80
CA ALA B 717 0.63 42.09 6.21
C ALA B 717 -0.40 42.98 6.88
N ASN B 718 -1.50 42.41 7.35
CA ASN B 718 -2.60 43.21 7.87
C ASN B 718 -2.46 43.56 9.36
N ILE B 719 -1.44 43.05 10.05
CA ILE B 719 -1.32 43.33 11.49
C ILE B 719 0.03 43.94 11.86
N VAL B 720 0.81 44.35 10.86
CA VAL B 720 2.05 45.07 11.11
C VAL B 720 1.91 46.50 10.59
N ASP B 721 2.88 47.35 10.94
CA ASP B 721 2.83 48.75 10.52
C ASP B 721 3.27 48.90 9.08
N ASP B 722 3.17 50.12 8.55
CA ASP B 722 3.46 50.35 7.13
C ASP B 722 4.90 50.00 6.79
N ALA B 723 5.85 50.39 7.63
CA ALA B 723 7.25 50.12 7.35
C ALA B 723 7.52 48.61 7.30
N THR B 724 6.93 47.87 8.23
CA THR B 724 7.17 46.43 8.25
C THR B 724 6.49 45.74 7.07
N ARG B 725 5.29 46.22 6.69
CA ARG B 725 4.60 45.64 5.55
C ARG B 725 5.42 45.80 4.28
N ALA B 726 6.10 46.94 4.13
CA ALA B 726 6.92 47.15 2.94
C ALA B 726 8.07 46.15 2.87
N GLN B 727 8.51 45.61 4.00
CA GLN B 727 9.56 44.60 3.97
C GLN B 727 9.01 43.19 3.73
N TYR B 728 7.80 42.90 4.23
CA TYR B 728 7.20 41.58 4.08
C TYR B 728 6.52 41.39 2.72
N ASN B 729 5.84 42.41 2.23
CA ASN B 729 5.17 42.28 0.94
C ASN B 729 6.16 42.57 -0.17
N VAL B 730 5.91 41.98 -1.34
CA VAL B 730 6.75 42.17 -2.51
C VAL B 730 5.88 42.70 -3.65
N ASP B 731 6.13 43.93 -4.06
CA ASP B 731 5.39 44.58 -5.14
C ASP B 731 6.12 44.33 -6.45
N ALA B 732 5.46 43.66 -7.40
CA ALA B 732 6.05 43.41 -8.71
C ALA B 732 5.44 44.29 -9.80
N GLY B 733 4.61 45.27 -9.44
CA GLY B 733 4.05 46.17 -10.44
C GLY B 733 2.80 45.62 -11.10
N GLY B 734 2.43 46.27 -12.21
CA GLY B 734 1.23 45.84 -12.94
C GLY B 734 1.50 44.67 -13.85
N ILE B 735 0.46 43.88 -14.12
CA ILE B 735 0.57 42.67 -14.92
C ILE B 735 -0.69 42.51 -15.76
N GLY B 736 -0.55 41.77 -16.86
CA GLY B 736 -1.69 41.43 -17.68
C GLY B 736 -2.32 40.10 -17.30
N GLY B 737 -3.31 39.69 -18.09
CA GLY B 737 -3.96 38.41 -17.92
C GLY B 737 -5.16 38.46 -17.00
N SER B 738 -5.86 37.33 -16.94
CA SER B 738 -7.06 37.16 -16.12
C SER B 738 -7.09 35.70 -15.63
N ALA B 739 -8.21 35.31 -15.01
CA ALA B 739 -8.38 33.91 -14.63
C ALA B 739 -8.57 33.00 -15.85
N PHE B 740 -8.89 33.56 -17.01
CA PHE B 740 -9.24 32.77 -18.18
C PHE B 740 -8.15 32.73 -19.25
N THR B 741 -7.01 33.39 -19.03
CA THR B 741 -5.92 33.38 -19.98
C THR B 741 -4.88 32.35 -19.58
N PRO B 742 -4.18 31.73 -20.54
CA PRO B 742 -3.14 30.75 -20.16
C PRO B 742 -2.20 31.27 -19.11
N MET B 743 -1.69 32.49 -19.30
CA MET B 743 -1.00 33.18 -18.21
C MET B 743 -2.05 33.59 -17.18
N ASN B 744 -2.37 32.69 -16.27
CA ASN B 744 -3.46 32.86 -15.32
C ASN B 744 -3.05 33.86 -14.24
N THR B 745 -3.73 35.00 -14.17
CA THR B 745 -3.50 35.96 -13.09
C THR B 745 -4.84 36.33 -12.45
N SER B 746 -5.47 35.32 -11.84
CA SER B 746 -6.75 35.52 -11.16
C SER B 746 -6.62 36.66 -10.15
N TYR B 747 -7.71 37.41 -9.97
CA TYR B 747 -7.70 38.59 -9.11
C TYR B 747 -8.93 38.61 -8.20
N ARG B 748 -8.86 39.41 -7.14
CA ARG B 748 -10.05 39.70 -6.35
C ARG B 748 -10.82 40.86 -6.96
N ASN B 749 -12.15 40.81 -6.81
CA ASN B 749 -13.03 41.73 -7.51
C ASN B 749 -13.13 43.12 -6.87
N SER B 750 -12.63 43.29 -5.64
CA SER B 750 -12.72 44.59 -4.98
C SER B 750 -11.81 45.62 -5.66
N ASP B 751 -10.59 45.23 -6.00
CA ASP B 751 -9.64 46.18 -6.57
C ASP B 751 -8.79 45.61 -7.70
N TYR B 752 -9.08 44.39 -8.16
CA TYR B 752 -8.42 43.73 -9.30
C TYR B 752 -6.99 43.31 -9.01
N HIS B 753 -6.55 43.32 -7.76
CA HIS B 753 -5.19 42.88 -7.44
C HIS B 753 -5.05 41.37 -7.61
N LEU B 754 -3.86 40.96 -8.02
CA LEU B 754 -3.52 39.55 -8.20
C LEU B 754 -3.74 38.75 -6.92
N THR B 755 -4.37 37.59 -7.05
CA THR B 755 -4.48 36.65 -5.93
C THR B 755 -3.98 35.24 -6.24
N ALA B 756 -3.97 34.80 -7.49
CA ALA B 756 -3.67 33.40 -7.78
C ALA B 756 -3.24 33.28 -9.23
N GLY B 757 -2.51 32.21 -9.53
CA GLY B 757 -1.99 31.97 -10.86
C GLY B 757 -0.66 31.24 -10.76
N ALA B 758 0.06 31.21 -11.87
CA ALA B 758 1.36 30.55 -11.84
C ALA B 758 2.36 31.41 -11.11
N SER B 759 2.97 30.85 -10.07
CA SER B 759 4.19 31.39 -9.48
C SER B 759 5.38 30.59 -10.01
N PHE B 760 5.43 29.30 -9.67
CA PHE B 760 6.37 28.38 -10.29
C PHE B 760 5.92 28.03 -11.70
N ARG B 761 6.84 28.17 -12.66
CA ARG B 761 6.63 27.77 -14.05
C ARG B 761 7.85 26.99 -14.51
N MET B 762 7.65 26.09 -15.46
CA MET B 762 8.75 25.26 -15.89
C MET B 762 8.58 24.91 -17.37
N VAL B 763 9.67 24.98 -18.13
CA VAL B 763 9.69 24.47 -19.51
C VAL B 763 10.98 23.67 -19.66
N LEU B 764 10.85 22.38 -19.97
CA LEU B 764 11.97 21.46 -19.95
C LEU B 764 12.36 21.03 -21.36
N ASP B 765 13.66 21.04 -21.63
CA ASP B 765 14.25 20.34 -22.77
C ASP B 765 14.51 18.91 -22.29
N VAL B 766 13.66 17.98 -22.73
CA VAL B 766 13.66 16.64 -22.12
C VAL B 766 14.82 15.87 -22.73
N GLY B 767 15.94 15.77 -22.00
CA GLY B 767 17.10 15.05 -22.46
C GLY B 767 18.35 15.90 -22.57
N ASN B 768 18.20 17.21 -22.81
CA ASN B 768 19.29 18.18 -22.67
C ASN B 768 19.01 19.06 -21.45
N TRP B 769 19.20 18.47 -20.27
CA TRP B 769 18.50 18.96 -19.09
C TRP B 769 18.91 20.38 -18.75
N ASP B 770 20.18 20.72 -18.94
CA ASP B 770 20.67 22.04 -18.56
C ASP B 770 20.01 23.16 -19.36
N GLN B 771 19.30 22.85 -20.43
CA GLN B 771 18.57 23.88 -21.16
C GLN B 771 17.19 24.14 -20.57
N GLY B 772 16.80 23.45 -19.51
CA GLY B 772 15.51 23.70 -18.91
C GLY B 772 15.42 25.09 -18.28
N ARG B 773 14.21 25.66 -18.31
CA ARG B 773 13.95 27.00 -17.80
C ARG B 773 12.86 26.97 -16.74
N VAL B 774 13.01 27.79 -15.68
CA VAL B 774 12.02 27.88 -14.62
C VAL B 774 11.89 29.32 -14.14
N VAL B 775 10.83 29.54 -13.35
CA VAL B 775 10.74 30.74 -12.53
C VAL B 775 9.95 30.38 -11.28
N ASN B 776 10.10 31.21 -10.26
CA ASN B 776 9.32 31.16 -9.03
C ASN B 776 9.11 32.61 -8.62
N THR B 777 8.19 32.86 -7.69
CA THR B 777 7.98 34.25 -7.29
C THR B 777 7.27 34.29 -5.95
N PRO B 778 7.63 35.22 -5.05
CA PRO B 778 8.61 36.28 -5.31
C PRO B 778 10.08 35.86 -5.11
N GLY B 779 10.36 34.70 -4.52
CA GLY B 779 11.74 34.33 -4.27
C GLY B 779 11.84 32.95 -3.69
N GLN B 780 13.08 32.44 -3.63
CA GLN B 780 13.34 31.14 -3.02
C GLN B 780 13.39 31.22 -1.51
N SER B 781 13.81 32.36 -0.95
CA SER B 781 13.92 32.50 0.49
C SER B 781 12.63 33.08 1.08
N GLY B 782 12.30 32.61 2.28
CA GLY B 782 11.25 33.18 3.10
C GLY B 782 11.75 34.19 4.11
N ASP B 783 13.02 34.56 4.07
CA ASP B 783 13.57 35.50 5.03
C ASP B 783 13.54 36.90 4.42
N PRO B 784 12.72 37.83 4.92
CA PRO B 784 12.65 39.15 4.28
C PRO B 784 13.99 39.87 4.25
N GLY B 785 14.93 39.50 5.12
CA GLY B 785 16.25 40.10 5.12
C GLY B 785 17.23 39.52 4.13
N ASN B 786 16.82 38.52 3.36
CA ASN B 786 17.67 37.82 2.41
C ASN B 786 17.32 38.31 1.01
N SER B 787 18.33 38.52 0.17
CA SER B 787 18.05 39.08 -1.15
C SER B 787 17.23 38.10 -2.00
N HIS B 788 17.27 36.81 -1.69
CA HIS B 788 16.46 35.81 -2.38
C HIS B 788 15.01 35.82 -1.95
N TYR B 789 14.62 36.75 -1.08
CA TYR B 789 13.21 36.90 -0.73
C TYR B 789 12.42 37.49 -1.88
N ARG B 790 13.05 38.32 -2.71
CA ARG B 790 12.29 39.12 -3.65
CA ARG B 790 12.30 39.14 -3.64
C ARG B 790 12.98 39.27 -5.00
N ASP B 791 14.04 38.50 -5.26
CA ASP B 791 14.81 38.70 -6.47
C ASP B 791 14.20 38.02 -7.68
N LEU B 792 13.26 37.11 -7.47
CA LEU B 792 12.65 36.43 -8.60
C LEU B 792 11.38 37.13 -9.09
N ALA B 793 10.75 37.95 -8.25
CA ALA B 793 9.53 38.61 -8.69
C ALA B 793 9.72 39.41 -9.98
N PRO B 794 10.79 40.18 -10.16
CA PRO B 794 10.94 40.92 -11.43
C PRO B 794 11.13 40.02 -12.63
N ILE B 795 11.82 38.88 -12.46
CA ILE B 795 11.96 37.92 -13.54
C ILE B 795 10.59 37.38 -13.94
N TRP B 796 9.81 36.95 -12.93
CA TRP B 796 8.44 36.49 -13.15
C TRP B 796 7.60 37.56 -13.84
N ALA B 797 7.71 38.81 -13.38
CA ALA B 797 6.83 39.87 -13.90
C ALA B 797 7.09 40.13 -15.38
N LYS B 798 8.29 39.87 -15.88
CA LYS B 798 8.61 40.05 -17.28
C LYS B 798 8.34 38.80 -18.10
N GLY B 799 7.72 37.78 -17.52
CA GLY B 799 7.54 36.52 -18.24
C GLY B 799 8.83 35.85 -18.63
N GLN B 800 9.89 36.02 -17.83
CA GLN B 800 11.21 35.46 -18.10
C GLN B 800 11.48 34.29 -17.16
N THR B 801 12.66 33.69 -17.32
CA THR B 801 13.03 32.46 -16.64
C THR B 801 14.48 32.54 -16.22
N PHE B 802 14.90 31.60 -15.40
CA PHE B 802 16.31 31.35 -15.18
C PHE B 802 16.59 29.88 -15.42
N PRO B 803 17.86 29.51 -15.62
CA PRO B 803 18.18 28.11 -15.93
C PRO B 803 17.91 27.19 -14.77
N LEU B 804 17.38 26.00 -15.09
CA LEU B 804 17.25 24.94 -14.11
C LEU B 804 18.50 24.06 -14.25
N VAL B 805 19.60 24.49 -13.62
CA VAL B 805 20.88 23.81 -13.83
C VAL B 805 20.87 22.46 -13.12
N TYR B 806 21.42 21.44 -13.80
CA TYR B 806 21.23 20.05 -13.39
C TYR B 806 22.54 19.26 -13.36
N SER B 807 23.31 19.31 -14.44
CA SER B 807 24.60 18.62 -14.47
C SER B 807 25.54 19.22 -13.44
N ARG B 808 26.53 18.43 -13.00
CA ARG B 808 27.42 18.93 -11.97
C ARG B 808 28.16 20.17 -12.46
N LYS B 809 28.57 20.20 -13.73
CA LYS B 809 29.31 21.35 -14.23
C LYS B 809 28.43 22.60 -14.23
N ALA B 810 27.19 22.47 -14.68
CA ALA B 810 26.31 23.65 -14.69
C ALA B 810 26.02 24.11 -13.28
N VAL B 811 25.87 23.17 -12.34
CA VAL B 811 25.63 23.56 -10.96
C VAL B 811 26.83 24.32 -10.40
N GLU B 812 28.05 23.85 -10.69
CA GLU B 812 29.24 24.56 -10.21
C GLU B 812 29.33 25.95 -10.82
N ARG B 813 29.07 26.09 -12.12
CA ARG B 813 29.10 27.38 -12.77
C ARG B 813 28.12 28.37 -12.13
N ALA B 814 26.98 27.89 -11.65
CA ALA B 814 25.94 28.77 -11.15
C ALA B 814 26.01 28.98 -9.65
N ALA B 815 26.90 28.30 -8.95
CA ALA B 815 26.90 28.35 -7.49
C ALA B 815 27.34 29.72 -6.98
N GLU B 816 26.69 30.17 -5.92
CA GLU B 816 27.10 31.38 -5.21
C GLU B 816 27.44 31.12 -3.75
N LYS B 817 26.99 29.99 -3.19
CA LYS B 817 27.23 29.69 -1.78
C LYS B 817 27.29 28.19 -1.59
N ARG B 818 28.14 27.76 -0.67
CA ARG B 818 28.30 26.36 -0.37
C ARG B 818 28.04 26.13 1.11
N ILE B 819 27.31 25.07 1.41
CA ILE B 819 27.04 24.67 2.79
C ILE B 819 27.53 23.24 2.96
N GLU B 820 28.25 22.99 4.05
CA GLU B 820 28.80 21.67 4.35
C GLU B 820 28.15 21.13 5.62
N LEU B 821 27.55 19.94 5.53
CA LEU B 821 26.96 19.27 6.70
C LEU B 821 27.86 18.12 7.12
N THR B 822 28.22 18.10 8.40
CA THR B 822 29.07 17.02 8.89
C THR B 822 28.30 16.17 9.88
N PRO B 823 28.25 14.86 9.68
CA PRO B 823 27.53 13.99 10.62
C PRO B 823 27.96 14.21 12.05
N ARG B 824 26.99 14.21 12.95
CA ARG B 824 27.26 14.36 14.37
C ARG B 824 26.42 13.35 15.17
#